data_5TGG
#
_entry.id   5TGG
#
_entity_poly.entity_id   1
_entity_poly.type   'polydeoxyribonucleotide/polyribonucleotide hybrid'
_entity_poly.pdbx_seq_one_letter_code
;(DT)(A2M)(A2M)(A2M)(A2M)(DA)(A2M)(A2M)(A2M)
;
_entity_poly.pdbx_strand_id   A,B
#
loop_
_chem_comp.id
_chem_comp.type
_chem_comp.name
_chem_comp.formula
A2M RNA linking '2'-O-methyladenosine 5'-(dihydrogen phosphate)' 'C11 H16 N5 O7 P'
DA DNA linking 2'-DEOXYADENOSINE-5'-MONOPHOSPHATE 'C10 H14 N5 O6 P'
DT DNA linking THYMIDINE-5'-MONOPHOSPHATE 'C10 H15 N2 O8 P'
#
# COMPACT_ATOMS: atom_id res chain seq x y z
O5' A2M A 2 4.35 -12.51 -5.05
C5' A2M A 2 4.57 -12.75 -6.44
C4' A2M A 2 3.29 -12.63 -7.23
O4' A2M A 2 2.50 -13.83 -7.03
C3' A2M A 2 2.38 -11.48 -6.80
O3' A2M A 2 2.71 -10.26 -7.44
C2' A2M A 2 1.00 -12.00 -7.18
O2' A2M A 2 0.77 -11.88 -8.57
C1' A2M A 2 1.15 -13.48 -6.83
CM' A2M A 2 -0.63 -12.03 -8.84
N9 A2M A 2 0.79 -13.76 -5.44
C8 A2M A 2 1.65 -13.92 -4.38
N7 A2M A 2 1.04 -14.13 -3.24
C5 A2M A 2 -0.31 -14.11 -3.56
C6 A2M A 2 -1.48 -14.27 -2.80
N6 A2M A 2 -1.47 -14.48 -1.48
N1 A2M A 2 -2.66 -14.19 -3.44
C2 A2M A 2 -2.66 -13.98 -4.76
N3 A2M A 2 -1.64 -13.81 -5.59
C4 A2M A 2 -0.47 -13.89 -4.92
H5' A2M A 2 4.98 -13.76 -6.57
H5'' A2M A 2 5.30 -12.03 -6.82
H4' A2M A 2 3.56 -12.45 -8.27
H3' A2M A 2 2.46 -11.30 -5.73
H2' A2M A 2 0.23 -11.52 -6.58
H1' A2M A 2 0.54 -14.13 -7.47
HM'1 A2M A 2 -1.18 -11.31 -8.23
HM'2 A2M A 2 -0.94 -13.04 -8.58
HM'3 A2M A 2 -0.82 -11.84 -9.89
H8 A2M A 2 2.72 -13.88 -4.47
H61 A2M A 2 -0.59 -14.52 -0.99
H62 A2M A 2 -2.34 -14.58 -0.99
H2 A2M A 2 -3.65 -13.92 -5.23
P A2M A 3 2.53 -8.87 -6.64
OP1 A2M A 3 3.00 -7.78 -7.54
O5' A2M A 3 0.96 -8.73 -6.45
C5' A2M A 3 0.09 -8.69 -7.58
C4' A2M A 3 -1.34 -8.87 -7.16
O4' A2M A 3 -1.49 -10.11 -6.42
C3' A2M A 3 -1.90 -7.81 -6.22
O3' A2M A 3 -2.28 -6.61 -6.87
C2' A2M A 3 -3.08 -8.55 -5.59
O2' A2M A 3 -4.19 -8.62 -6.47
C1' A2M A 3 -2.49 -9.94 -5.42
CM' A2M A 3 -5.36 -8.94 -5.73
N9 A2M A 3 -1.88 -10.11 -4.10
C8 A2M A 3 -0.55 -10.16 -3.78
N7 A2M A 3 -0.32 -10.26 -2.50
C5 A2M A 3 -1.59 -10.29 -1.93
C6 A2M A 3 -2.04 -10.38 -0.60
N6 A2M A 3 -1.23 -10.45 0.46
N1 A2M A 3 -3.37 -10.39 -0.39
C2 A2M A 3 -4.19 -10.31 -1.45
N3 A2M A 3 -3.89 -10.22 -2.74
C4 A2M A 3 -2.56 -10.21 -2.92
H5' A2M A 3 0.36 -9.47 -8.28
H5'' A2M A 3 0.20 -7.72 -8.09
H4' A2M A 3 -1.96 -8.82 -8.07
H3' A2M A 3 -1.16 -7.52 -5.47
H2' A2M A 3 -3.34 -8.10 -4.62
H1' A2M A 3 -3.23 -10.74 -5.57
HM'1 A2M A 3 -6.22 -8.95 -6.41
HM'2 A2M A 3 -5.51 -8.19 -4.96
HM'3 A2M A 3 -5.24 -9.92 -5.28
H8 A2M A 3 0.24 -10.11 -4.51
OP2 A2M A 3 3.15 -9.03 -5.30
H61 A2M A 3 -0.23 -10.44 0.32
H62 A2M A 3 -1.63 -10.48 1.38
H2 A2M A 3 -5.26 -10.32 -1.21
P A2M A 4 -2.04 -5.20 -6.15
OP1 A2M A 4 -2.42 -4.13 -7.11
O5' A2M A 4 -3.12 -5.20 -4.96
C5' A2M A 4 -4.49 -5.45 -5.23
C4' A2M A 4 -5.27 -5.59 -3.93
O4' A2M A 4 -4.81 -6.76 -3.20
C3' A2M A 4 -5.13 -4.46 -2.94
O3' A2M A 4 -5.91 -3.32 -3.25
C2' A2M A 4 -5.54 -5.13 -1.63
O2' A2M A 4 -6.95 -5.29 -1.56
C1' A2M A 4 -4.90 -6.51 -1.81
CM' A2M A 4 -7.31 -5.63 -0.22
N9 A2M A 4 -3.57 -6.53 -1.21
C8 A2M A 4 -2.35 -6.50 -1.84
N7 A2M A 4 -1.33 -6.47 -1.01
C5 A2M A 4 -1.92 -6.51 0.24
C6 A2M A 4 -1.39 -6.49 1.55
N6 A2M A 4 -0.09 -6.43 1.81
N1 A2M A 4 -2.26 -6.56 2.58
C2 A2M A 4 -3.57 -6.61 2.32
N3 A2M A 4 -4.19 -6.61 1.14
C4 A2M A 4 -3.30 -6.56 0.13
H5' A2M A 4 -4.59 -6.37 -5.81
H5'' A2M A 4 -4.91 -4.62 -5.80
H4' A2M A 4 -6.32 -5.64 -4.20
H3' A2M A 4 -4.10 -4.11 -2.89
H2' A2M A 4 -5.12 -4.61 -0.77
H1' A2M A 4 -5.50 -7.31 -1.37
HM'1 A2M A 4 -6.86 -4.92 0.47
HM'2 A2M A 4 -6.96 -6.63 0.01
HM'3 A2M A 4 -8.40 -5.60 -0.12
H8 A2M A 4 -2.23 -6.48 -2.92
OP2 A2M A 4 -0.70 -5.20 -5.53
H61 A2M A 4 0.59 -6.38 1.06
H62 A2M A 4 0.22 -6.38 2.78
H2 A2M A 4 -4.22 -6.65 3.19
P A2M A 5 -5.36 -1.86 -2.90
OP1 A2M A 5 -6.32 -0.87 -3.44
O5' A2M A 5 -5.44 -1.79 -1.30
C5' A2M A 5 -6.62 -2.17 -0.61
C4' A2M A 5 -6.39 -2.21 0.88
O4' A2M A 5 -5.49 -3.31 1.21
C3' A2M A 5 -5.70 -0.99 1.49
O3' A2M A 5 -6.58 0.11 1.68
C2' A2M A 5 -5.15 -1.54 2.79
O2' A2M A 5 -6.15 -1.71 3.76
C1' A2M A 5 -4.69 -2.94 2.32
CM' A2M A 5 -5.55 -1.94 5.03
N9 A2M A 5 -3.29 -2.90 1.91
C8 A2M A 5 -2.77 -2.86 0.64
N7 A2M A 5 -1.46 -2.77 0.60
C5 A2M A 5 -1.09 -2.76 1.95
C6 A2M A 5 0.15 -2.68 2.58
N6 A2M A 5 1.32 -2.55 1.94
N1 A2M A 5 0.18 -2.70 3.93
C2 A2M A 5 -0.98 -2.80 4.59
N3 A2M A 5 -2.23 -2.88 4.10
C4 A2M A 5 -2.20 -2.86 2.75
H5' A2M A 5 -6.94 -3.15 -0.95
H5'' A2M A 5 -7.42 -1.45 -0.83
H4' A2M A 5 -7.36 -2.29 1.36
H3' A2M A 5 -4.91 -0.62 0.83
H2' A2M A 5 -4.31 -0.94 3.13
H1' A2M A 5 -4.81 -3.70 3.09
HM'1 A2M A 5 -5.16 -2.96 5.08
HM'2 A2M A 5 -6.29 -1.80 5.82
HM'3 A2M A 5 -4.72 -1.24 5.18
H8 A2M A 5 -3.39 -2.89 -0.25
OP2 A2M A 5 -3.92 -1.79 -3.28
H61 A2M A 5 1.31 -2.52 0.92
H62 A2M A 5 2.18 -2.46 2.45
H2 A2M A 5 -0.92 -2.82 5.67
P A2M A 7 -3.94 5.26 5.39
OP1 A2M A 7 -4.83 6.13 6.21
O5' A2M A 7 -2.43 5.56 5.80
C5' A2M A 7 -1.93 5.16 7.08
C4' A2M A 7 -0.42 5.27 7.10
O4' A2M A 7 0.17 4.24 6.26
C3' A2M A 7 0.16 6.57 6.55
O3' A2M A 7 0.08 7.65 7.46
C2' A2M A 7 1.59 6.15 6.22
O2' A2M A 7 2.40 6.06 7.37
C1' A2M A 7 1.36 4.75 5.66
CM' A2M A 7 3.77 6.07 7.00
N9 A2M A 7 1.19 4.77 4.21
C8 A2M A 7 0.03 4.65 3.49
N7 A2M A 7 0.20 4.78 2.20
C5 A2M A 7 1.56 5.00 2.06
C6 A2M A 7 2.38 5.21 0.92
N6 A2M A 7 1.93 5.28 -0.32
N1 A2M A 7 3.70 5.37 1.14
C2 A2M A 7 4.17 5.32 2.40
N3 A2M A 7 3.50 5.14 3.54
C4 A2M A 7 2.18 4.98 3.29
H5' A2M A 7 -2.21 4.13 7.28
H5'' A2M A 7 -2.34 5.80 7.85
H4' A2M A 7 -0.11 5.21 8.15
H3' A2M A 7 -0.38 6.89 5.66
H2' A2M A 7 2.02 6.82 5.45
H1' A2M A 7 2.17 4.06 5.90
HM'1 A2M A 7 3.99 5.17 6.43
HM'2 A2M A 7 4.39 6.09 7.89
HM'3 A2M A 7 3.97 6.95 6.40
H8 A2M A 7 -0.94 4.47 3.94
OP2 A2M A 7 -4.05 5.30 3.91
H61 A2M A 7 0.94 5.17 -0.49
H62 A2M A 7 2.56 5.47 -1.09
H2 A2M A 7 5.24 5.47 2.51
P A2M A 8 -0.27 9.12 6.92
OP1 A2M A 8 -0.55 9.98 8.10
O5' A2M A 8 1.09 9.62 6.25
C5' A2M A 8 2.34 9.43 6.91
C4' A2M A 8 3.48 9.56 5.92
O4' A2M A 8 3.43 8.48 4.95
C3' A2M A 8 3.47 10.82 5.06
O3' A2M A 8 3.97 11.96 5.75
C2' A2M A 8 4.35 10.40 3.88
O2' A2M A 8 5.72 10.44 4.22
C1' A2M A 8 3.91 8.95 3.70
CM' A2M A 8 6.49 10.39 3.02
N9 A2M A 8 2.84 8.84 2.70
C8 A2M A 8 1.51 8.59 2.90
N7 A2M A 8 0.80 8.62 1.80
C5 A2M A 8 1.74 8.89 0.80
C6 A2M A 8 1.62 9.05 -0.59
N6 A2M A 8 0.47 8.99 -1.25
N1 A2M A 8 2.76 9.29 -1.28
C2 A2M A 8 3.92 9.38 -0.62
N3 A2M A 8 4.14 9.26 0.69
C4 A2M A 8 3.00 9.01 1.35
H5' A2M A 8 2.37 8.43 7.35
H5'' A2M A 8 2.46 10.17 7.69
H4' A2M A 8 4.41 9.59 6.50
H3' A2M A 8 2.46 11.08 4.75
H2' A2M A 8 4.11 11.01 3.01
H1' A2M A 8 4.73 8.30 3.40
HM'1 A2M A 8 6.37 9.42 2.55
HM'2 A2M A 8 6.15 11.17 2.34
HM'3 A2M A 8 7.55 10.55 3.26
H8 A2M A 8 1.08 8.40 3.88
OP2 A2M A 8 -1.30 8.99 5.84
H61 A2M A 8 -0.37 8.81 -0.75
H62 A2M A 8 0.46 9.16 -2.25
H2 A2M A 8 4.80 9.58 -1.23
P A2M A 9 3.34 13.41 5.45
OP1 A2M A 9 3.86 14.34 6.49
O5' A2M A 9 3.96 13.83 4.04
C5' A2M A 9 5.37 13.69 3.79
C4' A2M A 9 5.64 13.78 2.31
O4' A2M A 9 4.86 12.78 1.61
C3' A2M A 9 5.25 15.09 1.65
O3' A2M A 9 6.26 16.09 1.78
C2' A2M A 9 5.06 14.67 0.19
O2' A2M A 9 6.30 14.56 -0.47
C1' A2M A 9 4.46 13.28 0.35
CM' A2M A 9 6.16 15.00 -1.83
N9 A2M A 9 3.00 13.26 0.29
C8 A2M A 9 2.11 13.15 1.34
N7 A2M A 9 0.85 13.16 0.97
C5 A2M A 9 0.91 13.29 -0.42
C6 A2M A 9 -0.08 13.37 -1.41
N6 A2M A 9 -1.39 13.33 -1.15
N1 A2M A 9 0.31 13.51 -2.69
C2 A2M A 9 1.63 13.56 -2.96
N3 A2M A 9 2.66 13.49 -2.11
C4 A2M A 9 2.22 13.36 -0.84
H5' A2M A 9 5.71 12.73 4.17
H5'' A2M A 9 5.91 14.48 4.31
H4' A2M A 9 6.72 13.67 2.17
H3' A2M A 9 4.35 15.50 2.08
HO3' A2M A 9 6.85 16.00 1.03
H2' A2M A 9 4.37 15.36 -0.31
H1' A2M A 9 4.83 12.58 -0.40
HM'1 A2M A 9 5.36 14.42 -2.30
HM'2 A2M A 9 5.90 16.05 -1.84
HM'3 A2M A 9 7.09 14.85 -2.36
H8 A2M A 9 2.42 13.06 2.36
OP2 A2M A 9 1.87 13.26 5.27
H61 A2M A 9 -1.71 13.23 -0.20
H62 A2M A 9 -2.07 13.40 -1.90
H2 A2M A 9 1.88 13.66 -4.00
O5' A2M B 2 -2.51 -13.74 2.49
C5' A2M B 2 -2.68 -14.27 3.80
C4' A2M B 2 -1.43 -14.12 4.62
O4' A2M B 2 -0.46 -15.13 4.20
C3' A2M B 2 -0.69 -12.80 4.43
O3' A2M B 2 -1.18 -11.77 5.28
C2' A2M B 2 0.76 -13.17 4.73
O2' A2M B 2 0.99 -13.29 6.12
C1' A2M B 2 0.83 -14.56 4.09
CM' A2M B 2 2.39 -13.27 6.37
N9 A2M B 2 1.19 -14.52 2.68
C8 A2M B 2 0.35 -14.59 1.60
N7 A2M B 2 0.97 -14.49 0.44
C5 A2M B 2 2.31 -14.33 0.80
C6 A2M B 2 3.47 -14.17 0.02
N6 A2M B 2 3.48 -14.13 -1.31
N1 A2M B 2 4.64 -14.06 0.69
C2 A2M B 2 4.63 -14.10 2.02
N3 A2M B 2 3.60 -14.24 2.86
C4 A2M B 2 2.45 -14.35 2.16
H5' A2M B 2 -2.94 -15.34 3.74
H5'' A2M B 2 -3.50 -13.76 4.31
H4' A2M B 2 -1.69 -14.18 5.67
H3' A2M B 2 -0.82 -12.42 3.41
H2' A2M B 2 1.44 -12.47 4.24
H1' A2M B 2 1.52 -15.22 4.61
HM'1 A2M B 2 2.82 -12.37 5.92
HM'2 A2M B 2 2.84 -14.16 5.93
HM'3 A2M B 2 2.56 -13.26 7.44
H8 A2M B 2 -0.71 -14.72 1.69
H61 A2M B 2 2.60 -14.21 -1.81
H62 A2M B 2 4.35 -14.01 -1.79
H2 A2M B 2 5.60 -13.99 2.50
P A2M B 3 -1.23 -10.25 4.76
OP1 A2M B 3 -1.83 -9.43 5.84
O5' A2M B 3 0.31 -9.85 4.63
C5' A2M B 3 1.17 -9.89 5.77
C4' A2M B 3 2.62 -9.78 5.34
O4' A2M B 3 2.93 -10.83 4.37
C3' A2M B 3 3.00 -8.50 4.61
O3' A2M B 3 3.22 -7.40 5.50
C2' A2M B 3 4.27 -8.91 3.87
O2' A2M B 3 5.38 -9.00 4.74
C1' A2M B 3 3.89 -10.33 3.44
CM' A2M B 3 6.58 -9.00 3.97
N9 A2M B 3 3.29 -10.33 2.10
C8 A2M B 3 1.97 -10.51 1.75
N7 A2M B 3 1.74 -10.39 0.47
C5 A2M B 3 2.99 -10.13 -0.07
C6 A2M B 3 3.43 -9.90 -1.38
N6 A2M B 3 2.63 -9.88 -2.44
N1 A2M B 3 4.75 -9.68 -1.58
C2 A2M B 3 5.56 -9.68 -0.52
N3 A2M B 3 5.27 -9.88 0.77
C4 A2M B 3 3.96 -10.10 0.92
H5' A2M B 3 1.04 -10.83 6.30
H5'' A2M B 3 0.94 -9.07 6.44
H4' A2M B 3 3.23 -9.83 6.24
H3' A2M B 3 2.22 -8.18 3.93
H2' A2M B 3 4.44 -8.26 3.01
H1' A2M B 3 4.73 -11.02 3.43
HM'1 A2M B 3 7.44 -9.01 4.65
HM'2 A2M B 3 6.62 -8.09 3.36
HM'3 A2M B 3 6.60 -9.87 3.33
H8 A2M B 3 1.19 -10.72 2.47
OP2 A2M B 3 -1.83 -10.23 3.40
H61 A2M B 3 1.63 -10.04 -2.33
H62 A2M B 3 3.01 -9.68 -3.36
H2 A2M B 3 6.61 -9.50 -0.73
P A2M B 4 2.77 -5.92 5.04
OP1 A2M B 4 2.99 -5.02 6.20
O5' A2M B 4 3.81 -5.53 3.90
C5' A2M B 4 5.21 -5.64 4.13
C4' A2M B 4 5.98 -5.42 2.85
O4' A2M B 4 5.68 -6.48 1.90
C3' A2M B 4 5.66 -4.15 2.07
O3' A2M B 4 6.28 -2.98 2.61
C2' A2M B 4 6.15 -4.49 0.67
O2' A2M B 4 7.56 -4.43 0.59
C1' A2M B 4 5.72 -5.96 0.58
CM' A2M B 4 7.95 -4.45 -0.79
N9 A2M B 4 4.39 -6.06 -0.03
C8 A2M B 4 3.19 -6.31 0.58
N7 A2M B 4 2.17 -6.29 -0.25
C5 A2M B 4 2.75 -5.99 -1.48
C6 A2M B 4 2.20 -5.82 -2.77
N6 A2M B 4 0.90 -5.88 -3.04
N1 A2M B 4 3.05 -5.55 -3.78
C2 A2M B 4 4.36 -5.46 -3.50
N3 A2M B 4 4.98 -5.60 -2.35
C4 A2M B 4 4.12 -5.87 -1.36
H5' A2M B 4 5.45 -6.62 4.53
H5'' A2M B 4 5.52 -4.88 4.85
H4' A2M B 4 7.04 -5.37 3.11
H3' A2M B 4 4.59 -3.94 2.09
H2' A2M B 4 5.65 -3.87 -0.07
H1' A2M B 4 6.42 -6.56 0.00
HM'1 A2M B 4 7.39 -3.70 -1.33
HM'2 A2M B 4 7.75 -5.44 -1.20
HM'3 A2M B 4 9.03 -4.23 -0.86
H8 A2M B 4 3.09 -6.52 1.64
OP2 A2M B 4 1.42 -6.01 4.42
H61 A2M B 4 0.24 -6.07 -2.29
H62 A2M B 4 0.56 -5.71 -3.98
H2 A2M B 4 4.99 -5.25 -4.36
P A2M B 5 5.51 -1.57 2.53
OP1 A2M B 5 6.31 -0.58 3.28
O5' A2M B 5 5.55 -1.19 0.99
C5' A2M B 5 6.77 -1.26 0.25
C4' A2M B 5 6.53 -1.05 -1.22
O4' A2M B 5 5.79 -2.18 -1.77
C3' A2M B 5 5.66 0.15 -1.59
O3' A2M B 5 6.37 1.38 -1.57
C2' A2M B 5 5.16 -0.23 -2.99
O2' A2M B 5 6.18 -0.05 -3.97
C1' A2M B 5 4.93 -1.72 -2.81
CM' A2M B 5 5.60 -0.12 -5.26
N9 A2M B 5 3.54 -1.98 -2.42
C8 A2M B 5 3.05 -2.26 -1.17
N7 A2M B 5 1.74 -2.37 -1.13
C5 A2M B 5 1.35 -2.15 -2.45
C6 A2M B 5 0.09 -2.13 -3.08
N6 A2M B 5 -1.07 -2.31 -2.43
N1 A2M B 5 0.06 -1.91 -4.40
C2 A2M B 5 1.22 -1.71 -5.05
N3 A2M B 5 2.46 -1.71 -4.58
C4 A2M B 5 2.46 -1.93 -3.25
H5' A2M B 5 7.24 -2.24 0.40
H5'' A2M B 5 7.46 -0.50 0.60
H4' A2M B 5 7.50 -0.89 -1.70
H3' A2M B 5 4.83 0.26 -0.89
H2' A2M B 5 4.25 0.30 -3.23
H1' A2M B 5 5.15 -2.30 -3.70
HM'1 A2M B 5 5.37 -1.16 -5.50
HM'2 A2M B 5 6.29 0.28 -5.99
HM'3 A2M B 5 4.68 0.46 -5.28
H8 A2M B 5 3.67 -2.38 -0.29
OP2 A2M B 5 4.08 -1.80 2.91
H61 A2M B 5 -1.04 -2.46 -1.44
H62 A2M B 5 -1.94 -2.24 -2.93
H2 A2M B 5 1.13 -1.54 -6.13
P A2M B 7 2.97 6.70 -4.28
OP1 A2M B 7 3.72 7.82 -4.91
O5' A2M B 7 1.43 6.86 -4.64
C5' A2M B 7 0.96 6.65 -5.97
C4' A2M B 7 -0.54 6.53 -5.99
O4' A2M B 7 -0.96 5.29 -5.38
C3' A2M B 7 -1.30 7.59 -5.21
O3' A2M B 7 -1.39 8.83 -5.90
C2' A2M B 7 -2.65 6.92 -4.98
O2' A2M B 7 -3.44 6.94 -6.15
C1' A2M B 7 -2.19 5.48 -4.71
CM' A2M B 7 -4.80 6.67 -5.80
N9 A2M B 7 -2.01 5.26 -3.28
C8 A2M B 7 -0.83 5.17 -2.57
N7 A2M B 7 -1.00 5.03 -1.28
C5 A2M B 7 -2.38 5.01 -1.12
C6 A2M B 7 -3.20 4.88 0.01
N6 A2M B 7 -2.75 4.78 1.26
N1 A2M B 7 -4.54 4.88 -0.18
C2 A2M B 7 -5.02 5.02 -1.43
N3 A2M B 7 -4.34 5.15 -2.58
C4 A2M B 7 -3.01 5.13 -2.35
H5' A2M B 7 1.40 5.73 -6.36
H5'' A2M B 7 1.27 7.47 -6.61
H4' A2M B 7 -0.86 6.63 -7.04
H3' A2M B 7 -0.79 7.82 -4.28
H2' A2M B 7 -3.14 7.36 -4.12
H1' A2M B 7 -2.91 4.74 -5.08
HM'1 A2M B 7 -4.88 5.65 -5.41
HM'2 A2M B 7 -5.43 6.77 -6.68
HM'3 A2M B 7 -5.12 7.38 -5.03
H8 A2M B 7 0.14 5.23 -3.04
OP2 A2M B 7 3.08 6.48 -2.81
H61 A2M B 7 -1.76 4.78 1.41
H62 A2M B 7 -3.39 4.73 2.04
H2 A2M B 7 -6.10 5.01 -1.53
P A2M B 8 -1.26 10.21 -5.08
OP1 A2M B 8 -1.13 11.31 -6.07
O5' A2M B 8 -2.66 10.36 -4.35
C5' A2M B 8 -3.88 10.12 -5.05
C4' A2M B 8 -5.01 9.90 -4.07
O4' A2M B 8 -4.80 8.67 -3.32
C3' A2M B 8 -5.17 10.96 -2.99
O3' A2M B 8 -5.85 12.12 -3.46
C2' A2M B 8 -5.96 10.21 -1.92
O2' A2M B 8 -7.33 10.10 -2.26
C1' A2M B 8 -5.32 8.82 -2.01
CM' A2M B 8 -8.08 9.72 -1.11
N9 A2M B 8 -4.24 8.68 -1.04
C8 A2M B 8 -2.89 8.67 -1.25
N7 A2M B 8 -2.17 8.59 -0.16
C5 A2M B 8 -3.13 8.52 0.85
C6 A2M B 8 -3.02 8.42 2.26
N6 A2M B 8 -1.87 8.41 2.91
N1 A2M B 8 -4.17 8.38 2.97
C2 A2M B 8 -5.33 8.41 2.31
N3 A2M B 8 -5.56 8.51 1.00
C4 A2M B 8 -4.40 8.56 0.32
H5' A2M B 8 -3.77 9.23 -5.67
H5'' A2M B 8 -4.11 10.96 -5.68
H4' A2M B 8 -5.94 9.89 -4.65
H3' A2M B 8 -4.21 11.30 -2.63
H2' A2M B 8 -5.81 10.66 -0.94
H1' A2M B 8 -6.04 8.01 -1.85
HM'1 A2M B 8 -7.81 8.70 -0.83
HM'2 A2M B 8 -7.85 10.40 -0.29
HM'3 A2M B 8 -9.14 9.77 -1.33
H8 A2M B 8 -2.45 8.74 -2.24
OP2 A2M B 8 -0.21 10.03 -4.04
H61 A2M B 8 -1.01 8.46 2.38
H62 A2M B 8 -1.86 8.39 3.93
H2 A2M B 8 -6.23 8.36 2.93
P A2M B 9 -5.42 13.57 -2.88
OP1 A2M B 9 -6.09 14.59 -3.72
O5' A2M B 9 -6.09 13.62 -1.44
C5' A2M B 9 -7.45 13.23 -1.23
C4' A2M B 9 -7.72 13.00 0.24
O4' A2M B 9 -6.79 12.01 0.74
C3' A2M B 9 -7.51 14.20 1.14
O3' A2M B 9 -8.65 15.06 1.19
C2' A2M B 9 -7.24 13.54 2.49
O2' A2M B 9 -8.45 13.13 3.12
C1' A2M B 9 -6.44 12.30 2.09
CM' A2M B 9 -8.34 13.32 4.52
N9 A2M B 9 -5.00 12.49 2.16
C8 A2M B 9 -4.12 12.70 1.12
N7 A2M B 9 -2.87 12.84 1.51
C5 A2M B 9 -2.92 12.69 2.89
C6 A2M B 9 -1.94 12.73 3.89
N6 A2M B 9 -0.64 12.93 3.65
N1 A2M B 9 -2.33 12.55 5.17
C2 A2M B 9 -3.63 12.36 5.41
N3 A2M B 9 -4.65 12.31 4.57
C4 A2M B 9 -4.23 12.48 3.30
H5' A2M B 9 -7.66 12.32 -1.78
H5'' A2M B 9 -8.11 14.02 -1.58
H4' A2M B 9 -8.76 12.70 0.34
H3' A2M B 9 -6.68 14.82 0.81
HO3' A2M B 9 -9.21 14.73 1.90
H2' A2M B 9 -6.64 14.21 3.13
H1' A2M B 9 -6.70 11.43 2.68
HM'1 A2M B 9 -7.47 12.78 4.90
HM'2 A2M B 9 -8.23 14.38 4.74
HM'3 A2M B 9 -9.23 12.94 5.01
H8 A2M B 9 -4.43 12.77 0.09
OP2 A2M B 9 -3.95 13.59 -2.71
H61 A2M B 9 -0.33 13.05 2.69
H62 A2M B 9 0.02 12.95 4.41
H2 A2M B 9 -3.90 12.23 6.47
O5' A2M A 2 4.65 -12.80 -5.03
C5' A2M A 2 4.83 -13.11 -6.41
C4' A2M A 2 3.53 -13.05 -7.17
O4' A2M A 2 2.78 -14.27 -6.88
C3' A2M A 2 2.60 -11.92 -6.76
O3' A2M A 2 2.87 -10.72 -7.47
C2' A2M A 2 1.21 -12.50 -7.08
O2' A2M A 2 0.95 -12.46 -8.47
C1' A2M A 2 1.42 -13.96 -6.66
CM' A2M A 2 -0.44 -12.71 -8.69
N9 A2M A 2 1.11 -14.18 -5.25
C8 A2M A 2 1.99 -14.26 -4.20
N7 A2M A 2 1.42 -14.43 -3.04
C5 A2M A 2 0.06 -14.47 -3.34
C6 A2M A 2 -1.09 -14.63 -2.54
N6 A2M A 2 -1.05 -14.77 -1.22
N1 A2M A 2 -2.29 -14.64 -3.15
C2 A2M A 2 -2.32 -14.48 -4.48
N3 A2M A 2 -1.32 -14.32 -5.34
C4 A2M A 2 -0.14 -14.32 -4.71
H5' A2M A 2 5.27 -14.10 -6.51
H5'' A2M A 2 5.52 -12.38 -6.86
H4' A2M A 2 3.75 -12.93 -8.21
H3' A2M A 2 2.70 -11.68 -5.71
H2' A2M A 2 0.45 -12.01 -6.49
H1' A2M A 2 0.82 -14.64 -7.25
HM'1 A2M A 2 -1.03 -12.07 -8.03
HM'2 A2M A 2 -0.68 -12.47 -9.72
HM'3 A2M A 2 -0.66 -13.75 -8.48
H8 A2M A 2 3.06 -14.18 -4.32
H61 A2M A 2 -0.15 -14.77 -0.74
H62 A2M A 2 -1.91 -14.88 -0.69
H2 A2M A 2 -3.32 -14.48 -4.93
P A2M A 3 2.65 -9.30 -6.74
OP1 A2M A 3 3.07 -8.25 -7.70
O5' A2M A 3 1.07 -9.21 -6.56
C5' A2M A 3 0.19 -9.36 -7.67
C4' A2M A 3 -1.23 -9.52 -7.20
O4' A2M A 3 -1.35 -10.71 -6.38
C3' A2M A 3 -1.77 -8.41 -6.31
O3' A2M A 3 -2.18 -7.26 -7.03
C2' A2M A 3 -2.93 -9.11 -5.60
O2' A2M A 3 -4.06 -9.24 -6.45
C1' A2M A 3 -2.33 -10.50 -5.38
CM' A2M A 3 -5.19 -9.61 -5.66
N9 A2M A 3 -1.69 -10.59 -4.06
C8 A2M A 3 -0.35 -10.56 -3.76
N7 A2M A 3 -0.11 -10.61 -2.47
C5 A2M A 3 -1.37 -10.69 -1.89
C6 A2M A 3 -1.80 -10.76 -0.56
N6 A2M A 3 -0.97 -10.74 0.49
N1 A2M A 3 -3.12 -10.83 -0.33
C2 A2M A 3 -3.96 -10.82 -1.37
N3 A2M A 3 -3.67 -10.75 -2.67
C4 A2M A 3 -2.36 -10.69 -2.86
H5' A2M A 3 0.48 -10.23 -8.26
H5'' A2M A 3 0.26 -8.48 -8.31
H4' A2M A 3 -1.87 -9.54 -8.09
H3' A2M A 3 -1.01 -8.07 -5.60
H2' A2M A 3 -3.15 -8.61 -4.65
H1' A2M A 3 -3.07 -11.29 -5.46
HM'1 A2M A 3 -5.28 -8.94 -4.81
HM'2 A2M A 3 -6.09 -9.55 -6.28
HM'3 A2M A 3 -5.06 -10.63 -5.30
H8 A2M A 3 0.42 -10.50 -4.50
OP2 A2M A 3 3.27 -9.36 -5.40
H61 A2M A 3 0.03 -10.68 0.34
H62 A2M A 3 -1.35 -10.76 1.43
H2 A2M A 3 -5.02 -10.88 -1.13
P A2M A 4 -2.00 -5.80 -6.36
OP1 A2M A 4 -2.41 -4.81 -7.39
O5' A2M A 4 -3.08 -5.78 -5.19
C5' A2M A 4 -4.43 -6.16 -5.44
C4' A2M A 4 -5.20 -6.29 -4.15
O4' A2M A 4 -4.67 -7.40 -3.35
C3' A2M A 4 -5.12 -5.11 -3.20
O3' A2M A 4 -5.98 -4.04 -3.56
C2' A2M A 4 -5.48 -5.73 -1.85
O2' A2M A 4 -6.88 -5.87 -1.63
C1' A2M A 4 -4.79 -7.08 -1.98
CM' A2M A 4 -7.46 -6.78 -2.58
N9 A2M A 4 -3.46 -7.04 -1.37
C8 A2M A 4 -2.25 -6.95 -1.98
N7 A2M A 4 -1.23 -6.85 -1.15
C5 A2M A 4 -1.84 -6.90 0.10
C6 A2M A 4 -1.31 -6.83 1.41
N6 A2M A 4 -0.02 -6.69 1.69
N1 A2M A 4 -2.19 -6.91 2.44
C2 A2M A 4 -3.50 -7.04 2.16
N3 A2M A 4 -4.10 -7.10 0.98
C4 A2M A 4 -3.20 -7.02 -0.02
H5' A2M A 4 -4.46 -7.12 -5.97
H5'' A2M A 4 -4.91 -5.41 -6.07
H4' A2M A 4 -6.25 -6.41 -4.41
H3' A2M A 4 -4.12 -4.68 -3.20
H2' A2M A 4 -5.01 -5.13 -1.05
H1' A2M A 4 -5.35 -7.89 -1.51
HM'1 A2M A 4 -6.73 -7.53 -2.87
HM'2 A2M A 4 -8.32 -7.27 -2.12
HM'3 A2M A 4 -7.79 -6.23 -3.46
H8 A2M A 4 -2.12 -6.95 -3.06
OP2 A2M A 4 -0.65 -5.73 -5.76
H61 A2M A 4 0.63 -6.62 0.93
H62 A2M A 4 0.28 -6.61 2.65
H2 A2M A 4 -4.15 -7.09 3.03
P A2M A 5 -5.56 -2.53 -3.19
OP1 A2M A 5 -6.61 -1.63 -3.75
O5' A2M A 5 -5.65 -2.48 -1.60
C5' A2M A 5 -6.83 -2.90 -0.92
C4' A2M A 5 -6.61 -2.88 0.57
O4' A2M A 5 -5.64 -3.89 0.95
C3' A2M A 5 -6.04 -1.59 1.16
O3' A2M A 5 -7.02 -0.57 1.33
C2' A2M A 5 -5.46 -2.07 2.48
O2' A2M A 5 -6.47 -2.29 3.45
C1' A2M A 5 -4.89 -3.43 2.07
CM' A2M A 5 -5.89 -2.23 4.76
N9 A2M A 5 -3.48 -3.31 1.69
C8 A2M A 5 -2.93 -3.29 0.44
N7 A2M A 5 -1.63 -3.13 0.43
C5 A2M A 5 -1.30 -3.04 1.78
C6 A2M A 5 -0.08 -2.85 2.44
N6 A2M A 5 1.09 -2.69 1.82
N1 A2M A 5 -0.10 -2.81 3.80
C2 A2M A 5 -1.27 -2.95 4.42
N3 A2M A 5 -2.49 -3.12 3.91
C4 A2M A 5 -2.43 -3.16 2.56
H5' A2M A 5 -7.11 -3.90 -1.23
H5'' A2M A 5 -7.65 -2.21 -1.16
H4' A2M A 5 -7.59 -3.03 1.04
H3' A2M A 5 -5.28 -1.17 0.50
H2' A2M A 5 -4.67 -1.40 2.83
H1' A2M A 5 -4.97 -4.18 2.85
HM'1 A2M A 5 -5.35 -1.29 4.86
HM'2 A2M A 5 -5.21 -3.06 4.89
HM'3 A2M A 5 -6.68 -2.27 5.50
H8 A2M A 5 -3.53 -3.40 -0.47
OP2 A2M A 5 -4.14 -2.34 -3.59
H61 A2M A 5 1.10 -2.71 0.81
H62 A2M A 5 1.95 -2.55 2.35
H2 A2M A 5 -1.23 -2.90 5.51
P A2M A 7 -4.40 5.16 5.50
OP1 A2M A 7 -5.13 5.96 6.51
O5' A2M A 7 -2.83 5.27 5.81
C5' A2M A 7 -2.36 5.31 7.15
C4' A2M A 7 -0.84 5.38 7.18
O4' A2M A 7 -0.29 4.36 6.29
C3' A2M A 7 -0.21 6.68 6.68
O3' A2M A 7 -0.23 7.71 7.66
C2' A2M A 7 1.20 6.22 6.32
O2' A2M A 7 2.00 6.06 7.47
C1' A2M A 7 0.92 4.85 5.72
CM' A2M A 7 3.38 6.17 7.10
N9 A2M A 7 0.76 4.91 4.27
C8 A2M A 7 -0.40 4.90 3.55
N7 A2M A 7 -0.23 5.02 2.25
C5 A2M A 7 1.15 5.11 2.11
C6 A2M A 7 1.98 5.28 0.99
N6 A2M A 7 1.53 5.37 -0.25
N1 A2M A 7 3.32 5.34 1.21
C2 A2M A 7 3.77 5.25 2.46
N3 A2M A 7 3.09 5.10 3.59
C4 A2M A 7 1.77 5.05 3.35
H5' A2M A 7 -2.69 4.43 7.70
H5'' A2M A 7 -2.75 6.20 7.65
H4' A2M A 7 -0.53 5.26 8.22
H3' A2M A 7 -0.75 7.06 5.82
H2' A2M A 7 1.64 6.91 5.58
H1' A2M A 7 1.70 4.12 5.95
HM'1 A2M A 7 3.55 7.12 6.61
HM'2 A2M A 7 3.64 5.36 6.42
HM'3 A2M A 7 3.99 6.11 8.00
H8 A2M A 7 -1.38 4.79 4.01
OP2 A2M A 7 -4.60 5.44 4.05
H61 A2M A 7 0.53 5.34 -0.42
H62 A2M A 7 2.17 5.50 -1.04
H2 A2M A 7 4.86 5.31 2.57
P A2M A 8 -0.32 9.24 7.17
OP1 A2M A 8 -0.28 10.08 8.40
O5' A2M A 8 1.03 9.48 6.36
C5' A2M A 8 2.24 9.79 7.02
C4' A2M A 8 3.41 9.69 6.07
O4' A2M A 8 3.22 8.59 5.15
C3' A2M A 8 3.64 10.89 5.16
O3' A2M A 8 4.30 11.97 5.82
C2' A2M A 8 4.46 10.29 4.03
O2' A2M A 8 5.80 10.10 4.41
C1' A2M A 8 3.79 8.91 3.89
CM' A2M A 8 6.60 9.92 3.24
N9 A2M A 8 2.73 8.94 2.88
C8 A2M A 8 1.38 8.89 3.07
N7 A2M A 8 0.67 8.97 1.97
C5 A2M A 8 1.65 9.07 0.97
C6 A2M A 8 1.56 9.19 -0.43
N6 A2M A 8 0.41 9.25 -1.10
N1 A2M A 8 2.71 9.25 -1.12
C2 A2M A 8 3.88 9.20 -0.45
N3 A2M A 8 4.08 9.09 0.86
C4 A2M A 8 2.91 9.03 1.52
H5' A2M A 8 2.40 9.09 7.85
H5'' A2M A 8 2.19 10.80 7.43
H4' A2M A 8 4.32 9.60 6.68
H3' A2M A 8 2.69 11.30 4.81
H2' A2M A 8 4.34 10.89 3.12
H1' A2M A 8 4.50 8.13 3.63
HM'1 A2M A 8 6.34 8.97 2.77
HM'2 A2M A 8 6.41 10.73 2.54
HM'3 A2M A 8 7.66 9.92 3.51
H8 A2M A 8 0.92 8.80 4.06
OP2 A2M A 8 -1.47 9.37 6.23
H61 A2M A 8 -0.46 9.20 -0.58
H62 A2M A 8 0.41 9.37 -2.11
H2 A2M A 8 4.77 9.24 -1.07
P A2M A 9 3.92 13.48 5.44
OP1 A2M A 9 4.65 14.37 6.39
O5' A2M A 9 4.55 13.70 3.99
C5' A2M A 9 5.93 13.41 3.75
C4' A2M A 9 6.21 13.42 2.26
O4' A2M A 9 5.31 12.50 1.60
C3' A2M A 9 5.96 14.75 1.56
O3' A2M A 9 7.08 15.64 1.64
C2' A2M A 9 5.69 14.33 0.12
O2' A2M A 9 6.90 14.07 -0.58
C1' A2M A 9 4.95 13.00 0.32
CM' A2M A 9 6.77 14.50 -1.93
N9 A2M A 9 3.50 13.13 0.28
C8 A2M A 9 2.62 13.18 1.33
N7 A2M A 9 1.37 13.31 0.97
C5 A2M A 9 1.42 13.33 -0.42
C6 A2M A 9 0.42 13.44 -1.40
N6 A2M A 9 -0.88 13.56 -1.13
N1 A2M A 9 0.81 13.45 -2.70
C2 A2M A 9 2.11 13.34 -2.97
N3 A2M A 9 3.15 13.23 -2.14
C4 A2M A 9 2.72 13.23 -0.86
H5' A2M A 9 6.19 12.44 4.15
H5'' A2M A 9 6.56 14.17 4.22
H4' A2M A 9 7.27 13.18 2.12
H3' A2M A 9 5.13 15.28 2.00
HO3' A2M A 9 7.65 15.43 0.90
H2' A2M A 9 5.06 15.06 -0.38
H1' A2M A 9 5.24 12.25 -0.41
HM'1 A2M A 9 6.64 15.58 -1.95
HM'2 A2M A 9 7.67 14.22 -2.48
HM'3 A2M A 9 5.91 14.01 -2.37
H8 A2M A 9 2.93 13.13 2.36
OP2 A2M A 9 2.45 13.59 5.31
H61 A2M A 9 -1.18 13.55 -0.16
H62 A2M A 9 -1.57 13.64 -1.87
H2 A2M A 9 2.37 13.34 -4.03
O5' A2M B 2 -2.04 -14.05 2.70
C5' A2M B 2 -2.16 -14.53 4.04
C4' A2M B 2 -0.90 -14.25 4.83
O4' A2M B 2 0.11 -15.23 4.45
C3' A2M B 2 -0.26 -12.90 4.56
O3' A2M B 2 -0.81 -11.87 5.38
C2' A2M B 2 1.21 -13.17 4.86
O2' A2M B 2 1.47 -13.21 6.25
C1' A2M B 2 1.36 -14.58 4.29
CM' A2M B 2 2.87 -13.16 6.48
N9 A2M B 2 1.70 -14.57 2.87
C8 A2M B 2 0.85 -14.72 1.80
N7 A2M B 2 1.44 -14.64 0.64
C5 A2M B 2 2.77 -14.43 0.96
C6 A2M B 2 3.91 -14.26 0.16
N6 A2M B 2 3.89 -14.26 -1.17
N1 A2M B 2 5.10 -14.06 0.79
C2 A2M B 2 5.11 -14.05 2.13
N3 A2M B 2 4.11 -14.21 2.98
C4 A2M B 2 2.95 -14.39 2.32
H5' A2M B 2 -2.35 -15.61 4.02
H5'' A2M B 2 -3.01 -14.04 4.53
H4' A2M B 2 -1.16 -14.29 5.89
H3' A2M B 2 -0.42 -12.59 3.53
H2' A2M B 2 1.85 -12.45 4.33
H1' A2M B 2 2.11 -15.17 4.82
HM'1 A2M B 2 3.32 -14.10 6.19
HM'2 A2M B 2 3.06 -12.97 7.53
HM'3 A2M B 2 3.31 -12.35 5.88
H8 A2M B 2 -0.21 -14.89 1.92
H61 A2M B 2 3.02 -14.39 -1.66
H62 A2M B 2 4.75 -14.12 -1.69
H2 A2M B 2 6.09 -13.89 2.58
P A2M B 3 -0.92 -10.37 4.80
OP1 A2M B 3 -1.56 -9.54 5.84
O5' A2M B 3 0.60 -9.91 4.64
C5' A2M B 3 1.49 -9.98 5.75
C4' A2M B 3 2.92 -9.79 5.29
O4' A2M B 3 3.28 -10.83 4.33
C3' A2M B 3 3.21 -8.50 4.54
O3' A2M B 3 3.36 -7.37 5.40
C2' A2M B 3 4.48 -8.85 3.78
O2' A2M B 3 5.62 -8.84 4.63
C1' A2M B 3 4.18 -10.29 3.38
CM' A2M B 3 6.80 -8.83 3.83
N9 A2M B 3 3.56 -10.35 2.04
C8 A2M B 3 2.25 -10.63 1.73
N7 A2M B 3 2.00 -10.56 0.44
C5 A2M B 3 3.22 -10.21 -0.11
C6 A2M B 3 3.63 -9.99 -1.45
N6 A2M B 3 2.81 -10.05 -2.49
N1 A2M B 3 4.92 -9.67 -1.66
C2 A2M B 3 5.75 -9.59 -0.61
N3 A2M B 3 5.48 -9.78 0.68
C4 A2M B 3 4.19 -10.09 0.86
H5' A2M B 3 1.40 -10.96 6.23
H5'' A2M B 3 1.25 -9.21 6.47
H4' A2M B 3 3.55 -9.78 6.18
H3' A2M B 3 2.39 -8.25 3.86
H2' A2M B 3 4.60 -8.20 2.90
H1' A2M B 3 5.07 -10.92 3.36
HM'1 A2M B 3 6.89 -9.77 3.28
HM'2 A2M B 3 7.66 -8.70 4.47
HM'3 A2M B 3 6.75 -7.99 3.13
H8 A2M B 3 1.50 -10.88 2.47
OP2 A2M B 3 -1.52 -10.45 3.45
H61 A2M B 3 1.83 -10.28 -2.35
H62 A2M B 3 3.16 -9.85 -3.42
H2 A2M B 3 6.78 -9.32 -0.85
P A2M B 4 2.79 -5.94 4.94
OP1 A2M B 4 2.92 -5.02 6.10
O5' A2M B 4 3.82 -5.48 3.80
C5' A2M B 4 5.23 -5.63 3.99
C4' A2M B 4 5.96 -5.33 2.71
O4' A2M B 4 5.73 -6.38 1.74
C3' A2M B 4 5.54 -4.07 1.97
O3' A2M B 4 6.08 -2.88 2.53
C2' A2M B 4 6.04 -4.35 0.55
O2' A2M B 4 7.44 -4.15 0.45
C1' A2M B 4 5.73 -5.84 0.43
CM' A2M B 4 7.80 -4.13 -0.94
N9 A2M B 4 4.43 -6.05 -0.20
C8 A2M B 4 3.24 -6.40 0.40
N7 A2M B 4 2.24 -6.46 -0.43
C5 A2M B 4 2.79 -6.13 -1.66
C6 A2M B 4 2.25 -6.00 -2.95
N6 A2M B 4 0.96 -6.19 -3.24
N1 A2M B 4 3.09 -5.65 -3.96
C2 A2M B 4 4.38 -5.45 -3.67
N3 A2M B 4 5.01 -5.53 -2.50
C4 A2M B 4 4.14 -5.88 -1.53
H5' A2M B 4 5.44 -6.65 4.30
H5'' A2M B 4 5.57 -4.94 4.76
H4' A2M B 4 7.01 -5.20 2.96
H3' A2M B 4 4.46 -3.94 2.00
H2' A2M B 4 5.47 -3.75 -0.17
H1' A2M B 4 6.48 -6.37 -0.16
HM'1 A2M B 4 8.83 -3.77 -1.03
HM'2 A2M B 4 7.13 -3.48 -1.48
HM'3 A2M B 4 7.74 -5.15 -1.34
H8 A2M B 4 3.15 -6.62 1.46
OP2 A2M B 4 1.46 -6.14 4.30
H61 A2M B 4 0.33 -6.44 -2.50
H62 A2M B 4 0.63 -6.06 -4.19
H2 A2M B 4 5.01 -5.17 -4.51
P A2M B 5 5.22 -1.52 2.49
OP1 A2M B 5 5.96 -0.51 3.29
O5' A2M B 5 5.27 -1.09 0.96
C5' A2M B 5 6.50 -1.14 0.23
C4' A2M B 5 6.24 -0.93 -1.25
O4' A2M B 5 5.56 -2.09 -1.81
C3' A2M B 5 5.34 0.22 -1.62
O3' A2M B 5 6.00 1.48 -1.58
C2' A2M B 5 4.86 -0.17 -3.01
O2' A2M B 5 5.86 0.06 -4.00
C1' A2M B 5 4.69 -1.67 -2.84
CM' A2M B 5 5.27 -0.05 -5.29
N9 A2M B 5 3.31 -2.01 -2.48
C8 A2M B 5 2.82 -2.37 -1.26
N7 A2M B 5 1.52 -2.55 -1.26
C5 A2M B 5 1.14 -2.30 -2.57
C6 A2M B 5 -0.11 -2.31 -3.21
N6 A2M B 5 -1.26 -2.59 -2.60
N1 A2M B 5 -0.14 -2.01 -4.53
C2 A2M B 5 1.02 -1.70 -5.14
N3 A2M B 5 2.24 -1.66 -4.64
C4 A2M B 5 2.24 -1.97 -3.34
H5' A2M B 5 6.99 -2.10 0.38
H5'' A2M B 5 7.17 -0.35 0.58
H4' A2M B 5 7.21 -0.73 -1.72
H3' A2M B 5 4.51 0.31 -0.92
H2' A2M B 5 3.91 0.33 -3.25
H1' A2M B 5 4.95 -2.24 -3.74
HM'1 A2M B 5 4.35 0.53 -5.33
HM'2 A2M B 5 5.06 -1.10 -5.50
HM'3 A2M B 5 5.98 0.33 -6.04
H8 A2M B 5 3.44 -2.49 -0.38
OP2 A2M B 5 3.82 -1.85 2.84
H61 A2M B 5 -1.23 -2.81 -1.62
H62 A2M B 5 -2.14 -2.57 -3.11
H2 A2M B 5 0.93 -1.46 -6.20
P A2M B 7 2.68 6.79 -4.18
OP1 A2M B 7 3.46 7.90 -4.78
O5' A2M B 7 1.14 7.02 -4.52
C5' A2M B 7 0.65 6.82 -5.85
C4' A2M B 7 -0.86 6.82 -5.86
O4' A2M B 7 -1.37 5.59 -5.25
C3' A2M B 7 -1.54 7.92 -5.05
O3' A2M B 7 -1.56 9.17 -5.73
C2' A2M B 7 -2.93 7.33 -4.82
O2' A2M B 7 -3.73 7.42 -5.99
C1' A2M B 7 -2.58 5.86 -4.58
CM' A2M B 7 -5.10 7.20 -5.64
N9 A2M B 7 -2.42 5.61 -3.15
C8 A2M B 7 -1.26 5.36 -2.45
N7 A2M B 7 -1.44 5.23 -1.16
C5 A2M B 7 -2.81 5.38 -1.00
C6 A2M B 7 -3.64 5.37 0.14
N6 A2M B 7 -3.19 5.18 1.38
N1 A2M B 7 -4.96 5.55 -0.04
C2 A2M B 7 -5.41 5.76 -1.29
N3 A2M B 7 -4.73 5.81 -2.44
C4 A2M B 7 -3.42 5.61 -2.21
H5' A2M B 7 1.01 5.87 -6.23
H5'' A2M B 7 1.00 7.63 -6.49
H4' A2M B 7 -1.18 6.95 -6.89
H3' A2M B 7 -1.03 8.09 -4.11
H2' A2M B 7 -3.40 7.78 -3.95
H1' A2M B 7 -3.34 5.17 -4.97
HM'1 A2M B 7 -5.22 6.18 -5.29
HM'2 A2M B 7 -5.73 7.36 -6.51
HM'3 A2M B 7 -5.38 7.89 -4.85
H8 A2M B 7 -0.29 5.28 -2.93
OP2 A2M B 7 2.80 6.49 -2.72
H61 A2M B 7 -2.19 5.04 1.51
H62 A2M B 7 -3.82 5.18 2.17
H2 A2M B 7 -6.48 5.92 -1.38
P A2M B 8 -1.32 10.52 -4.88
OP1 A2M B 8 -1.17 11.62 -5.85
O5' A2M B 8 -2.70 10.72 -4.10
C5' A2M B 8 -3.95 10.52 -4.76
C4' A2M B 8 -5.08 10.54 -3.76
O4' A2M B 8 -5.03 9.34 -2.93
C3' A2M B 8 -5.08 11.67 -2.75
O3' A2M B 8 -5.56 12.89 -3.30
C2' A2M B 8 -5.95 11.12 -1.63
O2' A2M B 8 -7.32 11.18 -1.97
C1' A2M B 8 -5.51 9.65 -1.64
CM' A2M B 8 -8.11 10.99 -0.79
N9 A2M B 8 -4.45 9.42 -0.66
C8 A2M B 8 -3.10 9.24 -0.88
N7 A2M B 8 -2.39 9.11 0.22
C5 A2M B 8 -3.35 9.20 1.23
C6 A2M B 8 -3.24 9.15 2.64
N6 A2M B 8 -2.09 9.00 3.29
N1 A2M B 8 -4.38 9.27 3.35
C2 A2M B 8 -5.54 9.44 2.70
N3 A2M B 8 -5.75 9.50 1.39
C4 A2M B 8 -4.61 9.38 0.70
H5' A2M B 8 -3.93 9.56 -5.28
H5'' A2M B 8 -4.11 11.31 -5.50
H4' A2M B 8 -6.00 10.63 -4.32
H3' A2M B 8 -4.06 11.88 -2.41
H2' A2M B 8 -5.72 11.60 -0.68
H1' A2M B 8 -6.33 8.97 -1.42
HM'1 A2M B 8 -9.14 11.22 -1.00
HM'2 A2M B 8 -7.74 11.63 0.00
HM'3 A2M B 8 -8.03 9.95 -0.48
H8 A2M B 8 -2.67 9.21 -1.87
OP2 A2M B 8 -0.26 10.27 -3.88
H61 A2M B 8 -1.24 8.93 2.74
H62 A2M B 8 -2.06 9.00 4.30
H2 A2M B 8 -6.41 9.53 3.33
P A2M B 9 -4.90 14.29 -2.83
OP1 A2M B 9 -5.40 15.34 -3.76
O5' A2M B 9 -5.53 14.56 -1.40
C5' A2M B 9 -6.92 14.35 -1.15
C4' A2M B 9 -7.17 14.19 0.33
O4' A2M B 9 -6.35 13.12 0.86
C3' A2M B 9 -6.78 15.39 1.19
O3' A2M B 9 -7.80 16.41 1.19
C2' A2M B 9 -6.59 14.76 2.56
O2' A2M B 9 -7.83 14.49 3.20
C1' A2M B 9 -5.95 13.42 2.18
CM' A2M B 9 -7.83 15.09 4.50
N9 A2M B 9 -4.49 13.45 2.24
C8 A2M B 9 -3.61 13.49 1.18
N7 A2M B 9 -2.35 13.50 1.55
C5 A2M B 9 -2.40 13.47 2.94
C6 A2M B 9 -1.40 13.48 3.93
N6 A2M B 9 -0.10 13.51 3.66
N1 A2M B 9 -1.80 13.44 5.22
C2 A2M B 9 -3.11 13.42 5.49
N3 A2M B 9 -4.14 13.41 4.65
C4 A2M B 9 -3.71 13.44 3.37
H5' A2M B 9 -7.25 13.45 -1.66
H5'' A2M B 9 -7.49 15.20 -1.52
H4' A2M B 9 -8.24 14.04 0.48
H3' A2M B 9 -5.88 15.87 0.83
HO3' A2M B 9 -8.06 16.55 0.28
H2' A2M B 9 -5.93 15.36 3.18
H1' A2M B 9 -6.30 12.61 2.82
HM'1 A2M B 9 -7.69 16.17 4.40
HM'2 A2M B 9 -7.01 14.67 5.09
HM'3 A2M B 9 -8.78 14.88 4.99
H8 A2M B 9 -3.92 13.51 0.15
OP2 A2M B 9 -3.43 14.08 -2.67
H61 A2M B 9 0.22 13.53 2.70
H62 A2M B 9 0.59 13.51 4.41
H2 A2M B 9 -3.37 13.40 6.55
O5' A2M A 2 4.60 -12.81 -4.93
C5' A2M A 2 4.80 -13.13 -6.31
C4' A2M A 2 3.50 -13.07 -7.07
O4' A2M A 2 2.74 -14.28 -6.78
C3' A2M A 2 2.57 -11.93 -6.68
O3' A2M A 2 2.85 -10.74 -7.40
C2' A2M A 2 1.20 -12.51 -7.00
O2' A2M A 2 0.93 -12.47 -8.39
C1' A2M A 2 1.38 -13.96 -6.57
CM' A2M A 2 -0.46 -12.71 -8.61
N9 A2M A 2 1.08 -14.16 -5.16
C8 A2M A 2 1.96 -14.23 -4.11
N7 A2M A 2 1.39 -14.38 -2.94
C5 A2M A 2 0.02 -14.42 -3.24
C6 A2M A 2 -1.12 -14.58 -2.43
N6 A2M A 2 -1.08 -14.70 -1.11
N1 A2M A 2 -2.32 -14.59 -3.05
C2 A2M A 2 -2.36 -14.45 -4.38
N3 A2M A 2 -1.36 -14.30 -5.24
C4 A2M A 2 -0.18 -14.30 -4.61
H5' A2M A 2 5.23 -14.13 -6.39
H5'' A2M A 2 5.50 -12.41 -6.75
H4' A2M A 2 3.74 -12.95 -8.12
H3' A2M A 2 2.67 -11.68 -5.63
H2' A2M A 2 0.42 -12.00 -6.41
H1' A2M A 2 0.79 -14.65 -7.16
HM'1 A2M A 2 -0.69 -13.75 -8.38
HM'2 A2M A 2 -1.04 -12.04 -7.98
HM'3 A2M A 2 -0.69 -12.51 -9.66
H8 A2M A 2 3.02 -14.15 -4.23
H61 A2M A 2 -0.18 -14.69 -0.64
H62 A2M A 2 -1.94 -14.80 -0.58
H2 A2M A 2 -3.36 -14.46 -4.82
P A2M A 3 2.63 -9.31 -6.70
OP1 A2M A 3 3.02 -8.26 -7.67
O5' A2M A 3 1.04 -9.24 -6.49
C5' A2M A 3 0.16 -9.32 -7.60
C4' A2M A 3 -1.27 -9.50 -7.14
O4' A2M A 3 -1.38 -10.69 -6.32
C3' A2M A 3 -1.82 -8.39 -6.25
O3' A2M A 3 -2.25 -7.25 -6.97
C2' A2M A 3 -2.97 -9.10 -5.54
O2' A2M A 3 -4.10 -9.24 -6.39
C1' A2M A 3 -2.35 -10.48 -5.31
CM' A2M A 3 -5.26 -9.43 -5.59
N9 A2M A 3 -1.72 -10.55 -3.99
C8 A2M A 3 -0.38 -10.55 -3.69
N7 A2M A 3 -0.13 -10.58 -2.40
C5 A2M A 3 -1.40 -10.60 -1.82
C6 A2M A 3 -1.82 -10.63 -0.48
N6 A2M A 3 -0.99 -10.62 0.56
N1 A2M A 3 -3.15 -10.65 -0.24
C2 A2M A 3 -3.98 -10.64 -1.29
N3 A2M A 3 -3.70 -10.61 -2.59
C4 A2M A 3 -2.38 -10.60 -2.79
H5' A2M A 3 0.44 -10.17 -8.23
H5'' A2M A 3 0.23 -8.41 -8.19
H4' A2M A 3 -1.90 -9.53 -8.03
H3' A2M A 3 -1.06 -8.04 -5.54
H2' A2M A 3 -3.21 -8.59 -4.60
H1' A2M A 3 -3.09 -11.28 -5.38
HM'1 A2M A 3 -6.14 -9.53 -6.24
HM'2 A2M A 3 -5.16 -10.33 -4.99
HM'3 A2M A 3 -5.39 -8.57 -4.93
H8 A2M A 3 0.39 -10.54 -4.44
OP2 A2M A 3 3.26 -9.35 -5.36
H61 A2M A 3 0.01 -10.59 0.40
H62 A2M A 3 -1.37 -10.61 1.50
H2 A2M A 3 -5.04 -10.65 -1.05
P A2M A 4 -2.07 -5.78 -6.32
OP1 A2M A 4 -2.54 -4.79 -7.31
O5' A2M A 4 -3.10 -5.80 -5.09
C5' A2M A 4 -4.50 -5.69 -5.31
C4' A2M A 4 -5.25 -5.91 -4.02
O4' A2M A 4 -4.71 -7.05 -3.30
C3' A2M A 4 -5.19 -4.78 -3.00
O3' A2M A 4 -6.07 -3.70 -3.31
C2' A2M A 4 -5.56 -5.49 -1.71
O2' A2M A 4 -6.95 -5.74 -1.62
C1' A2M A 4 -4.83 -6.82 -1.91
CM' A2M A 4 -7.29 -6.05 -0.27
N9 A2M A 4 -3.50 -6.78 -1.31
C8 A2M A 4 -2.28 -6.76 -1.94
N7 A2M A 4 -1.27 -6.66 -1.11
C5 A2M A 4 -1.86 -6.65 0.15
C6 A2M A 4 -1.33 -6.56 1.45
N6 A2M A 4 -0.02 -6.46 1.71
N1 A2M A 4 -2.19 -6.57 2.48
C2 A2M A 4 -3.51 -6.67 2.22
N3 A2M A 4 -4.13 -6.74 1.04
C4 A2M A 4 -3.24 -6.73 0.04
H5' A2M A 4 -4.81 -6.44 -6.04
H5'' A2M A 4 -4.74 -4.70 -5.70
H4' A2M A 4 -6.31 -6.02 -4.29
H3' A2M A 4 -4.19 -4.34 -2.97
H2' A2M A 4 -5.17 -4.94 -0.84
H1' A2M A 4 -5.38 -7.67 -1.48
HM'1 A2M A 4 -8.38 -6.12 -0.18
HM'2 A2M A 4 -6.84 -7.00 0.01
HM'3 A2M A 4 -6.92 -5.26 0.39
H8 A2M A 4 -2.17 -6.79 -3.01
OP2 A2M A 4 -0.70 -5.68 -5.76
H61 A2M A 4 0.63 -6.44 0.94
H62 A2M A 4 0.30 -6.36 2.67
H2 A2M A 4 -4.16 -6.67 3.09
P A2M A 5 -5.61 -2.19 -2.98
OP1 A2M A 5 -6.65 -1.29 -3.53
O5' A2M A 5 -5.66 -2.10 -1.38
C5' A2M A 5 -6.84 -2.48 -0.68
C4' A2M A 5 -6.59 -2.42 0.82
O4' A2M A 5 -5.65 -3.47 1.21
C3' A2M A 5 -5.95 -1.15 1.35
O3' A2M A 5 -6.89 -0.09 1.50
C2' A2M A 5 -5.36 -1.62 2.68
O2' A2M A 5 -6.38 -1.64 3.69
C1' A2M A 5 -4.86 -3.01 2.28
CM' A2M A 5 -6.85 -2.98 3.89
N9 A2M A 5 -3.46 -2.94 1.86
C8 A2M A 5 -2.96 -2.90 0.59
N7 A2M A 5 -1.65 -2.80 0.53
C5 A2M A 5 -1.27 -2.77 1.87
C6 A2M A 5 -0.01 -2.67 2.50
N6 A2M A 5 1.14 -2.55 1.84
N1 A2M A 5 0.01 -2.69 3.85
C2 A2M A 5 -1.14 -2.79 4.51
N3 A2M A 5 -2.38 -2.89 4.04
C4 A2M A 5 -2.37 -2.87 2.69
H5' A2M A 5 -7.12 -3.50 -0.96
H5'' A2M A 5 -7.65 -1.81 -0.92
H4' A2M A 5 -7.57 -2.52 1.31
H3' A2M A 5 -5.19 -0.78 0.67
H2' A2M A 5 -4.53 -0.96 2.95
H1' A2M A 5 -4.93 -3.74 3.09
HM'1 A2M A 5 -7.79 -2.94 4.45
HM'2 A2M A 5 -6.11 -3.54 4.47
HM'3 A2M A 5 -7.01 -3.47 2.93
H8 A2M A 5 -3.59 -2.95 -0.30
OP2 A2M A 5 -4.19 -2.03 -3.41
H61 A2M A 5 1.11 -2.53 0.83
H62 A2M A 5 2.02 -2.47 2.34
H2 A2M A 5 -1.06 -2.79 5.60
P A2M A 7 -4.45 5.17 5.33
OP1 A2M A 7 -5.35 5.98 6.20
O5' A2M A 7 -2.94 5.51 5.70
C5' A2M A 7 -2.44 5.26 7.01
C4' A2M A 7 -0.93 5.20 7.00
O4' A2M A 7 -0.48 4.13 6.12
C3' A2M A 7 -0.21 6.43 6.46
O3' A2M A 7 -0.14 7.50 7.40
C2' A2M A 7 1.15 5.87 6.09
O2' A2M A 7 1.96 5.66 7.24
C1' A2M A 7 0.75 4.52 5.51
CM' A2M A 7 3.31 5.45 6.83
N9 A2M A 7 0.55 4.61 4.07
C8 A2M A 7 -0.61 4.62 3.35
N7 A2M A 7 -0.45 4.80 2.07
C5 A2M A 7 0.93 4.90 1.92
C6 A2M A 7 1.75 5.11 0.80
N6 A2M A 7 1.29 5.28 -0.44
N1 A2M A 7 3.09 5.14 1.00
C2 A2M A 7 3.55 5.00 2.24
N3 A2M A 7 2.88 4.81 3.38
C4 A2M A 7 1.55 4.78 3.15
H5' A2M A 7 -2.83 4.31 7.38
H5'' A2M A 7 -2.76 6.06 7.68
H4' A2M A 7 -0.61 5.08 8.03
H3' A2M A 7 -0.74 6.84 5.60
H2' A2M A 7 1.64 6.50 5.34
H1' A2M A 7 1.47 3.73 5.71
HM'1 A2M A 7 3.39 4.50 6.30
HM'2 A2M A 7 3.96 5.43 7.71
HM'3 A2M A 7 3.62 6.27 6.17
H8 A2M A 7 -1.59 4.50 3.81
OP2 A2M A 7 -4.60 5.26 3.85
H61 A2M A 7 0.29 5.27 -0.59
H62 A2M A 7 1.94 5.47 -1.20
H2 A2M A 7 4.64 5.04 2.36
P A2M A 8 -0.24 9.01 6.88
OP1 A2M A 8 -0.34 9.89 8.07
O5' A2M A 8 1.18 9.28 6.19
C5' A2M A 8 2.39 8.87 6.83
C4' A2M A 8 3.56 9.03 5.89
O4' A2M A 8 3.47 8.04 4.82
C3' A2M A 8 3.65 10.35 5.15
O3' A2M A 8 4.19 11.39 5.95
C2' A2M A 8 4.52 10.00 3.95
O2' A2M A 8 5.89 9.91 4.32
C1' A2M A 8 4.01 8.59 3.63
CM' A2M A 8 6.69 9.89 3.14
N9 A2M A 8 2.96 8.63 2.61
C8 A2M A 8 1.61 8.50 2.78
N7 A2M A 8 0.92 8.64 1.68
C5 A2M A 8 1.89 8.86 0.70
C6 A2M A 8 1.81 9.08 -0.68
N6 A2M A 8 0.66 9.14 -1.37
N1 A2M A 8 2.97 9.25 -1.36
C2 A2M A 8 4.12 9.21 -0.68
N3 A2M A 8 4.31 9.02 0.63
C4 A2M A 8 3.15 8.84 1.27
H5' A2M A 8 2.31 7.82 7.13
H5'' A2M A 8 2.56 9.48 7.71
H4' A2M A 8 4.46 8.94 6.48
H3' A2M A 8 2.66 10.70 4.84
H2' A2M A 8 4.35 10.69 3.13
H1' A2M A 8 4.80 7.92 3.28
HM'1 A2M A 8 6.63 8.90 2.68
HM'2 A2M A 8 6.34 10.65 2.45
HM'3 A2M A 8 7.73 10.09 3.41
H8 A2M A 8 1.15 8.31 3.75
OP2 A2M A 8 -1.28 9.08 5.82
H61 A2M A 8 -0.21 9.01 -0.88
H62 A2M A 8 0.67 9.33 -2.36
H2 A2M A 8 5.02 9.36 -1.27
P A2M A 9 3.65 12.89 5.78
OP1 A2M A 9 4.19 13.69 6.91
O5' A2M A 9 4.35 13.40 4.43
C5' A2M A 9 5.73 13.14 4.19
C4' A2M A 9 6.03 13.26 2.70
O4' A2M A 9 5.16 12.35 1.96
C3' A2M A 9 5.74 14.62 2.09
O3' A2M A 9 6.81 15.54 2.28
C2' A2M A 9 5.54 14.27 0.62
O2' A2M A 9 6.78 14.07 -0.04
C1' A2M A 9 4.81 12.94 0.72
CM' A2M A 9 6.75 14.70 -1.31
N9 A2M A 9 3.36 13.05 0.65
C8 A2M A 9 2.45 12.96 1.68
N7 A2M A 9 1.21 13.11 1.30
C5 A2M A 9 1.29 13.32 -0.07
C6 A2M A 9 0.32 13.55 -1.06
N6 A2M A 9 -0.98 13.60 -0.81
N1 A2M A 9 0.75 13.72 -2.33
C2 A2M A 9 2.06 13.66 -2.58
N3 A2M A 9 3.07 13.45 -1.73
C4 A2M A 9 2.62 13.29 -0.48
H5' A2M A 9 5.98 12.14 4.51
H5'' A2M A 9 6.35 13.85 4.72
H4' A2M A 9 7.08 13.06 2.56
H3' A2M A 9 4.86 15.08 2.52
HO3' A2M A 9 7.43 15.39 1.56
H2' A2M A 9 4.92 15.03 0.12
H1' A2M A 9 5.14 12.23 -0.06
HM'1 A2M A 9 5.93 14.30 -1.90
HM'2 A2M A 9 6.62 15.78 -1.18
HM'3 A2M A 9 7.69 14.52 -1.83
H8 A2M A 9 2.75 12.78 2.71
OP2 A2M A 9 2.18 12.85 5.54
H61 A2M A 9 -1.31 13.48 0.14
H62 A2M A 9 -1.65 13.78 -1.55
H2 A2M A 9 2.34 13.80 -3.62
O5' A2M B 2 -2.07 -13.92 2.82
C5' A2M B 2 -2.18 -14.37 4.17
C4' A2M B 2 -0.91 -14.08 4.95
O4' A2M B 2 0.10 -15.06 4.57
C3' A2M B 2 -0.27 -12.73 4.66
O3' A2M B 2 -0.81 -11.69 5.46
C2' A2M B 2 1.19 -12.99 4.94
O2' A2M B 2 1.47 -13.00 6.33
C1' A2M B 2 1.34 -14.40 4.40
CM' A2M B 2 2.87 -12.94 6.55
N9 A2M B 2 1.68 -14.42 2.98
C8 A2M B 2 0.82 -14.58 1.91
N7 A2M B 2 1.41 -14.52 0.74
C5 A2M B 2 2.74 -14.30 1.05
C6 A2M B 2 3.89 -14.14 0.25
N6 A2M B 2 3.86 -14.16 -1.09
N1 A2M B 2 5.07 -13.93 0.87
C2 A2M B 2 5.09 -13.91 2.22
N3 A2M B 2 4.08 -14.05 3.07
C4 A2M B 2 2.93 -14.24 2.42
H5' A2M B 2 -2.36 -15.45 4.19
H5'' A2M B 2 -3.01 -13.87 4.67
H4' A2M B 2 -1.16 -14.10 6.01
H3' A2M B 2 -0.44 -12.43 3.62
H2' A2M B 2 1.83 -12.28 4.39
H1' A2M B 2 2.09 -14.99 4.93
HM'1 A2M B 2 3.33 -13.88 6.26
HM'2 A2M B 2 3.07 -12.74 7.60
HM'3 A2M B 2 3.29 -12.13 5.94
H8 A2M B 2 -0.24 -14.75 2.04
H61 A2M B 2 2.99 -14.30 -1.56
H62 A2M B 2 4.71 -14.03 -1.61
H2 A2M B 2 6.06 -13.73 2.66
P A2M B 3 -0.94 -10.20 4.86
OP1 A2M B 3 -1.58 -9.36 5.90
O5' A2M B 3 0.57 -9.73 4.70
C5' A2M B 3 1.47 -9.76 5.80
C4' A2M B 3 2.89 -9.58 5.33
O4' A2M B 3 3.25 -10.64 4.41
C3' A2M B 3 3.20 -8.30 4.56
O3' A2M B 3 3.36 -7.17 5.39
C2' A2M B 3 4.46 -8.69 3.80
O2' A2M B 3 5.59 -8.66 4.65
C1' A2M B 3 4.15 -10.13 3.43
CM' A2M B 3 6.77 -8.70 3.85
N9 A2M B 3 3.53 -10.22 2.11
C8 A2M B 3 2.22 -10.49 1.80
N7 A2M B 3 1.98 -10.45 0.51
C5 A2M B 3 3.21 -10.14 -0.06
C6 A2M B 3 3.61 -9.96 -1.39
N6 A2M B 3 2.80 -10.03 -2.44
N1 A2M B 3 4.92 -9.67 -1.61
C2 A2M B 3 5.74 -9.57 -0.56
N3 A2M B 3 5.48 -9.73 0.73
C4 A2M B 3 4.18 -10.01 0.91
H5' A2M B 3 1.38 -10.71 6.32
H5'' A2M B 3 1.22 -8.95 6.49
H4' A2M B 3 3.53 -9.55 6.22
H3' A2M B 3 2.37 -8.06 3.89
H2' A2M B 3 4.58 -8.06 2.91
H1' A2M B 3 5.03 -10.77 3.44
HM'1 A2M B 3 7.65 -8.54 4.49
HM'2 A2M B 3 6.73 -7.90 3.09
HM'3 A2M B 3 6.85 -9.66 3.35
H8 A2M B 3 1.47 -10.71 2.54
OP2 A2M B 3 -1.55 -10.29 3.51
H61 A2M B 3 1.82 -10.23 -2.29
H62 A2M B 3 3.16 -9.85 -3.37
H2 A2M B 3 6.78 -9.34 -0.79
P A2M B 4 2.82 -5.73 4.90
OP1 A2M B 4 3.00 -4.79 6.03
O5' A2M B 4 3.85 -5.33 3.74
C5' A2M B 4 5.25 -5.49 3.93
C4' A2M B 4 5.99 -5.24 2.64
O4' A2M B 4 5.74 -6.31 1.70
C3' A2M B 4 5.59 -3.99 1.87
O3' A2M B 4 6.16 -2.79 2.40
C2' A2M B 4 6.08 -4.31 0.47
O2' A2M B 4 7.49 -4.16 0.34
C1' A2M B 4 5.74 -5.80 0.37
CM' A2M B 4 7.85 -4.17 -1.04
N9 A2M B 4 4.43 -6.00 -0.23
C8 A2M B 4 3.23 -6.30 0.38
N7 A2M B 4 2.22 -6.35 -0.44
C5 A2M B 4 2.77 -6.07 -1.68
C6 A2M B 4 2.22 -5.96 -2.96
N6 A2M B 4 0.92 -6.12 -3.23
N1 A2M B 4 3.05 -5.67 -3.99
C2 A2M B 4 4.35 -5.50 -3.72
N3 A2M B 4 4.99 -5.56 -2.56
C4 A2M B 4 4.13 -5.85 -1.56
H5' A2M B 4 5.48 -6.50 4.28
H5'' A2M B 4 5.60 -4.78 4.68
H4' A2M B 4 7.05 -5.12 2.88
H3' A2M B 4 4.52 -3.84 1.90
H2' A2M B 4 5.53 -3.73 -0.28
H1' A2M B 4 6.47 -6.37 -0.21
HM'1 A2M B 4 7.17 -3.53 -1.60
HM'2 A2M B 4 7.78 -5.19 -1.42
HM'3 A2M B 4 8.87 -3.81 -1.14
H8 A2M B 4 3.15 -6.48 1.44
OP2 A2M B 4 1.48 -5.92 4.29
H61 A2M B 4 0.29 -6.33 -2.48
H62 A2M B 4 0.58 -6.00 -4.18
H2 A2M B 4 4.97 -5.26 -4.58
P A2M B 5 5.32 -1.43 2.35
OP1 A2M B 5 6.07 -0.41 3.13
O5' A2M B 5 5.35 -1.01 0.81
C5' A2M B 5 6.56 -1.10 0.06
C4' A2M B 5 6.28 -0.95 -1.41
O4' A2M B 5 5.55 -2.12 -1.91
C3' A2M B 5 5.39 0.22 -1.81
O3' A2M B 5 6.08 1.46 -1.84
C2' A2M B 5 4.89 -0.22 -3.19
O2' A2M B 5 5.88 -0.06 -4.19
C1' A2M B 5 4.67 -1.71 -2.95
CM' A2M B 5 5.27 -0.11 -5.47
N9 A2M B 5 3.30 -1.97 -2.54
C8 A2M B 5 2.82 -2.30 -1.29
N7 A2M B 5 1.51 -2.41 -1.25
C5 A2M B 5 1.11 -2.17 -2.54
C6 A2M B 5 -0.16 -2.13 -3.15
N6 A2M B 5 -1.30 -2.32 -2.50
N1 A2M B 5 -0.22 -1.86 -4.47
C2 A2M B 5 0.93 -1.63 -5.13
N3 A2M B 5 2.18 -1.63 -4.67
C4 A2M B 5 2.20 -1.90 -3.35
H5' A2M B 5 7.04 -2.06 0.24
H5'' A2M B 5 7.23 -0.31 0.37
H4' A2M B 5 7.24 -0.79 -1.92
H3' A2M B 5 4.57 0.34 -1.11
H2' A2M B 5 3.95 0.29 -3.44
H1' A2M B 5 4.89 -2.31 -3.83
HM'1 A2M B 5 4.94 -1.13 -5.67
HM'2 A2M B 5 5.99 0.19 -6.23
HM'3 A2M B 5 4.41 0.57 -5.49
H8 A2M B 5 3.46 -2.43 -0.43
OP2 A2M B 5 3.91 -1.75 2.72
H61 A2M B 5 -1.26 -2.52 -1.51
H62 A2M B 5 -2.20 -2.28 -2.98
H2 A2M B 5 0.83 -1.42 -6.19
P A2M B 7 2.64 6.81 -4.27
OP1 A2M B 7 3.45 7.92 -4.83
O5' A2M B 7 1.11 7.05 -4.66
C5' A2M B 7 0.64 6.82 -5.99
C4' A2M B 7 -0.87 6.91 -6.04
O4' A2M B 7 -1.45 5.71 -5.46
C3' A2M B 7 -1.49 8.04 -5.24
O3' A2M B 7 -1.41 9.29 -5.91
C2' A2M B 7 -2.91 7.54 -5.03
O2' A2M B 7 -3.69 7.69 -6.21
C1' A2M B 7 -2.66 6.05 -4.80
CM' A2M B 7 -5.07 7.58 -5.87
N9 A2M B 7 -2.51 5.75 -3.38
C8 A2M B 7 -1.36 5.52 -2.67
N7 A2M B 7 -1.55 5.32 -1.39
C5 A2M B 7 -2.93 5.42 -1.24
C6 A2M B 7 -3.77 5.32 -0.12
N6 A2M B 7 -3.33 5.08 1.12
N1 A2M B 7 -5.10 5.46 -0.31
C2 A2M B 7 -5.54 5.70 -1.55
N3 A2M B 7 -4.85 5.83 -2.69
C4 A2M B 7 -3.54 5.68 -2.46
H5' A2M B 7 0.95 5.82 -6.32
H5'' A2M B 7 1.07 7.56 -6.66
H4' A2M B 7 -1.15 7.08 -7.08
H3' A2M B 7 -0.97 8.18 -4.29
H2' A2M B 7 -3.36 8.02 -4.16
H1' A2M B 7 -3.45 5.42 -5.21
HM'1 A2M B 7 -5.67 7.79 -6.76
HM'2 A2M B 7 -5.32 8.30 -5.09
HM'3 A2M B 7 -5.28 6.57 -5.53
H8 A2M B 7 -0.39 5.51 -3.13
OP2 A2M B 7 2.69 6.50 -2.82
H61 A2M B 7 -2.34 4.98 1.28
H62 A2M B 7 -3.98 5.03 1.89
H2 A2M B 7 -6.62 5.82 -1.66
P A2M B 8 -1.08 10.63 -5.07
OP1 A2M B 8 -0.83 11.71 -6.04
O5' A2M B 8 -2.45 10.93 -4.31
C5' A2M B 8 -3.69 10.88 -5.01
C4' A2M B 8 -4.83 10.70 -4.04
O4' A2M B 8 -4.72 9.41 -3.35
C3' A2M B 8 -4.92 11.70 -2.89
O3' A2M B 8 -5.49 12.94 -3.29
C2' A2M B 8 -5.76 10.96 -1.87
O2' A2M B 8 -7.13 10.95 -2.22
C1' A2M B 8 -5.22 9.54 -2.03
CM' A2M B 8 -7.91 10.58 -1.08
N9 A2M B 8 -4.14 9.27 -1.08
C8 A2M B 8 -2.79 9.16 -1.32
N7 A2M B 8 -2.08 8.99 -0.23
C5 A2M B 8 -3.03 8.97 0.79
C6 A2M B 8 -2.91 8.83 2.18
N6 A2M B 8 -1.76 8.70 2.83
N1 A2M B 8 -4.06 8.84 2.90
C2 A2M B 8 -5.22 9.01 2.26
N3 A2M B 8 -5.45 9.16 0.96
C4 A2M B 8 -4.29 9.13 0.28
H5' A2M B 8 -3.68 10.06 -5.71
H5'' A2M B 8 -3.84 11.82 -5.55
H4' A2M B 8 -5.76 10.80 -4.61
H3' A2M B 8 -3.92 11.94 -2.51
H2' A2M B 8 -5.58 11.34 -0.86
H1' A2M B 8 -5.98 8.77 -1.91
HM'1 A2M B 8 -8.97 10.74 -1.29
HM'2 A2M B 8 -7.61 11.17 -0.22
HM'3 A2M B 8 -7.74 9.52 -0.87
H8 A2M B 8 -2.35 9.22 -2.30
OP2 A2M B 8 -0.04 10.29 -4.05
H61 A2M B 8 -0.91 8.70 2.29
H62 A2M B 8 -1.74 8.66 3.84
H2 A2M B 8 -6.11 9.02 2.89
P A2M B 9 -4.97 14.31 -2.62
OP1 A2M B 9 -5.51 15.43 -3.42
O5' A2M B 9 -5.66 14.33 -1.19
C5' A2M B 9 -7.04 13.99 -1.04
C4' A2M B 9 -7.37 13.74 0.42
O4' A2M B 9 -6.50 12.69 0.92
C3' A2M B 9 -7.12 14.92 1.34
O3' A2M B 9 -8.26 15.79 1.43
C2' A2M B 9 -6.79 14.28 2.69
O2' A2M B 9 -7.95 14.01 3.48
C1' A2M B 9 -6.15 12.95 2.27
CM' A2M B 9 -8.93 13.28 2.72
N9 A2M B 9 -4.69 12.99 2.35
C8 A2M B 9 -3.79 13.21 1.35
N7 A2M B 9 -2.54 13.18 1.73
C5 A2M B 9 -2.62 12.92 3.09
C6 A2M B 9 -1.63 12.77 4.09
N6 A2M B 9 -0.32 12.85 3.85
N1 A2M B 9 -2.05 12.51 5.36
C2 A2M B 9 -3.36 12.44 5.58
N3 A2M B 9 -4.38 12.56 4.73
C4 A2M B 9 -3.94 12.80 3.49
H5' A2M B 9 -7.27 13.08 -1.62
H5'' A2M B 9 -7.67 14.81 -1.41
H4' A2M B 9 -8.42 13.50 0.48
H3' A2M B 9 -6.31 15.55 0.98
HO3' A2M B 9 -8.63 15.67 2.31
H2' A2M B 9 -6.07 14.89 3.22
H1' A2M B 9 -6.50 12.12 2.86
HM'1 A2M B 9 -8.43 12.47 2.19
HM'2 A2M B 9 -9.40 13.95 2.01
HM'3 A2M B 9 -9.67 12.87 3.40
H8 A2M B 9 -4.09 13.41 0.33
OP2 A2M B 9 -3.49 14.20 -2.41
H61 A2M B 9 -0.01 13.04 2.92
H62 A2M B 9 0.34 12.73 4.61
H2 A2M B 9 -3.65 12.23 6.62
O5' A2M A 2 4.55 -12.81 -4.98
C5' A2M A 2 4.72 -13.14 -6.36
C4' A2M A 2 3.40 -13.10 -7.09
O4' A2M A 2 2.64 -14.30 -6.77
C3' A2M A 2 2.47 -11.96 -6.69
O3' A2M A 2 2.75 -10.76 -7.42
C2' A2M A 2 1.09 -12.52 -6.98
O2' A2M A 2 0.80 -12.50 -8.37
C1' A2M A 2 1.29 -13.98 -6.55
CM' A2M A 2 -0.59 -12.76 -8.57
N9 A2M A 2 0.99 -14.18 -5.13
C8 A2M A 2 1.88 -14.26 -4.09
N7 A2M A 2 1.32 -14.41 -2.92
C5 A2M A 2 -0.04 -14.43 -3.21
C6 A2M A 2 -1.18 -14.57 -2.39
N6 A2M A 2 -1.12 -14.70 -1.07
N1 A2M A 2 -2.39 -14.56 -3.00
C2 A2M A 2 -2.44 -14.42 -4.32
N3 A2M A 2 -1.45 -14.28 -5.20
C4 A2M A 2 -0.26 -14.30 -4.57
H5' A2M A 2 5.14 -14.14 -6.45
H5'' A2M A 2 5.39 -12.43 -6.82
H4' A2M A 2 3.60 -12.98 -8.15
H3' A2M A 2 2.60 -11.69 -5.64
H2' A2M A 2 0.33 -12.03 -6.39
H1' A2M A 2 0.68 -14.67 -7.13
HM'1 A2M A 2 -0.86 -12.53 -9.60
HM'2 A2M A 2 -0.81 -13.81 -8.36
HM'3 A2M A 2 -1.17 -12.13 -7.90
H8 A2M A 2 2.95 -14.20 -4.23
H61 A2M A 2 -0.22 -14.70 -0.61
H62 A2M A 2 -1.97 -14.79 -0.53
H2 A2M A 2 -3.44 -14.41 -4.76
P A2M A 3 2.54 -9.33 -6.71
OP1 A2M A 3 2.97 -8.29 -7.68
O5' A2M A 3 0.96 -9.23 -6.52
C5' A2M A 3 0.08 -9.41 -7.62
C4' A2M A 3 -1.35 -9.54 -7.14
O4' A2M A 3 -1.49 -10.71 -6.30
C3' A2M A 3 -1.86 -8.40 -6.26
O3' A2M A 3 -2.23 -7.25 -7.00
C2' A2M A 3 -3.02 -9.06 -5.53
O2' A2M A 3 -4.15 -9.17 -6.37
C1' A2M A 3 -2.45 -10.46 -5.29
CM' A2M A 3 -5.30 -9.50 -5.58
N9 A2M A 3 -1.81 -10.55 -3.98
C8 A2M A 3 -0.48 -10.52 -3.68
N7 A2M A 3 -0.22 -10.56 -2.39
C5 A2M A 3 -1.47 -10.65 -1.81
C6 A2M A 3 -1.90 -10.73 -0.47
N6 A2M A 3 -1.07 -10.71 0.57
N1 A2M A 3 -3.23 -10.80 -0.23
C2 A2M A 3 -4.06 -10.79 -1.27
N3 A2M A 3 -3.79 -10.71 -2.57
C4 A2M A 3 -2.46 -10.65 -2.77
H5' A2M A 3 0.35 -10.31 -8.16
H5'' A2M A 3 0.15 -8.56 -8.29
H4' A2M A 3 -1.99 -9.55 -8.02
H3' A2M A 3 -1.08 -8.06 -5.57
H2' A2M A 3 -3.24 -8.54 -4.60
H1' A2M A 3 -3.21 -11.24 -5.36
HM'1 A2M A 3 -5.21 -10.54 -5.25
HM'2 A2M A 3 -5.34 -8.85 -4.72
HM'3 A2M A 3 -6.20 -9.38 -6.18
H8 A2M A 3 0.30 -10.46 -4.43
OP2 A2M A 3 3.17 -9.39 -5.36
H61 A2M A 3 -0.06 -10.64 0.42
H62 A2M A 3 -1.44 -10.73 1.51
H2 A2M A 3 -5.12 -10.84 -1.02
P A2M A 4 -2.04 -5.78 -6.36
OP1 A2M A 4 -2.43 -4.80 -7.38
O5' A2M A 4 -3.10 -5.73 -5.18
C5' A2M A 4 -4.47 -6.08 -5.42
C4' A2M A 4 -5.22 -6.22 -4.12
O4' A2M A 4 -4.69 -7.34 -3.34
C3' A2M A 4 -5.14 -5.05 -3.15
O3' A2M A 4 -6.00 -3.97 -3.50
C2' A2M A 4 -5.51 -5.70 -1.83
O2' A2M A 4 -6.91 -5.93 -1.73
C1' A2M A 4 -4.80 -7.05 -1.96
CM' A2M A 4 -7.25 -6.19 -0.37
N9 A2M A 4 -3.47 -6.98 -1.36
C8 A2M A 4 -2.26 -6.91 -1.98
N7 A2M A 4 -1.24 -6.80 -1.15
C5 A2M A 4 -1.84 -6.83 0.11
C6 A2M A 4 -1.31 -6.75 1.40
N6 A2M A 4 -0.01 -6.61 1.68
N1 A2M A 4 -2.18 -6.81 2.44
C2 A2M A 4 -3.49 -6.94 2.17
N3 A2M A 4 -4.10 -7.01 0.99
C4 A2M A 4 -3.21 -6.95 -0.01
H5' A2M A 4 -4.52 -7.02 -5.98
H5'' A2M A 4 -4.94 -5.30 -6.01
H4' A2M A 4 -6.27 -6.34 -4.37
H3' A2M A 4 -4.13 -4.63 -3.13
H2' A2M A 4 -5.12 -5.12 -0.99
H1' A2M A 4 -5.35 -7.87 -1.49
HM'1 A2M A 4 -8.33 -6.24 -0.28
HM'2 A2M A 4 -6.82 -7.14 -0.07
HM'3 A2M A 4 -6.86 -5.39 0.26
H8 A2M A 4 -2.13 -6.92 -3.06
OP2 A2M A 4 -0.68 -5.73 -5.76
H61 A2M A 4 0.65 -6.55 0.92
H62 A2M A 4 0.30 -6.52 2.64
H2 A2M A 4 -4.14 -6.98 3.04
P A2M A 5 -5.53 -2.47 -3.20
OP1 A2M A 5 -6.55 -1.55 -3.78
O5' A2M A 5 -5.61 -2.36 -1.61
C5' A2M A 5 -6.81 -2.67 -0.91
C4' A2M A 5 -6.57 -2.68 0.58
O4' A2M A 5 -5.60 -3.72 0.92
C3' A2M A 5 -5.96 -1.42 1.19
O3' A2M A 5 -6.92 -0.39 1.39
C2' A2M A 5 -5.37 -1.94 2.48
O2' A2M A 5 -6.37 -2.15 3.47
C1' A2M A 5 -4.83 -3.30 2.04
CM' A2M A 5 -5.78 -2.06 4.76
N9 A2M A 5 -3.43 -3.21 1.65
C8 A2M A 5 -2.90 -3.23 0.39
N7 A2M A 5 -1.58 -3.07 0.36
C5 A2M A 5 -1.24 -2.96 1.71
C6 A2M A 5 -0.02 -2.77 2.37
N6 A2M A 5 1.15 -2.64 1.73
N1 A2M A 5 -0.03 -2.69 3.71
C2 A2M A 5 -1.20 -2.80 4.35
N3 A2M A 5 -2.42 -2.97 3.85
C4 A2M A 5 -2.37 -3.05 2.50
H5' A2M A 5 -7.17 -3.65 -1.23
H5'' A2M A 5 -7.57 -1.92 -1.14
H4' A2M A 5 -7.54 -2.83 1.06
H3' A2M A 5 -5.21 -1.00 0.53
H2' A2M A 5 -4.57 -1.29 2.83
H1' A2M A 5 -4.93 -4.06 2.81
HM'1 A2M A 5 -5.03 -2.85 4.88
HM'2 A2M A 5 -6.55 -2.16 5.52
HM'3 A2M A 5 -5.29 -1.08 4.87
H8 A2M A 5 -3.49 -3.36 -0.51
OP2 A2M A 5 -4.11 -2.33 -3.60
H61 A2M A 5 1.15 -2.69 0.73
H62 A2M A 5 2.00 -2.49 2.25
H2 A2M A 5 -1.16 -2.72 5.44
P A2M A 7 -4.31 5.38 5.40
OP1 A2M A 7 -5.11 6.20 6.35
O5' A2M A 7 -2.77 5.56 5.75
C5' A2M A 7 -2.26 5.21 7.04
C4' A2M A 7 -0.75 5.27 7.05
O4' A2M A 7 -0.20 4.23 6.20
C3' A2M A 7 -0.12 6.55 6.52
O3' A2M A 7 -0.14 7.63 7.45
C2' A2M A 7 1.29 6.08 6.17
O2' A2M A 7 2.09 5.94 7.33
C1' A2M A 7 1.00 4.70 5.60
CM' A2M A 7 3.46 5.82 6.94
N9 A2M A 7 0.82 4.77 4.15
C8 A2M A 7 -0.35 4.74 3.43
N7 A2M A 7 -0.18 4.89 2.14
C5 A2M A 7 1.20 5.02 2.00
C6 A2M A 7 2.02 5.21 0.87
N6 A2M A 7 1.56 5.33 -0.37
N1 A2M A 7 3.35 5.29 1.08
C2 A2M A 7 3.82 5.18 2.33
N3 A2M A 7 3.14 5.00 3.46
C4 A2M A 7 1.83 4.93 3.22
H5' A2M A 7 -2.58 4.20 7.30
H5'' A2M A 7 -2.65 5.92 7.78
H4' A2M A 7 -0.43 5.18 8.09
H3' A2M A 7 -0.65 6.91 5.64
H2' A2M A 7 1.74 6.75 5.42
H1' A2M A 7 1.78 3.98 5.82
HM'1 A2M A 7 4.09 5.92 7.82
HM'2 A2M A 7 3.71 6.61 6.23
HM'3 A2M A 7 3.63 4.84 6.48
H8 A2M A 7 -1.32 4.60 3.89
OP2 A2M A 7 -4.49 5.57 3.94
H61 A2M A 7 0.56 5.29 -0.52
H62 A2M A 7 2.20 5.51 -1.14
H2 A2M A 7 4.90 5.25 2.44
P A2M A 8 -0.29 9.13 6.90
OP1 A2M A 8 -0.43 10.02 8.08
O5' A2M A 8 1.11 9.44 6.21
C5' A2M A 8 2.34 9.16 6.88
C4' A2M A 8 3.51 9.29 5.94
O4' A2M A 8 3.42 8.28 4.89
C3' A2M A 8 3.60 10.59 5.17
O3' A2M A 8 4.15 11.66 5.94
C2' A2M A 8 4.48 10.22 3.98
O2' A2M A 8 5.84 10.13 4.35
C1' A2M A 8 3.96 8.80 3.69
CM' A2M A 8 6.65 10.10 3.17
N9 A2M A 8 2.92 8.83 2.66
C8 A2M A 8 1.57 8.68 2.83
N7 A2M A 8 0.88 8.79 1.71
C5 A2M A 8 1.86 9.01 0.74
C6 A2M A 8 1.78 9.22 -0.65
N6 A2M A 8 0.64 9.26 -1.35
N1 A2M A 8 2.94 9.39 -1.32
C2 A2M A 8 4.09 9.38 -0.62
N3 A2M A 8 4.28 9.20 0.68
C4 A2M A 8 3.11 9.02 1.32
H5' A2M A 8 2.31 8.14 7.28
H5'' A2M A 8 2.47 9.86 7.71
H4' A2M A 8 4.42 9.22 6.53
H3' A2M A 8 2.62 10.94 4.85
H2' A2M A 8 4.31 10.89 3.14
H1' A2M A 8 4.75 8.13 3.36
HM'1 A2M A 8 7.69 10.29 3.45
HM'2 A2M A 8 6.57 9.13 2.70
HM'3 A2M A 8 6.31 10.88 2.49
H8 A2M A 8 1.10 8.49 3.79
OP2 A2M A 8 -1.34 9.14 5.85
H61 A2M A 8 -0.24 9.13 -0.85
H62 A2M A 8 0.65 9.43 -2.33
H2 A2M A 8 5.00 9.53 -1.21
P A2M A 9 3.62 13.15 5.73
OP1 A2M A 9 4.19 13.98 6.84
O5' A2M A 9 4.30 13.62 4.37
C5' A2M A 9 5.68 13.38 4.12
C4' A2M A 9 5.97 13.48 2.64
O4' A2M A 9 5.11 12.58 1.91
C3' A2M A 9 5.70 14.84 2.01
O3' A2M A 9 6.78 15.75 2.19
C2' A2M A 9 5.48 14.49 0.54
O2' A2M A 9 6.71 14.28 -0.12
C1' A2M A 9 4.76 13.14 0.66
CM' A2M A 9 7.10 15.49 -0.77
N9 A2M A 9 3.31 13.25 0.59
C8 A2M A 9 2.40 13.17 1.62
N7 A2M A 9 1.16 13.31 1.24
C5 A2M A 9 1.24 13.48 -0.13
C6 A2M A 9 0.26 13.67 -1.13
N6 A2M A 9 -1.05 13.73 -0.88
N1 A2M A 9 0.68 13.82 -2.41
C2 A2M A 9 2.00 13.77 -2.65
N3 A2M A 9 3.01 13.59 -1.81
C4 A2M A 9 2.55 13.45 -0.55
H5' A2M A 9 5.95 12.38 4.46
H5'' A2M A 9 6.28 14.12 4.65
H4' A2M A 9 7.03 13.27 2.49
H3' A2M A 9 4.82 15.31 2.45
HO3' A2M A 9 7.46 15.49 1.56
H2' A2M A 9 4.86 15.23 0.05
H1' A2M A 9 5.08 12.44 -0.11
HM'1 A2M A 9 6.35 15.74 -1.53
HM'2 A2M A 9 7.17 16.29 -0.04
HM'3 A2M A 9 8.08 15.34 -1.24
H8 A2M A 9 2.69 13.03 2.64
OP2 A2M A 9 2.15 13.11 5.52
H61 A2M A 9 -1.38 13.61 0.07
H62 A2M A 9 -1.72 13.86 -1.64
H2 A2M A 9 2.28 13.89 -3.70
O5' A2M B 2 -2.07 -14.02 2.83
C5' A2M B 2 -2.19 -14.48 4.17
C4' A2M B 2 -0.93 -14.17 4.95
O4' A2M B 2 0.09 -15.14 4.59
C3' A2M B 2 -0.30 -12.81 4.66
O3' A2M B 2 -0.86 -11.77 5.46
C2' A2M B 2 1.18 -13.06 4.95
O2' A2M B 2 1.44 -13.07 6.35
C1' A2M B 2 1.34 -14.48 4.41
CM' A2M B 2 2.85 -13.03 6.55
N9 A2M B 2 1.67 -14.49 2.99
C8 A2M B 2 0.80 -14.65 1.93
N7 A2M B 2 1.38 -14.59 0.75
C5 A2M B 2 2.72 -14.39 1.06
C6 A2M B 2 3.86 -14.24 0.25
N6 A2M B 2 3.83 -14.26 -1.08
N1 A2M B 2 5.05 -14.06 0.87
C2 A2M B 2 5.08 -14.03 2.21
N3 A2M B 2 4.07 -14.16 3.07
C4 A2M B 2 2.92 -14.34 2.43
H5' A2M B 2 -2.36 -15.56 4.18
H5'' A2M B 2 -3.02 -13.98 4.66
H4' A2M B 2 -1.18 -14.18 6.01
H3' A2M B 2 -0.46 -12.52 3.63
H2' A2M B 2 1.80 -12.35 4.40
H1' A2M B 2 2.09 -15.05 4.94
HM'1 A2M B 2 3.29 -12.25 5.92
HM'2 A2M B 2 3.28 -13.99 6.30
HM'3 A2M B 2 3.05 -12.80 7.61
H8 A2M B 2 -0.26 -14.80 2.06
H61 A2M B 2 2.94 -14.39 -1.56
H62 A2M B 2 4.68 -14.15 -1.61
H2 A2M B 2 6.07 -13.88 2.65
P A2M B 3 -0.96 -10.28 4.86
OP1 A2M B 3 -1.58 -9.43 5.90
O5' A2M B 3 0.56 -9.83 4.69
C5' A2M B 3 1.46 -9.87 5.79
C4' A2M B 3 2.89 -9.71 5.32
O4' A2M B 3 3.22 -10.77 4.38
C3' A2M B 3 3.20 -8.43 4.55
O3' A2M B 3 3.37 -7.30 5.38
C2' A2M B 3 4.46 -8.83 3.78
O2' A2M B 3 5.59 -8.83 4.62
C1' A2M B 3 4.13 -10.27 3.41
CM' A2M B 3 6.78 -8.85 3.82
N9 A2M B 3 3.49 -10.33 2.09
C8 A2M B 3 2.18 -10.60 1.78
N7 A2M B 3 1.91 -10.53 0.50
C5 A2M B 3 3.13 -10.20 -0.07
C6 A2M B 3 3.54 -9.97 -1.41
N6 A2M B 3 2.70 -10.04 -2.45
N1 A2M B 3 4.83 -9.68 -1.64
C2 A2M B 3 5.66 -9.60 -0.59
N3 A2M B 3 5.41 -9.78 0.70
C4 A2M B 3 4.11 -10.08 0.89
H5' A2M B 3 1.37 -10.83 6.32
H5'' A2M B 3 1.22 -9.07 6.48
H4' A2M B 3 3.52 -9.70 6.21
H3' A2M B 3 2.38 -8.18 3.87
H2' A2M B 3 4.58 -8.19 2.90
H1' A2M B 3 5.00 -10.91 3.40
HM'1 A2M B 3 6.84 -7.92 3.25
HM'2 A2M B 3 6.73 -9.69 3.13
HM'3 A2M B 3 7.65 -8.94 4.46
H8 A2M B 3 1.44 -10.83 2.53
OP2 A2M B 3 -1.58 -10.37 3.51
H61 A2M B 3 1.72 -10.26 -2.29
H62 A2M B 3 3.04 -9.85 -3.38
H2 A2M B 3 6.69 -9.33 -0.83
P A2M B 4 2.82 -5.87 4.91
OP1 A2M B 4 2.96 -4.94 6.05
O5' A2M B 4 3.84 -5.42 3.77
C5' A2M B 4 5.24 -5.59 3.95
C4' A2M B 4 5.99 -5.30 2.66
O4' A2M B 4 5.75 -6.36 1.70
C3' A2M B 4 5.57 -4.04 1.92
O3' A2M B 4 6.12 -2.85 2.46
C2' A2M B 4 6.06 -4.33 0.50
O2' A2M B 4 7.47 -4.16 0.39
C1' A2M B 4 5.75 -5.83 0.39
CM' A2M B 4 7.84 -4.15 -0.99
N9 A2M B 4 4.43 -6.04 -0.22
C8 A2M B 4 3.25 -6.38 0.37
N7 A2M B 4 2.24 -6.44 -0.46
C5 A2M B 4 2.79 -6.11 -1.69
C6 A2M B 4 2.25 -5.99 -2.98
N6 A2M B 4 0.95 -6.18 -3.26
N1 A2M B 4 3.08 -5.65 -3.99
C2 A2M B 4 4.38 -5.46 -3.70
N3 A2M B 4 5.01 -5.53 -2.54
C4 A2M B 4 4.15 -5.87 -1.55
H5' A2M B 4 5.47 -6.61 4.27
H5'' A2M B 4 5.60 -4.90 4.72
H4' A2M B 4 7.04 -5.17 2.92
H3' A2M B 4 4.49 -3.91 1.95
H2' A2M B 4 5.51 -3.75 -0.23
H1' A2M B 4 6.49 -6.37 -0.19
HM'1 A2M B 4 7.79 -5.18 -1.37
HM'2 A2M B 4 8.85 -3.78 -1.09
HM'3 A2M B 4 7.15 -3.52 -1.54
H8 A2M B 4 3.16 -6.58 1.43
OP2 A2M B 4 1.49 -6.07 4.28
H61 A2M B 4 0.32 -6.42 -2.50
H62 A2M B 4 0.62 -6.05 -4.20
H2 A2M B 4 5.00 -5.17 -4.55
P A2M B 5 5.28 -1.49 2.41
OP1 A2M B 5 6.02 -0.48 3.20
O5' A2M B 5 5.33 -1.07 0.88
C5' A2M B 5 6.55 -1.13 0.14
C4' A2M B 5 6.31 -0.92 -1.33
O4' A2M B 5 5.62 -2.08 -1.89
C3' A2M B 5 5.40 0.24 -1.70
O3' A2M B 5 6.06 1.50 -1.66
C2' A2M B 5 4.93 -0.15 -3.10
O2' A2M B 5 5.94 0.09 -4.07
C1' A2M B 5 4.75 -1.65 -2.94
CM' A2M B 5 5.37 0.00 -5.37
N9 A2M B 5 3.37 -1.98 -2.58
C8 A2M B 5 2.88 -2.34 -1.34
N7 A2M B 5 1.58 -2.52 -1.34
C5 A2M B 5 1.20 -2.29 -2.65
C6 A2M B 5 -0.06 -2.32 -3.30
N6 A2M B 5 -1.20 -2.59 -2.68
N1 A2M B 5 -0.08 -2.04 -4.62
C2 A2M B 5 1.07 -1.73 -5.23
N3 A2M B 5 2.31 -1.67 -4.73
C4 A2M B 5 2.30 -1.97 -3.42
H5' A2M B 5 7.03 -2.10 0.29
H5'' A2M B 5 7.23 -0.36 0.50
H4' A2M B 5 7.27 -0.72 -1.80
H3' A2M B 5 4.56 0.32 -1.01
H2' A2M B 5 3.98 0.35 -3.34
H1' A2M B 5 5.01 -2.22 -3.83
HM'1 A2M B 5 4.44 0.58 -5.41
HM'2 A2M B 5 5.15 -1.05 -5.59
HM'3 A2M B 5 6.07 0.39 -6.10
H8 A2M B 5 3.50 -2.44 -0.47
OP2 A2M B 5 3.87 -1.81 2.75
H61 A2M B 5 -1.18 -2.80 -1.69
H62 A2M B 5 -2.08 -2.59 -3.19
H2 A2M B 5 0.99 -1.50 -6.29
P A2M B 7 2.71 6.79 -4.28
OP1 A2M B 7 3.52 7.89 -4.86
O5' A2M B 7 1.18 7.06 -4.66
C5' A2M B 7 0.68 6.78 -5.96
C4' A2M B 7 -0.83 6.85 -5.98
O4' A2M B 7 -1.38 5.66 -5.37
C3' A2M B 7 -1.45 7.99 -5.19
O3' A2M B 7 -1.42 9.22 -5.89
C2' A2M B 7 -2.86 7.46 -4.95
O2' A2M B 7 -3.66 7.58 -6.10
C1' A2M B 7 -2.58 5.98 -4.68
CM' A2M B 7 -5.04 7.49 -5.73
N9 A2M B 7 -2.41 5.72 -3.26
C8 A2M B 7 -1.24 5.50 -2.57
N7 A2M B 7 -1.41 5.34 -1.28
C5 A2M B 7 -2.78 5.43 -1.11
C6 A2M B 7 -3.61 5.36 0.03
N6 A2M B 7 -3.15 5.17 1.27
N1 A2M B 7 -4.94 5.49 -0.16
C2 A2M B 7 -5.40 5.71 -1.40
N3 A2M B 7 -4.73 5.80 -2.54
C4 A2M B 7 -3.41 5.66 -2.32
H5' A2M B 7 1.00 5.79 -6.28
H5'' A2M B 7 1.08 7.53 -6.66
H4' A2M B 7 -1.14 6.98 -7.02
H3' A2M B 7 -0.92 8.16 -4.26
H2' A2M B 7 -3.31 7.94 -4.07
H1' A2M B 7 -3.36 5.32 -5.07
HM'1 A2M B 7 -5.29 8.31 -5.05
HM'2 A2M B 7 -5.23 6.54 -5.25
HM'3 A2M B 7 -5.66 7.58 -6.63
H8 A2M B 7 -0.27 5.48 -3.05
OP2 A2M B 7 2.79 6.51 -2.84
H61 A2M B 7 -2.16 5.07 1.41
H62 A2M B 7 -3.79 5.13 2.05
H2 A2M B 7 -6.49 5.81 -1.48
P A2M B 8 -1.12 10.58 -5.08
OP1 A2M B 8 -0.94 11.66 -6.08
O5' A2M B 8 -2.48 10.86 -4.30
C5' A2M B 8 -3.72 10.90 -4.99
C4' A2M B 8 -4.87 10.71 -4.02
O4' A2M B 8 -4.74 9.42 -3.33
C3' A2M B 8 -4.98 11.71 -2.89
O3' A2M B 8 -5.56 12.94 -3.30
C2' A2M B 8 -5.81 10.96 -1.86
O2' A2M B 8 -7.18 10.94 -2.22
C1' A2M B 8 -5.25 9.55 -2.02
CM' A2M B 8 -7.96 10.60 -1.08
N9 A2M B 8 -4.18 9.29 -1.06
C8 A2M B 8 -2.83 9.20 -1.30
N7 A2M B 8 -2.11 9.03 -0.21
C5 A2M B 8 -3.06 9.00 0.81
C6 A2M B 8 -2.96 8.85 2.21
N6 A2M B 8 -1.80 8.73 2.85
N1 A2M B 8 -4.11 8.86 2.93
C2 A2M B 8 -5.27 9.00 2.28
N3 A2M B 8 -5.49 9.16 0.98
C4 A2M B 8 -4.34 9.15 0.29
H5' A2M B 8 -3.75 10.11 -5.74
H5'' A2M B 8 -3.84 11.87 -5.48
H4' A2M B 8 -5.80 10.79 -4.60
H3' A2M B 8 -3.99 11.97 -2.50
H2' A2M B 8 -5.64 11.35 -0.86
H1' A2M B 8 -6.01 8.77 -1.89
HM'1 A2M B 8 -9.03 10.69 -1.33
HM'2 A2M B 8 -7.73 11.28 -0.26
HM'3 A2M B 8 -7.74 9.58 -0.79
H8 A2M B 8 -2.39 9.27 -2.28
OP2 A2M B 8 -0.05 10.30 -4.08
H61 A2M B 8 -0.95 8.73 2.32
H62 A2M B 8 -1.78 8.68 3.86
H2 A2M B 8 -6.16 9.00 2.92
P A2M B 9 -5.03 14.32 -2.66
OP1 A2M B 9 -5.62 15.43 -3.45
O5' A2M B 9 -5.69 14.35 -1.21
C5' A2M B 9 -7.08 14.11 -1.02
C4' A2M B 9 -7.37 13.84 0.44
O4' A2M B 9 -6.54 12.75 0.90
C3' A2M B 9 -7.07 14.98 1.39
O3' A2M B 9 -8.12 15.95 1.44
C2' A2M B 9 -6.87 14.25 2.72
O2' A2M B 9 -8.12 13.91 3.31
C1' A2M B 9 -6.18 12.98 2.26
CM' A2M B 9 -8.16 14.42 4.64
N9 A2M B 9 -4.73 13.03 2.36
C8 A2M B 9 -3.82 13.21 1.34
N7 A2M B 9 -2.57 13.22 1.74
C5 A2M B 9 -2.67 13.03 3.12
C6 A2M B 9 -1.68 12.94 4.13
N6 A2M B 9 -0.37 13.04 3.90
N1 A2M B 9 -2.11 12.75 5.40
C2 A2M B 9 -3.43 12.66 5.62
N3 A2M B 9 -4.44 12.73 4.76
C4 A2M B 9 -3.98 12.91 3.51
H5' A2M B 9 -7.38 13.24 -1.62
H5'' A2M B 9 -7.66 14.97 -1.35
H4' A2M B 9 -8.45 13.63 0.53
H3' A2M B 9 -6.18 15.53 1.09
HO3' A2M B 9 -8.52 15.98 0.57
H2' A2M B 9 -6.24 14.85 3.38
H1' A2M B 9 -6.53 12.10 2.83
HM'1 A2M B 9 -8.04 15.50 4.61
HM'2 A2M B 9 -7.35 13.97 5.23
HM'3 A2M B 9 -9.12 14.17 5.10
H8 A2M B 9 -4.12 13.34 0.31
OP2 A2M B 9 -3.56 14.23 -2.50
H61 A2M B 9 -0.05 13.18 2.96
H62 A2M B 9 0.30 12.97 4.66
H2 A2M B 9 -3.71 12.50 6.67
O5' A2M A 2 4.66 -12.78 -5.03
C5' A2M A 2 4.87 -13.10 -6.41
C4' A2M A 2 3.56 -13.08 -7.16
O4' A2M A 2 2.83 -14.30 -6.87
C3' A2M A 2 2.60 -11.96 -6.79
O3' A2M A 2 2.86 -10.76 -7.51
C2' A2M A 2 1.24 -12.56 -7.10
O2' A2M A 2 0.97 -12.55 -8.50
C1' A2M A 2 1.47 -14.01 -6.67
CM' A2M A 2 -0.41 -12.81 -8.71
N9 A2M A 2 1.15 -14.22 -5.25
C8 A2M A 2 2.04 -14.31 -4.20
N7 A2M A 2 1.47 -14.46 -3.03
C5 A2M A 2 0.11 -14.48 -3.34
C6 A2M A 2 -1.03 -14.63 -2.53
N6 A2M A 2 -0.99 -14.76 -1.20
N1 A2M A 2 -2.24 -14.62 -3.15
C2 A2M A 2 -2.28 -14.47 -4.47
N3 A2M A 2 -1.28 -14.33 -5.34
C4 A2M A 2 -0.10 -14.35 -4.70
H5' A2M A 2 5.31 -14.09 -6.49
H5'' A2M A 2 5.54 -12.37 -6.86
H4' A2M A 2 3.79 -12.96 -8.22
H3' A2M A 2 2.69 -11.70 -5.73
H2' A2M A 2 0.46 -12.09 -6.52
H1' A2M A 2 0.88 -14.72 -7.25
HM'1 A2M A 2 -0.64 -13.84 -8.45
HM'2 A2M A 2 -1.01 -12.14 -8.09
HM'3 A2M A 2 -0.65 -12.63 -9.76
H8 A2M A 2 3.11 -14.25 -4.33
H61 A2M A 2 -0.09 -14.77 -0.74
H62 A2M A 2 -1.84 -14.85 -0.67
H2 A2M A 2 -3.28 -14.47 -4.91
P A2M A 3 2.65 -9.34 -6.78
OP1 A2M A 3 3.09 -8.29 -7.74
O5' A2M A 3 1.07 -9.23 -6.60
C5' A2M A 3 0.20 -9.42 -7.71
C4' A2M A 3 -1.23 -9.56 -7.24
O4' A2M A 3 -1.36 -10.74 -6.41
C3' A2M A 3 -1.75 -8.43 -6.36
O3' A2M A 3 -2.14 -7.28 -7.10
C2' A2M A 3 -2.92 -9.10 -5.64
O2' A2M A 3 -4.05 -9.22 -6.49
C1' A2M A 3 -2.34 -10.50 -5.41
CM' A2M A 3 -5.19 -9.56 -5.70
N9 A2M A 3 -1.70 -10.59 -4.09
C8 A2M A 3 -0.37 -10.53 -3.79
N7 A2M A 3 -0.12 -10.58 -2.49
C5 A2M A 3 -1.39 -10.68 -1.92
C6 A2M A 3 -1.82 -10.76 -0.58
N6 A2M A 3 -0.99 -10.74 0.47
N1 A2M A 3 -3.14 -10.86 -0.36
C2 A2M A 3 -3.98 -10.86 -1.41
N3 A2M A 3 -3.69 -10.78 -2.70
C4 A2M A 3 -2.36 -10.70 -2.90
H5' A2M A 3 0.48 -10.31 -8.26
H5'' A2M A 3 0.27 -8.57 -8.38
H4' A2M A 3 -1.86 -9.58 -8.13
H3' A2M A 3 -0.98 -8.09 -5.66
H2' A2M A 3 -3.14 -8.59 -4.70
H1' A2M A 3 -3.09 -11.28 -5.48
HM'1 A2M A 3 -6.09 -9.45 -6.30
HM'2 A2M A 3 -5.10 -10.60 -5.37
HM'3 A2M A 3 -5.25 -8.91 -4.83
H8 A2M A 3 0.41 -10.46 -4.53
OP2 A2M A 3 3.28 -9.41 -5.43
H61 A2M A 3 0.01 -10.66 0.32
H62 A2M A 3 -1.38 -10.76 1.40
H2 A2M A 3 -5.03 -10.93 -1.16
P A2M A 4 -1.96 -5.82 -6.44
OP1 A2M A 4 -2.37 -4.83 -7.46
O5' A2M A 4 -3.04 -5.80 -5.27
C5' A2M A 4 -4.40 -6.13 -5.52
C4' A2M A 4 -5.17 -6.29 -4.23
O4' A2M A 4 -4.64 -7.41 -3.46
C3' A2M A 4 -5.10 -5.12 -3.26
O3' A2M A 4 -5.96 -4.04 -3.60
C2' A2M A 4 -5.50 -5.79 -1.94
O2' A2M A 4 -6.89 -6.03 -1.87
C1' A2M A 4 -4.78 -7.13 -2.08
CM' A2M A 4 -7.26 -6.27 -0.51
N9 A2M A 4 -3.45 -7.07 -1.46
C8 A2M A 4 -2.23 -6.98 -2.06
N7 A2M A 4 -1.23 -6.88 -1.23
C5 A2M A 4 -1.83 -6.91 0.03
C6 A2M A 4 -1.33 -6.85 1.34
N6 A2M A 4 -0.04 -6.71 1.63
N1 A2M A 4 -2.22 -6.92 2.36
C2 A2M A 4 -3.51 -7.05 2.07
N3 A2M A 4 -4.11 -7.12 0.88
C4 A2M A 4 -3.21 -7.05 -0.11
H5' A2M A 4 -4.45 -7.06 -6.09
H5'' A2M A 4 -4.86 -5.34 -6.11
H4' A2M A 4 -6.22 -6.41 -4.49
H3' A2M A 4 -4.10 -4.70 -3.21
H2' A2M A 4 -5.11 -5.21 -1.09
H1' A2M A 4 -5.33 -7.96 -1.62
HM'1 A2M A 4 -6.90 -5.43 0.11
HM'2 A2M A 4 -8.35 -6.33 -0.44
HM'3 A2M A 4 -6.81 -7.19 -0.17
H8 A2M A 4 -2.09 -6.99 -3.14
OP2 A2M A 4 -0.61 -5.75 -5.83
H61 A2M A 4 0.63 -6.63 0.87
H62 A2M A 4 0.27 -6.63 2.60
H2 A2M A 4 -4.18 -7.10 2.94
P A2M A 5 -5.53 -2.55 -3.22
OP1 A2M A 5 -6.57 -1.62 -3.75
O5' A2M A 5 -5.59 -2.52 -1.62
C5' A2M A 5 -6.82 -2.69 -0.94
C4' A2M A 5 -6.61 -2.75 0.56
O4' A2M A 5 -5.64 -3.79 0.88
C3' A2M A 5 -6.02 -1.49 1.20
O3' A2M A 5 -6.98 -0.48 1.43
C2' A2M A 5 -5.43 -2.04 2.49
O2' A2M A 5 -6.44 -2.29 3.47
C1' A2M A 5 -4.89 -3.39 2.02
CM' A2M A 5 -5.87 -2.21 4.76
N9 A2M A 5 -3.48 -3.28 1.64
C8 A2M A 5 -2.93 -3.29 0.39
N7 A2M A 5 -1.63 -3.11 0.38
C5 A2M A 5 -1.30 -3.00 1.72
C6 A2M A 5 -0.08 -2.80 2.38
N6 A2M A 5 1.09 -2.66 1.76
N1 A2M A 5 -0.11 -2.73 3.74
C2 A2M A 5 -1.28 -2.85 4.36
N3 A2M A 5 -2.49 -3.03 3.85
C4 A2M A 5 -2.43 -3.11 2.50
H5' A2M A 5 -7.29 -3.62 -1.26
H5'' A2M A 5 -7.49 -1.86 -1.17
H4' A2M A 5 -7.58 -2.91 1.02
H3' A2M A 5 -5.26 -1.05 0.56
H2' A2M A 5 -4.64 -1.40 2.86
H1' A2M A 5 -4.98 -4.18 2.77
HM'1 A2M A 5 -5.10 -2.98 4.88
HM'2 A2M A 5 -6.64 -2.37 5.52
HM'3 A2M A 5 -5.42 -1.23 4.90
H8 A2M A 5 -3.51 -3.41 -0.52
OP2 A2M A 5 -4.10 -2.36 -3.62
H61 A2M A 5 1.11 -2.71 0.76
H62 A2M A 5 1.95 -2.51 2.29
H2 A2M A 5 -1.24 -2.77 5.45
P A2M A 7 -4.34 5.30 5.55
OP1 A2M A 7 -5.07 6.12 6.56
O5' A2M A 7 -2.78 5.41 5.86
C5' A2M A 7 -2.28 5.21 7.18
C4' A2M A 7 -0.77 5.34 7.19
O4' A2M A 7 -0.18 4.34 6.31
C3' A2M A 7 -0.21 6.66 6.68
O3' A2M A 7 -0.25 7.69 7.66
C2' A2M A 7 1.22 6.26 6.32
O2' A2M A 7 2.05 6.14 7.46
C1' A2M A 7 0.99 4.88 5.72
CM' A2M A 7 3.42 6.22 7.07
N9 A2M A 7 0.81 4.94 4.27
C8 A2M A 7 -0.37 4.92 3.57
N7 A2M A 7 -0.21 5.04 2.27
C5 A2M A 7 1.17 5.14 2.12
C6 A2M A 7 1.99 5.30 0.98
N6 A2M A 7 1.52 5.40 -0.26
N1 A2M A 7 3.32 5.36 1.17
C2 A2M A 7 3.80 5.27 2.43
N3 A2M A 7 3.13 5.13 3.56
C4 A2M A 7 1.81 5.07 3.34
H5' A2M A 7 -2.56 4.22 7.54
H5'' A2M A 7 -2.71 5.96 7.84
H4' A2M A 7 -0.46 5.24 8.23
H3' A2M A 7 -0.77 7.02 5.83
H2' A2M A 7 1.63 6.96 5.58
H1' A2M A 7 1.81 4.18 5.94
HM'1 A2M A 7 4.05 6.23 7.96
HM'2 A2M A 7 3.58 7.13 6.49
HM'3 A2M A 7 3.67 5.35 6.46
H8 A2M A 7 -1.33 4.81 4.04
OP2 A2M A 7 -4.55 5.56 4.10
H61 A2M A 7 0.52 5.36 -0.40
H62 A2M A 7 2.15 5.52 -1.04
H2 A2M A 7 4.88 5.33 2.52
P A2M A 8 -0.42 9.21 7.18
OP1 A2M A 8 -0.41 10.07 8.40
O5' A2M A 8 0.93 9.51 6.37
C5' A2M A 8 2.15 9.80 7.05
C4' A2M A 8 3.33 9.68 6.11
O4' A2M A 8 3.12 8.56 5.19
C3' A2M A 8 3.57 10.86 5.18
O3' A2M A 8 4.25 11.94 5.83
C2' A2M A 8 4.38 10.24 4.06
O2' A2M A 8 5.73 10.03 4.45
C1' A2M A 8 3.70 8.88 3.92
CM' A2M A 8 6.53 9.85 3.28
N9 A2M A 8 2.65 8.90 2.92
C8 A2M A 8 1.29 8.87 3.10
N7 A2M A 8 0.60 8.96 2.00
C5 A2M A 8 1.58 9.04 1.00
C6 A2M A 8 1.50 9.16 -0.39
N6 A2M A 8 0.36 9.24 -1.07
N1 A2M A 8 2.66 9.21 -1.08
C2 A2M A 8 3.81 9.15 -0.41
N3 A2M A 8 4.01 9.04 0.91
C4 A2M A 8 2.84 8.99 1.57
H5' A2M A 8 2.28 9.10 7.88
H5'' A2M A 8 2.11 10.81 7.45
H4' A2M A 8 4.22 9.57 6.72
H3' A2M A 8 2.63 11.28 4.83
H2' A2M A 8 4.29 10.82 3.14
H1' A2M A 8 4.40 8.07 3.69
HM'1 A2M A 8 6.27 8.89 2.81
HM'2 A2M A 8 6.35 10.65 2.58
HM'3 A2M A 8 7.59 9.84 3.57
H8 A2M A 8 0.83 8.79 4.08
OP2 A2M A 8 -1.55 9.29 6.23
H61 A2M A 8 -0.52 9.22 -0.56
H62 A2M A 8 0.35 9.36 -2.09
H2 A2M A 8 4.72 9.19 -1.02
P A2M A 9 3.91 13.45 5.42
OP1 A2M A 9 4.68 14.34 6.34
O5' A2M A 9 4.53 13.61 3.96
C5' A2M A 9 5.92 13.36 3.72
C4' A2M A 9 6.20 13.37 2.23
O4' A2M A 9 5.28 12.45 1.57
C3' A2M A 9 5.97 14.70 1.51
O3' A2M A 9 7.11 15.56 1.61
C2' A2M A 9 5.69 14.27 0.08
O2' A2M A 9 6.90 14.00 -0.61
C1' A2M A 9 4.94 12.96 0.29
CM' A2M A 9 6.83 14.58 -1.91
N9 A2M A 9 3.48 13.10 0.23
C8 A2M A 9 2.61 13.17 1.28
N7 A2M A 9 1.35 13.31 0.91
C5 A2M A 9 1.41 13.32 -0.47
C6 A2M A 9 0.41 13.43 -1.46
N6 A2M A 9 -0.89 13.56 -1.19
N1 A2M A 9 0.81 13.43 -2.75
C2 A2M A 9 2.12 13.31 -3.02
N3 A2M A 9 3.15 13.19 -2.18
C4 A2M A 9 2.71 13.20 -0.91
H5' A2M A 9 6.21 12.40 4.13
H5'' A2M A 9 6.52 14.14 4.18
H4' A2M A 9 7.25 13.12 2.09
H3' A2M A 9 5.14 15.25 1.96
HO3' A2M A 9 7.66 15.37 0.84
H2' A2M A 9 5.08 15.02 -0.43
H1' A2M A 9 5.23 12.20 -0.43
HM'1 A2M A 9 7.75 14.33 -2.46
HM'2 A2M A 9 5.96 14.19 -2.44
HM'3 A2M A 9 6.75 15.66 -1.82
H8 A2M A 9 2.92 13.13 2.32
OP2 A2M A 9 2.44 13.61 5.32
H61 A2M A 9 -1.18 13.57 -0.23
H62 A2M A 9 -1.57 13.64 -1.94
H2 A2M A 9 2.38 13.30 -4.08
O5' A2M B 2 -1.91 -14.11 2.59
C5' A2M B 2 -2.08 -14.57 3.94
C4' A2M B 2 -0.86 -14.25 4.77
O4' A2M B 2 0.19 -15.21 4.45
C3' A2M B 2 -0.25 -12.88 4.51
O3' A2M B 2 -0.82 -11.87 5.33
C2' A2M B 2 1.23 -13.10 4.79
O2' A2M B 2 1.58 -13.01 6.18
C1' A2M B 2 1.42 -14.52 4.28
CM' A2M B 2 0.85 -13.98 6.94
N9 A2M B 2 1.77 -14.55 2.86
C8 A2M B 2 0.92 -14.72 1.80
N7 A2M B 2 1.50 -14.67 0.63
C5 A2M B 2 2.84 -14.46 0.94
C6 A2M B 2 3.98 -14.31 0.14
N6 A2M B 2 3.96 -14.35 -1.19
N1 A2M B 2 5.16 -14.11 0.76
C2 A2M B 2 5.18 -14.07 2.11
N3 A2M B 2 4.18 -14.20 2.96
C4 A2M B 2 3.02 -14.39 2.31
H5' A2M B 2 -2.23 -15.66 3.92
H5'' A2M B 2 -2.95 -14.10 4.39
H4' A2M B 2 -1.17 -14.28 5.82
H3' A2M B 2 -0.43 -12.57 3.48
H2' A2M B 2 1.82 -12.40 4.19
H1' A2M B 2 2.19 -15.08 4.83
HM'1 A2M B 2 0.74 -14.90 6.37
HM'2 A2M B 2 -0.13 -13.57 7.18
HM'3 A2M B 2 1.39 -14.19 7.87
H8 A2M B 2 -0.14 -14.89 1.92
H61 A2M B 2 3.08 -14.48 -1.67
H62 A2M B 2 4.82 -14.23 -1.72
H2 A2M B 2 6.16 -13.89 2.55
P A2M B 3 -0.93 -10.36 4.76
OP1 A2M B 3 -1.58 -9.53 5.82
O5' A2M B 3 0.59 -9.90 4.62
C5' A2M B 3 1.50 -10.03 5.71
C4' A2M B 3 2.92 -9.82 5.25
O4' A2M B 3 3.29 -10.85 4.29
C3' A2M B 3 3.19 -8.52 4.50
O3' A2M B 3 3.34 -7.40 5.36
C2' A2M B 3 4.46 -8.86 3.73
O2' A2M B 3 5.61 -8.84 4.58
C1' A2M B 3 4.18 -10.30 3.33
CM' A2M B 3 6.78 -8.81 3.77
N9 A2M B 3 3.56 -10.37 2.02
C8 A2M B 3 2.25 -10.66 1.69
N7 A2M B 3 2.00 -10.58 0.41
C5 A2M B 3 3.22 -10.23 -0.16
C6 A2M B 3 3.62 -10.00 -1.48
N6 A2M B 3 2.79 -10.06 -2.53
N1 A2M B 3 4.90 -9.67 -1.70
C2 A2M B 3 5.74 -9.59 -0.66
N3 A2M B 3 5.48 -9.78 0.64
C4 A2M B 3 4.19 -10.10 0.82
H5' A2M B 3 1.40 -11.03 6.15
H5'' A2M B 3 1.26 -9.29 6.48
H4' A2M B 3 3.55 -9.80 6.14
H3' A2M B 3 2.37 -8.28 3.83
H2' A2M B 3 4.57 -8.21 2.86
H1' A2M B 3 5.07 -10.93 3.32
HM'1 A2M B 3 7.66 -8.67 4.43
HM'2 A2M B 3 6.72 -7.98 3.07
HM'3 A2M B 3 6.88 -9.74 3.24
H8 A2M B 3 1.51 -10.91 2.43
OP2 A2M B 3 -1.53 -10.42 3.41
H61 A2M B 3 1.82 -10.29 -2.38
H62 A2M B 3 3.13 -9.85 -3.45
H2 A2M B 3 6.76 -9.32 -0.89
P A2M B 4 2.76 -5.97 4.90
OP1 A2M B 4 2.87 -5.05 6.06
O5' A2M B 4 3.78 -5.49 3.78
C5' A2M B 4 5.19 -5.62 3.98
C4' A2M B 4 5.94 -5.33 2.70
O4' A2M B 4 5.70 -6.39 1.72
C3' A2M B 4 5.52 -4.07 1.95
O3' A2M B 4 6.07 -2.88 2.52
C2' A2M B 4 6.03 -4.35 0.54
O2' A2M B 4 7.43 -4.16 0.44
C1' A2M B 4 5.72 -5.84 0.42
CM' A2M B 4 7.80 -4.16 -0.94
N9 A2M B 4 4.42 -6.06 -0.22
C8 A2M B 4 3.23 -6.41 0.37
N7 A2M B 4 2.23 -6.47 -0.48
C5 A2M B 4 2.80 -6.13 -1.70
C6 A2M B 4 2.27 -6.00 -3.00
N6 A2M B 4 0.99 -6.20 -3.29
N1 A2M B 4 3.11 -5.66 -3.99
C2 A2M B 4 4.41 -5.45 -3.69
N3 A2M B 4 5.02 -5.53 -2.52
C4 A2M B 4 4.15 -5.88 -1.55
H5' A2M B 4 5.42 -6.64 4.31
H5'' A2M B 4 5.52 -4.92 4.74
H4' A2M B 4 6.99 -5.20 2.96
H3' A2M B 4 4.44 -3.94 1.98
H2' A2M B 4 5.47 -3.76 -0.19
H1' A2M B 4 6.47 -6.38 -0.15
HM'1 A2M B 4 8.82 -3.79 -1.04
HM'2 A2M B 4 7.12 -3.52 -1.50
HM'3 A2M B 4 7.74 -5.18 -1.33
H8 A2M B 4 3.13 -6.63 1.42
OP2 A2M B 4 1.44 -6.19 4.25
H61 A2M B 4 0.34 -6.45 -2.55
H62 A2M B 4 0.66 -6.07 -4.24
H2 A2M B 4 5.03 -5.16 -4.53
P A2M B 5 5.23 -1.52 2.47
OP1 A2M B 5 5.96 -0.52 3.28
O5' A2M B 5 5.29 -1.09 0.94
C5' A2M B 5 6.51 -1.16 0.22
C4' A2M B 5 6.27 -0.93 -1.26
O4' A2M B 5 5.60 -2.09 -1.83
C3' A2M B 5 5.37 0.23 -1.62
O3' A2M B 5 6.02 1.49 -1.56
C2' A2M B 5 4.92 -0.15 -3.03
O2' A2M B 5 5.93 0.10 -3.98
C1' A2M B 5 4.74 -1.66 -2.87
CM' A2M B 5 5.37 0.02 -5.30
N9 A2M B 5 3.36 -2.00 -2.52
C8 A2M B 5 2.85 -2.34 -1.30
N7 A2M B 5 1.55 -2.53 -1.29
C5 A2M B 5 1.18 -2.31 -2.61
C6 A2M B 5 -0.06 -2.34 -3.28
N6 A2M B 5 -1.22 -2.62 -2.67
N1 A2M B 5 -0.08 -2.06 -4.59
C2 A2M B 5 1.07 -1.76 -5.20
N3 A2M B 5 2.30 -1.69 -4.70
C4 A2M B 5 2.29 -1.98 -3.38
H5' A2M B 5 6.97 -2.13 0.37
H5'' A2M B 5 7.20 -0.39 0.58
H4' A2M B 5 7.24 -0.74 -1.72
H3' A2M B 5 4.53 0.30 -0.93
H2' A2M B 5 3.96 0.35 -3.27
H1' A2M B 5 5.01 -2.21 -3.77
HM'1 A2M B 5 5.16 -1.03 -5.54
HM'2 A2M B 5 6.08 0.43 -6.01
HM'3 A2M B 5 4.44 0.60 -5.33
H8 A2M B 5 3.47 -2.45 -0.41
OP2 A2M B 5 3.81 -1.84 2.80
H61 A2M B 5 -1.21 -2.82 -1.68
H62 A2M B 5 -2.09 -2.61 -3.18
H2 A2M B 5 0.99 -1.53 -6.27
P A2M B 7 2.64 6.76 -4.21
OP1 A2M B 7 3.43 7.86 -4.83
O5' A2M B 7 1.10 7.00 -4.55
C5' A2M B 7 0.60 6.76 -5.85
C4' A2M B 7 -0.92 6.78 -5.86
O4' A2M B 7 -1.43 5.57 -5.24
C3' A2M B 7 -1.57 7.89 -5.05
O3' A2M B 7 -1.58 9.14 -5.72
C2' A2M B 7 -2.97 7.32 -4.80
O2' A2M B 7 -3.78 7.41 -5.97
C1' A2M B 7 -2.64 5.86 -4.55
CM' A2M B 7 -5.15 7.24 -5.60
N9 A2M B 7 -2.46 5.61 -3.12
C8 A2M B 7 -1.29 5.38 -2.44
N7 A2M B 7 -1.46 5.25 -1.15
C5 A2M B 7 -2.83 5.40 -0.96
C6 A2M B 7 -3.64 5.39 0.18
N6 A2M B 7 -3.18 5.21 1.42
N1 A2M B 7 -4.97 5.57 0.00
C2 A2M B 7 -5.43 5.76 -1.23
N3 A2M B 7 -4.76 5.80 -2.39
C4 A2M B 7 -3.45 5.62 -2.17
H5' A2M B 7 0.94 5.79 -6.22
H5'' A2M B 7 0.95 7.54 -6.52
H4' A2M B 7 -1.24 6.90 -6.88
H3' A2M B 7 -1.04 8.07 -4.11
H2' A2M B 7 -3.43 7.79 -3.94
H1' A2M B 7 -3.41 5.17 -4.92
HM'1 A2M B 7 -5.31 6.21 -5.27
HM'2 A2M B 7 -5.78 7.45 -6.46
HM'3 A2M B 7 -5.39 7.92 -4.79
H8 A2M B 7 -0.32 5.30 -2.92
OP2 A2M B 7 2.77 6.49 -2.76
H61 A2M B 7 -2.19 5.09 1.56
H62 A2M B 7 -3.82 5.23 2.21
H2 A2M B 7 -6.51 5.91 -1.32
P A2M B 8 -1.34 10.49 -4.88
OP1 A2M B 8 -1.17 11.59 -5.86
O5' A2M B 8 -2.71 10.70 -4.11
C5' A2M B 8 -3.96 10.51 -4.78
C4' A2M B 8 -5.10 10.53 -3.79
O4' A2M B 8 -5.06 9.33 -2.96
C3' A2M B 8 -5.09 11.67 -2.77
O3' A2M B 8 -5.58 12.89 -3.32
C2' A2M B 8 -5.96 11.11 -1.66
O2' A2M B 8 -7.35 11.18 -1.99
C1' A2M B 8 -5.54 9.64 -1.66
CM' A2M B 8 -8.12 11.00 -0.82
N9 A2M B 8 -4.49 9.39 -0.68
C8 A2M B 8 -3.15 9.20 -0.89
N7 A2M B 8 -2.44 9.06 0.21
C5 A2M B 8 -3.39 9.16 1.21
C6 A2M B 8 -3.30 9.10 2.61
N6 A2M B 8 -2.15 8.94 3.28
N1 A2M B 8 -4.44 9.23 3.33
C2 A2M B 8 -5.59 9.41 2.66
N3 A2M B 8 -5.81 9.49 1.36
C4 A2M B 8 -4.65 9.36 0.68
H5' A2M B 8 -3.95 9.56 -5.30
H5'' A2M B 8 -4.11 11.31 -5.50
H4' A2M B 8 -6.02 10.63 -4.35
H3' A2M B 8 -4.07 11.88 -2.43
H2' A2M B 8 -5.74 11.59 -0.71
H1' A2M B 8 -6.37 8.96 -1.45
HM'1 A2M B 8 -7.76 11.65 -0.03
HM'2 A2M B 8 -8.04 9.96 -0.49
HM'3 A2M B 8 -9.17 11.22 -1.04
H8 A2M B 8 -2.70 9.17 -1.89
OP2 A2M B 8 -0.27 10.24 -3.88
H61 A2M B 8 -1.30 8.84 2.73
H62 A2M B 8 -2.13 8.92 4.29
H2 A2M B 8 -6.48 9.52 3.30
P A2M B 9 -4.91 14.28 -2.87
OP1 A2M B 9 -5.41 15.33 -3.80
O5' A2M B 9 -5.53 14.56 -1.42
C5' A2M B 9 -6.92 14.36 -1.17
C4' A2M B 9 -7.17 14.20 0.32
O4' A2M B 9 -6.33 13.13 0.83
C3' A2M B 9 -6.81 15.39 1.17
O3' A2M B 9 -7.83 16.38 1.20
C2' A2M B 9 -6.59 14.75 2.55
O2' A2M B 9 -7.82 14.47 3.18
C1' A2M B 9 -5.93 13.42 2.15
CM' A2M B 9 -7.88 15.17 4.43
N9 A2M B 9 -4.47 13.47 2.21
C8 A2M B 9 -3.60 13.52 1.16
N7 A2M B 9 -2.34 13.55 1.52
C5 A2M B 9 -2.39 13.50 2.91
C6 A2M B 9 -1.39 13.51 3.89
N6 A2M B 9 -0.08 13.55 3.64
N1 A2M B 9 -1.78 13.46 5.20
C2 A2M B 9 -3.10 13.42 5.46
N3 A2M B 9 -4.13 13.41 4.63
C4 A2M B 9 -3.70 13.46 3.35
H5' A2M B 9 -7.26 13.47 -1.70
H5'' A2M B 9 -7.49 15.22 -1.53
H4' A2M B 9 -8.24 14.02 0.45
H3' A2M B 9 -5.91 15.89 0.80
HO3' A2M B 9 -8.44 16.13 1.89
H2' A2M B 9 -5.92 15.36 3.16
H1' A2M B 9 -6.28 12.60 2.78
HM'1 A2M B 9 -8.84 14.98 4.91
HM'2 A2M B 9 -7.77 16.24 4.25
HM'3 A2M B 9 -7.07 14.83 5.07
H8 A2M B 9 -3.92 13.56 0.13
OP2 A2M B 9 -3.44 14.07 -2.70
H61 A2M B 9 0.22 13.58 2.67
H62 A2M B 9 0.60 13.55 4.38
H2 A2M B 9 -3.35 13.39 6.52
O5' A2M A 2 4.61 -12.68 -5.08
C5' A2M A 2 4.79 -12.95 -6.47
C4' A2M A 2 3.48 -12.89 -7.21
O4' A2M A 2 2.73 -14.11 -6.95
C3' A2M A 2 2.55 -11.77 -6.80
O3' A2M A 2 2.82 -10.55 -7.49
C2' A2M A 2 1.17 -12.33 -7.11
O2' A2M A 2 0.89 -12.27 -8.50
C1' A2M A 2 1.37 -13.80 -6.72
CM' A2M A 2 -0.49 -12.51 -8.71
N9 A2M A 2 1.07 -14.05 -5.31
C8 A2M A 2 1.96 -14.14 -4.27
N7 A2M A 2 1.40 -14.34 -3.11
C5 A2M A 2 0.04 -14.38 -3.39
C6 A2M A 2 -1.10 -14.55 -2.59
N6 A2M A 2 -1.05 -14.72 -1.27
N1 A2M A 2 -2.30 -14.55 -3.19
C2 A2M A 2 -2.35 -14.38 -4.52
N3 A2M A 2 -1.36 -14.20 -5.39
C4 A2M A 2 -0.18 -14.21 -4.75
H5' A2M A 2 5.22 -13.95 -6.59
H5'' A2M A 2 5.47 -12.22 -6.90
H4' A2M A 2 3.71 -12.75 -8.27
H3' A2M A 2 2.66 -11.54 -5.73
H2' A2M A 2 0.40 -11.86 -6.50
H1' A2M A 2 0.77 -14.48 -7.33
HM'1 A2M A 2 -0.72 -13.57 -8.56
HM'2 A2M A 2 -1.09 -11.93 -8.01
HM'3 A2M A 2 -0.76 -12.23 -9.73
H8 A2M A 2 3.03 -14.05 -4.40
H61 A2M A 2 -0.14 -14.72 -0.81
H62 A2M A 2 -1.89 -14.85 -0.74
H2 A2M A 2 -3.36 -14.38 -4.96
P A2M A 3 2.61 -9.15 -6.73
OP1 A2M A 3 3.03 -8.08 -7.68
O5' A2M A 3 1.03 -9.05 -6.54
C5' A2M A 3 0.15 -9.19 -7.66
C4' A2M A 3 -1.27 -9.38 -7.19
O4' A2M A 3 -1.37 -10.59 -6.38
C3' A2M A 3 -1.83 -8.29 -6.27
O3' A2M A 3 -2.26 -7.14 -6.98
C2' A2M A 3 -2.98 -9.02 -5.58
O2' A2M A 3 -4.10 -9.15 -6.42
C1' A2M A 3 -2.35 -10.40 -5.38
CM' A2M A 3 -5.24 -9.54 -5.63
N9 A2M A 3 -1.71 -10.51 -4.06
C8 A2M A 3 -0.38 -10.47 -3.76
N7 A2M A 3 -0.14 -10.54 -2.46
C5 A2M A 3 -1.40 -10.64 -1.89
C6 A2M A 3 -1.83 -10.73 -0.56
N6 A2M A 3 -1.01 -10.73 0.50
N1 A2M A 3 -3.15 -10.82 -0.33
C2 A2M A 3 -3.99 -10.80 -1.38
N3 A2M A 3 -3.71 -10.71 -2.68
C4 A2M A 3 -2.38 -10.63 -2.87
H5' A2M A 3 0.45 -10.04 -8.26
H5'' A2M A 3 0.20 -8.29 -8.28
H4' A2M A 3 -1.91 -9.40 -8.08
H3' A2M A 3 -1.07 -7.95 -5.58
H2' A2M A 3 -3.20 -8.54 -4.62
H1' A2M A 3 -3.08 -11.21 -5.47
HM'1 A2M A 3 -5.31 -8.89 -4.77
HM'2 A2M A 3 -6.14 -9.45 -6.24
HM'3 A2M A 3 -5.12 -10.57 -5.31
H8 A2M A 3 0.40 -10.40 -4.50
OP2 A2M A 3 3.24 -9.24 -5.39
H61 A2M A 3 0.00 -10.66 0.35
H62 A2M A 3 -1.38 -10.77 1.43
H2 A2M A 3 -5.05 -10.87 -1.14
P A2M A 4 -2.08 -5.68 -6.30
OP1 A2M A 4 -2.49 -4.68 -7.32
O5' A2M A 4 -3.16 -5.68 -5.13
C5' A2M A 4 -4.50 -6.11 -5.37
C4' A2M A 4 -5.26 -6.25 -4.07
O4' A2M A 4 -4.72 -7.36 -3.29
C3' A2M A 4 -5.16 -5.07 -3.10
O3' A2M A 4 -6.01 -3.98 -3.46
C2' A2M A 4 -5.53 -5.71 -1.78
O2' A2M A 4 -6.93 -5.93 -1.68
C1' A2M A 4 -4.84 -7.06 -1.91
CM' A2M A 4 -7.27 -6.23 -0.32
N9 A2M A 4 -3.50 -7.01 -1.31
C8 A2M A 4 -2.29 -6.92 -1.93
N7 A2M A 4 -1.28 -6.82 -1.11
C5 A2M A 4 -1.86 -6.88 0.15
C6 A2M A 4 -1.34 -6.82 1.45
N6 A2M A 4 -0.04 -6.68 1.72
N1 A2M A 4 -2.21 -6.90 2.49
C2 A2M A 4 -3.51 -7.03 2.22
N3 A2M A 4 -4.14 -7.08 1.04
C4 A2M A 4 -3.24 -7.00 0.04
H5' A2M A 4 -4.49 -7.07 -5.88
H5'' A2M A 4 -5.01 -5.38 -6.00
H4' A2M A 4 -6.31 -6.35 -4.32
H3' A2M A 4 -4.15 -4.66 -3.10
H2' A2M A 4 -5.14 -5.13 -0.95
H1' A2M A 4 -5.40 -7.88 -1.44
HM'1 A2M A 4 -6.91 -7.23 -0.07
HM'2 A2M A 4 -6.80 -5.50 0.34
HM'3 A2M A 4 -8.35 -6.19 -0.20
H8 A2M A 4 -2.17 -6.92 -3.01
OP2 A2M A 4 -0.73 -5.62 -5.70
H61 A2M A 4 0.61 -6.61 0.96
H62 A2M A 4 0.27 -6.60 2.68
H2 A2M A 4 -4.17 -7.08 3.08
P A2M A 5 -5.54 -2.48 -3.14
OP1 A2M A 5 -6.53 -1.57 -3.76
O5' A2M A 5 -5.64 -2.37 -1.56
C5' A2M A 5 -6.84 -2.77 -0.88
C4' A2M A 5 -6.62 -2.79 0.61
O4' A2M A 5 -5.64 -3.82 0.96
C3' A2M A 5 -6.01 -1.52 1.22
O3' A2M A 5 -6.98 -0.50 1.43
C2' A2M A 5 -5.43 -2.04 2.53
O2' A2M A 5 -6.44 -2.28 3.50
C1' A2M A 5 -4.88 -3.40 2.07
CM' A2M A 5 -5.86 -2.20 4.80
N9 A2M A 5 -3.47 -3.29 1.69
C8 A2M A 5 -2.93 -3.30 0.44
N7 A2M A 5 -1.63 -3.13 0.44
C5 A2M A 5 -1.30 -3.02 1.78
C6 A2M A 5 -0.08 -2.82 2.44
N6 A2M A 5 1.09 -2.68 1.82
N1 A2M A 5 -0.09 -2.75 3.79
C2 A2M A 5 -1.28 -2.88 4.42
N3 A2M A 5 -2.48 -3.06 3.90
C4 A2M A 5 -2.43 -3.12 2.56
H5' A2M A 5 -7.13 -3.76 -1.21
H5'' A2M A 5 -7.64 -2.06 -1.11
H4' A2M A 5 -7.59 -2.94 1.09
H3' A2M A 5 -5.26 -1.10 0.58
H2' A2M A 5 -4.64 -1.39 2.89
H1' A2M A 5 -4.97 -4.17 2.84
HM'1 A2M A 5 -5.40 -1.22 4.93
HM'2 A2M A 5 -5.11 -2.98 4.91
HM'3 A2M A 5 -6.63 -2.34 5.55
H8 A2M A 5 -3.51 -3.42 -0.46
OP2 A2M A 5 -4.10 -2.35 -3.52
H61 A2M A 5 1.11 -2.71 0.81
H62 A2M A 5 1.94 -2.52 2.35
H2 A2M A 5 -1.24 -2.81 5.51
P A2M A 7 -4.35 5.28 5.49
OP1 A2M A 7 -5.11 6.10 6.46
O5' A2M A 7 -2.80 5.40 5.81
C5' A2M A 7 -2.32 5.14 7.12
C4' A2M A 7 -0.81 5.25 7.17
O4' A2M A 7 -0.21 4.24 6.28
C3' A2M A 7 -0.22 6.56 6.66
O3' A2M A 7 -0.26 7.60 7.63
C2' A2M A 7 1.21 6.15 6.31
O2' A2M A 7 2.02 6.01 7.47
C1' A2M A 7 0.97 4.77 5.71
CM' A2M A 7 3.39 6.12 7.10
N9 A2M A 7 0.81 4.84 4.26
C8 A2M A 7 -0.36 4.82 3.54
N7 A2M A 7 -0.18 4.95 2.24
C5 A2M A 7 1.20 5.06 2.10
C6 A2M A 7 2.02 5.24 0.99
N6 A2M A 7 1.57 5.35 -0.27
N1 A2M A 7 3.36 5.30 1.20
C2 A2M A 7 3.82 5.21 2.45
N3 A2M A 7 3.14 5.05 3.58
C4 A2M A 7 1.82 4.99 3.34
H5' A2M A 7 -2.61 4.14 7.44
H5'' A2M A 7 -2.74 5.87 7.83
H4' A2M A 7 -0.49 5.14 8.21
H3' A2M A 7 -0.76 6.92 5.80
H2' A2M A 7 1.64 6.84 5.58
H1' A2M A 7 1.78 4.07 5.93
HM'1 A2M A 7 3.55 7.07 6.59
HM'2 A2M A 7 3.66 5.30 6.43
HM'3 A2M A 7 4.00 6.07 8.00
H8 A2M A 7 -1.33 4.70 4.00
OP2 A2M A 7 -4.54 5.52 4.03
H61 A2M A 7 0.58 5.31 -0.42
H62 A2M A 7 2.21 5.49 -1.04
H2 A2M A 7 4.90 5.27 2.56
P A2M A 8 -0.42 9.12 7.14
OP1 A2M A 8 -0.44 9.98 8.35
O5' A2M A 8 0.93 9.41 6.33
C5' A2M A 8 2.14 9.72 7.03
C4' A2M A 8 3.32 9.62 6.10
O4' A2M A 8 3.15 8.51 5.18
C3' A2M A 8 3.56 10.81 5.19
O3' A2M A 8 4.21 11.90 5.84
C2' A2M A 8 4.40 10.21 4.07
O2' A2M A 8 5.74 10.02 4.47
C1' A2M A 8 3.73 8.83 3.93
CM' A2M A 8 6.56 9.83 3.32
N9 A2M A 8 2.69 8.86 2.91
C8 A2M A 8 1.33 8.78 3.07
N7 A2M A 8 0.66 8.87 1.95
C5 A2M A 8 1.64 9.01 0.98
C6 A2M A 8 1.58 9.16 -0.42
N6 A2M A 8 0.43 9.22 -1.11
N1 A2M A 8 2.74 9.26 -1.09
C2 A2M A 8 3.89 9.23 -0.40
N3 A2M A 8 4.07 9.09 0.91
C4 A2M A 8 2.90 8.99 1.55
H5' A2M A 8 2.27 9.03 7.86
H5'' A2M A 8 2.07 10.73 7.42
H4' A2M A 8 4.22 9.53 6.72
H3' A2M A 8 2.62 11.22 4.82
H2' A2M A 8 4.31 10.80 3.15
H1' A2M A 8 4.44 8.04 3.68
HM'1 A2M A 8 6.34 8.87 2.87
HM'2 A2M A 8 6.36 10.63 2.60
HM'3 A2M A 8 7.62 9.88 3.61
H8 A2M A 8 0.88 8.65 4.04
OP2 A2M A 8 -1.55 9.19 6.17
H61 A2M A 8 -0.44 9.14 -0.62
H62 A2M A 8 0.44 9.35 -2.11
H2 A2M A 8 4.79 9.31 -1.00
P A2M A 9 3.87 13.40 5.42
OP1 A2M A 9 4.62 14.30 6.34
O5' A2M A 9 4.47 13.56 3.96
C5' A2M A 9 5.87 13.32 3.71
C4' A2M A 9 6.16 13.41 2.23
O4' A2M A 9 5.28 12.50 1.52
C3' A2M A 9 5.91 14.77 1.59
O3' A2M A 9 7.00 15.65 1.76
C2' A2M A 9 5.68 14.40 0.13
O2' A2M A 9 6.91 14.18 -0.54
C1' A2M A 9 4.95 13.06 0.26
CM' A2M A 9 6.81 14.66 -1.87
N9 A2M A 9 3.49 13.16 0.18
C8 A2M A 9 2.61 13.18 1.23
N7 A2M A 9 1.35 13.28 0.87
C5 A2M A 9 1.41 13.33 -0.52
C6 A2M A 9 0.41 13.45 -1.51
N6 A2M A 9 -0.89 13.52 -1.24
N1 A2M A 9 0.81 13.49 -2.80
C2 A2M A 9 2.12 13.42 -3.07
N3 A2M A 9 3.15 13.31 -2.22
C4 A2M A 9 2.73 13.27 -0.95
H5' A2M A 9 6.14 12.34 4.08
H5'' A2M A 9 6.46 14.07 4.24
H4' A2M A 9 7.22 13.20 2.10
H3' A2M A 9 5.04 15.27 2.04
HO3' A2M A 9 7.69 15.33 1.16
H2' A2M A 9 5.05 15.15 -0.37
H1' A2M A 9 5.27 12.35 -0.50
HM'1 A2M A 9 5.97 14.19 -2.37
HM'2 A2M A 9 6.67 15.75 -1.86
HM'3 A2M A 9 7.73 14.42 -2.41
H8 A2M A 9 2.92 13.12 2.27
OP2 A2M A 9 2.38 13.55 5.32
H61 A2M A 9 -1.19 13.49 -0.27
H62 A2M A 9 -1.57 13.60 -1.99
H2 A2M A 9 2.38 13.45 -4.12
O5' A2M B 2 -2.03 -14.12 2.67
C5' A2M B 2 -2.12 -14.59 4.01
C4' A2M B 2 -0.86 -14.30 4.78
O4' A2M B 2 0.16 -15.26 4.38
C3' A2M B 2 -0.24 -12.93 4.52
O3' A2M B 2 -0.79 -11.92 5.36
C2' A2M B 2 1.23 -13.18 4.80
O2' A2M B 2 1.51 -13.23 6.19
C1' A2M B 2 1.40 -14.58 4.22
CM' A2M B 2 2.91 -13.17 6.40
N9 A2M B 2 1.73 -14.56 2.79
C8 A2M B 2 0.87 -14.70 1.73
N7 A2M B 2 1.46 -14.60 0.57
C5 A2M B 2 2.79 -14.39 0.88
C6 A2M B 2 3.93 -14.19 0.07
N6 A2M B 2 3.90 -14.19 -1.26
N1 A2M B 2 5.11 -14.01 0.69
C2 A2M B 2 5.14 -14.02 2.04
N3 A2M B 2 4.13 -14.18 2.89
C4 A2M B 2 2.98 -14.37 2.24
H5' A2M B 2 -2.29 -15.67 4.00
H5'' A2M B 2 -2.96 -14.11 4.52
H4' A2M B 2 -1.10 -14.35 5.85
H3' A2M B 2 -0.42 -12.61 3.50
H2' A2M B 2 1.85 -12.45 4.27
H1' A2M B 2 2.17 -15.17 4.74
HM'1 A2M B 2 3.12 -12.95 7.46
HM'2 A2M B 2 3.34 -12.38 5.78
HM'3 A2M B 2 3.36 -14.13 6.14
H8 A2M B 2 -0.19 -14.87 1.85
H61 A2M B 2 3.01 -14.32 -1.74
H62 A2M B 2 4.75 -14.05 -1.78
H2 A2M B 2 6.11 -13.86 2.48
P A2M B 3 -0.92 -10.42 4.80
OP1 A2M B 3 -1.55 -9.60 5.86
O5' A2M B 3 0.60 -9.94 4.64
C5' A2M B 3 1.50 -10.01 5.75
C4' A2M B 3 2.91 -9.81 5.28
O4' A2M B 3 3.28 -10.84 4.32
C3' A2M B 3 3.20 -8.51 4.55
O3' A2M B 3 3.35 -7.39 5.42
C2' A2M B 3 4.47 -8.85 3.78
O2' A2M B 3 5.61 -8.85 4.62
C1' A2M B 3 4.17 -10.29 3.36
CM' A2M B 3 6.79 -8.85 3.81
N9 A2M B 3 3.54 -10.33 2.04
C8 A2M B 3 2.23 -10.61 1.72
N7 A2M B 3 1.97 -10.52 0.44
C5 A2M B 3 3.20 -10.18 -0.13
C6 A2M B 3 3.59 -9.94 -1.45
N6 A2M B 3 2.75 -9.98 -2.49
N1 A2M B 3 4.88 -9.63 -1.67
C2 A2M B 3 5.72 -9.56 -0.63
N3 A2M B 3 5.46 -9.77 0.66
C4 A2M B 3 4.17 -10.07 0.85
H5' A2M B 3 1.42 -10.99 6.23
H5'' A2M B 3 1.25 -9.24 6.48
H4' A2M B 3 3.55 -9.81 6.17
H3' A2M B 3 2.38 -8.25 3.88
H2' A2M B 3 4.58 -8.19 2.91
H1' A2M B 3 5.07 -10.92 3.34
HM'1 A2M B 3 7.66 -8.73 4.46
HM'2 A2M B 3 6.74 -8.01 3.11
HM'3 A2M B 3 6.86 -9.79 3.27
H8 A2M B 3 1.49 -10.86 2.47
OP2 A2M B 3 -1.53 -10.47 3.45
H61 A2M B 3 1.78 -10.21 -2.33
H62 A2M B 3 3.09 -9.77 -3.42
H2 A2M B 3 6.75 -9.31 -0.87
P A2M B 4 2.79 -5.96 4.97
OP1 A2M B 4 2.91 -5.05 6.14
O5' A2M B 4 3.80 -5.48 3.84
C5' A2M B 4 5.22 -5.64 4.02
C4' A2M B 4 5.95 -5.34 2.74
O4' A2M B 4 5.71 -6.39 1.76
C3' A2M B 4 5.52 -4.07 2.00
O3' A2M B 4 6.08 -2.90 2.55
C2' A2M B 4 6.01 -4.35 0.58
O2' A2M B 4 7.41 -4.16 0.46
C1' A2M B 4 5.70 -5.84 0.45
CM' A2M B 4 7.78 -4.15 -0.91
N9 A2M B 4 4.39 -6.05 -0.16
C8 A2M B 4 3.21 -6.39 0.43
N7 A2M B 4 2.20 -6.44 -0.40
C5 A2M B 4 2.76 -6.10 -1.63
C6 A2M B 4 2.21 -5.96 -2.92
N6 A2M B 4 0.92 -6.14 -3.20
N1 A2M B 4 3.05 -5.62 -3.93
C2 A2M B 4 4.35 -5.43 -3.64
N3 A2M B 4 4.97 -5.52 -2.46
C4 A2M B 4 4.11 -5.87 -1.49
H5' A2M B 4 5.43 -6.66 4.33
H5'' A2M B 4 5.56 -4.95 4.79
H4' A2M B 4 7.00 -5.21 2.98
H3' A2M B 4 4.44 -3.94 2.04
H2' A2M B 4 5.45 -3.76 -0.14
H1' A2M B 4 6.45 -6.38 -0.13
HM'1 A2M B 4 7.08 -3.53 -1.47
HM'2 A2M B 4 7.74 -5.18 -1.31
HM'3 A2M B 4 8.78 -3.76 -1.02
H8 A2M B 4 3.12 -6.61 1.49
OP2 A2M B 4 1.45 -6.15 4.34
H61 A2M B 4 0.28 -6.38 -2.46
H62 A2M B 4 0.59 -5.99 -4.15
H2 A2M B 4 4.97 -5.15 -4.49
P A2M B 5 5.23 -1.53 2.53
OP1 A2M B 5 5.96 -0.53 3.33
O5' A2M B 5 5.29 -1.08 1.00
C5' A2M B 5 6.52 -1.13 0.27
C4' A2M B 5 6.27 -0.91 -1.21
O4' A2M B 5 5.60 -2.08 -1.77
C3' A2M B 5 5.36 0.24 -1.57
O3' A2M B 5 6.02 1.50 -1.54
C2' A2M B 5 4.90 -0.15 -2.98
O2' A2M B 5 5.92 0.09 -3.94
C1' A2M B 5 4.74 -1.66 -2.81
CM' A2M B 5 5.36 0.00 -5.25
N9 A2M B 5 3.36 -2.00 -2.46
C8 A2M B 5 2.85 -2.36 -1.24
N7 A2M B 5 1.56 -2.56 -1.24
C5 A2M B 5 1.19 -2.32 -2.56
C6 A2M B 5 -0.06 -2.36 -3.22
N6 A2M B 5 -1.21 -2.64 -2.61
N1 A2M B 5 -0.08 -2.07 -4.54
C2 A2M B 5 1.07 -1.76 -5.14
N3 A2M B 5 2.30 -1.69 -4.63
C4 A2M B 5 2.29 -1.99 -3.32
H5' A2M B 5 6.99 -2.09 0.42
H5'' A2M B 5 7.19 -0.35 0.63
H4' A2M B 5 7.24 -0.72 -1.67
H3' A2M B 5 4.52 0.32 -0.88
H2' A2M B 5 3.96 0.34 -3.22
H1' A2M B 5 5.01 -2.22 -3.71
HM'1 A2M B 5 6.05 0.42 -5.98
HM'2 A2M B 5 4.41 0.54 -5.28
HM'3 A2M B 5 5.18 -1.06 -5.49
H8 A2M B 5 3.47 -2.47 -0.35
OP2 A2M B 5 3.82 -1.85 2.85
H61 A2M B 5 -1.20 -2.84 -1.63
H62 A2M B 5 -2.09 -2.64 -3.13
H2 A2M B 5 1.00 -1.53 -6.21
P A2M B 7 2.73 6.75 -4.21
OP1 A2M B 7 3.53 7.85 -4.80
O5' A2M B 7 1.19 7.02 -4.56
C5' A2M B 7 0.69 6.77 -5.87
C4' A2M B 7 -0.81 6.78 -5.88
O4' A2M B 7 -1.33 5.56 -5.27
C3' A2M B 7 -1.48 7.89 -5.07
O3' A2M B 7 -1.49 9.14 -5.75
C2' A2M B 7 -2.88 7.32 -4.84
O2' A2M B 7 -3.68 7.42 -6.01
C1' A2M B 7 -2.54 5.85 -4.59
CM' A2M B 7 -5.05 7.21 -5.65
N9 A2M B 7 -2.38 5.59 -3.17
C8 A2M B 7 -1.22 5.36 -2.47
N7 A2M B 7 -1.39 5.21 -1.18
C5 A2M B 7 -2.76 5.35 -1.01
C6 A2M B 7 -3.60 5.31 0.12
N6 A2M B 7 -3.14 5.12 1.36
N1 A2M B 7 -4.92 5.48 -0.06
C2 A2M B 7 -5.37 5.68 -1.31
N3 A2M B 7 -4.69 5.75 -2.45
C4 A2M B 7 -3.38 5.57 -2.23
H5' A2M B 7 1.04 5.80 -6.22
H5'' A2M B 7 1.05 7.54 -6.56
H4' A2M B 7 -1.14 6.91 -6.91
H3' A2M B 7 -0.95 8.06 -4.14
H2' A2M B 7 -3.33 7.78 -3.97
H1' A2M B 7 -3.31 5.17 -4.98
HM'1 A2M B 7 -5.18 6.18 -5.33
HM'2 A2M B 7 -5.68 7.41 -6.52
HM'3 A2M B 7 -5.31 7.88 -4.84
H8 A2M B 7 -0.24 5.29 -2.94
OP2 A2M B 7 2.82 6.47 -2.75
H61 A2M B 7 -2.15 5.00 1.50
H62 A2M B 7 -3.78 5.11 2.15
H2 A2M B 7 -6.45 5.82 -1.40
P A2M B 8 -1.26 10.50 -4.90
OP1 A2M B 8 -1.09 11.60 -5.88
O5' A2M B 8 -2.65 10.71 -4.15
C5' A2M B 8 -3.88 10.50 -4.83
C4' A2M B 8 -5.03 10.48 -3.85
O4' A2M B 8 -4.98 9.27 -3.04
C3' A2M B 8 -5.05 11.60 -2.82
O3' A2M B 8 -5.56 12.82 -3.35
C2' A2M B 8 -5.93 11.02 -1.72
O2' A2M B 8 -7.31 11.06 -2.07
C1' A2M B 8 -5.48 9.56 -1.74
CM' A2M B 8 -8.09 10.81 -0.90
N9 A2M B 8 -4.41 9.31 -0.76
C8 A2M B 8 -3.07 9.16 -0.98
N7 A2M B 8 -2.38 9.00 0.12
C5 A2M B 8 -3.33 9.06 1.13
C6 A2M B 8 -3.23 8.98 2.54
N6 A2M B 8 -2.09 8.83 3.19
N1 A2M B 8 -4.38 9.07 3.24
C2 A2M B 8 -5.53 9.24 2.59
N3 A2M B 8 -5.75 9.34 1.27
C4 A2M B 8 -4.59 9.24 0.60
H5' A2M B 8 -3.86 9.56 -5.37
H5'' A2M B 8 -4.05 11.31 -5.55
H4' A2M B 8 -5.95 10.57 -4.43
H3' A2M B 8 -4.05 11.82 -2.47
H2' A2M B 8 -5.72 11.48 -0.76
H1' A2M B 8 -6.29 8.85 -1.54
HM'1 A2M B 8 -9.13 11.03 -1.11
HM'2 A2M B 8 -7.74 11.42 -0.08
HM'3 A2M B 8 -8.00 9.75 -0.63
H8 A2M B 8 -2.63 9.16 -1.96
OP2 A2M B 8 -0.22 10.23 -3.88
H61 A2M B 8 -1.24 8.76 2.65
H62 A2M B 8 -2.06 8.80 4.20
H2 A2M B 8 -6.42 9.31 3.21
P A2M B 9 -4.91 14.22 -2.87
OP1 A2M B 9 -5.43 15.27 -3.79
O5' A2M B 9 -5.56 14.46 -1.44
C5' A2M B 9 -6.94 14.22 -1.20
C4' A2M B 9 -7.18 14.01 0.29
O4' A2M B 9 -6.33 12.95 0.77
C3' A2M B 9 -6.86 15.19 1.18
O3' A2M B 9 -7.91 16.16 1.21
C2' A2M B 9 -6.63 14.53 2.53
O2' A2M B 9 -7.86 14.19 3.16
C1' A2M B 9 -5.94 13.22 2.10
CM' A2M B 9 -8.12 15.13 4.20
N9 A2M B 9 -4.48 13.30 2.17
C8 A2M B 9 -3.61 13.38 1.10
N7 A2M B 9 -2.35 13.42 1.47
C5 A2M B 9 -2.39 13.37 2.85
C6 A2M B 9 -1.39 13.39 3.84
N6 A2M B 9 -0.09 13.46 3.58
N1 A2M B 9 -1.78 13.33 5.14
C2 A2M B 9 -3.08 13.27 5.41
N3 A2M B 9 -4.13 13.25 4.57
C4 A2M B 9 -3.70 13.30 3.30
H5' A2M B 9 -7.25 13.33 -1.74
H5'' A2M B 9 -7.53 15.07 -1.54
H4' A2M B 9 -8.25 13.81 0.41
H3' A2M B 9 -5.96 15.72 0.82
HO3' A2M B 9 -8.64 15.76 1.69
H2' A2M B 9 -5.98 15.13 3.15
H1' A2M B 9 -6.26 12.38 2.71
HM'1 A2M B 9 -7.36 15.04 4.98
HM'2 A2M B 9 -9.10 14.93 4.63
HM'3 A2M B 9 -8.09 16.15 3.79
H8 A2M B 9 -3.94 13.42 0.08
OP2 A2M B 9 -3.45 14.03 -2.70
H61 A2M B 9 0.21 13.50 2.61
H62 A2M B 9 0.59 13.48 4.33
H2 A2M B 9 -3.34 13.22 6.46
O5' A2M A 2 4.59 -12.76 -5.00
C5' A2M A 2 4.78 -13.03 -6.40
C4' A2M A 2 3.47 -12.96 -7.14
O4' A2M A 2 2.72 -14.17 -6.86
C3' A2M A 2 2.54 -11.83 -6.73
O3' A2M A 2 2.81 -10.62 -7.44
C2' A2M A 2 1.16 -12.39 -7.05
O2' A2M A 2 0.88 -12.34 -8.43
C1' A2M A 2 1.36 -13.85 -6.63
CM' A2M A 2 -0.51 -12.61 -8.64
N9 A2M A 2 1.06 -14.08 -5.22
C8 A2M A 2 1.95 -14.16 -4.18
N7 A2M A 2 1.38 -14.34 -3.01
C5 A2M A 2 0.02 -14.36 -3.30
C6 A2M A 2 -1.11 -14.52 -2.50
N6 A2M A 2 -1.07 -14.67 -1.17
N1 A2M A 2 -2.32 -14.52 -3.11
C2 A2M A 2 -2.37 -14.36 -4.43
N3 A2M A 2 -1.38 -14.20 -5.30
C4 A2M A 2 -0.19 -14.21 -4.66
H5' A2M A 2 5.21 -14.01 -6.52
H5'' A2M A 2 5.46 -12.28 -6.82
H4' A2M A 2 3.69 -12.83 -8.20
H3' A2M A 2 2.66 -11.58 -5.67
H2' A2M A 2 0.39 -11.90 -6.44
H1' A2M A 2 0.75 -14.54 -7.23
HM'1 A2M A 2 -0.77 -12.35 -9.67
HM'2 A2M A 2 -0.70 -13.67 -8.47
HM'3 A2M A 2 -1.10 -12.01 -7.95
H8 A2M A 2 3.01 -14.10 -4.31
H61 A2M A 2 -0.17 -14.67 -0.70
H62 A2M A 2 -1.92 -14.77 -0.64
H2 A2M A 2 -3.37 -14.35 -4.86
P A2M A 3 2.59 -9.20 -6.72
OP1 A2M A 3 3.02 -8.15 -7.67
O5' A2M A 3 1.02 -9.11 -6.53
C5' A2M A 3 0.14 -9.29 -7.64
C4' A2M A 3 -1.29 -9.44 -7.18
O4' A2M A 3 -1.42 -10.62 -6.36
C3' A2M A 3 -1.81 -8.31 -6.30
O3' A2M A 3 -2.20 -7.17 -7.03
C2' A2M A 3 -2.98 -8.99 -5.58
O2' A2M A 3 -4.11 -9.11 -6.43
C1' A2M A 3 -2.40 -10.39 -5.35
CM' A2M A 3 -5.25 -9.47 -5.64
N9 A2M A 3 -1.76 -10.49 -4.03
C8 A2M A 3 -0.43 -10.45 -3.73
N7 A2M A 3 -0.18 -10.51 -2.45
C5 A2M A 3 -1.43 -10.61 -1.87
C6 A2M A 3 -1.86 -10.70 -0.53
N6 A2M A 3 -1.03 -10.70 0.51
N1 A2M A 3 -3.19 -10.80 -0.30
C2 A2M A 3 -4.02 -10.78 -1.34
N3 A2M A 3 -3.74 -10.69 -2.64
C4 A2M A 3 -2.42 -10.61 -2.84
H5' A2M A 3 0.43 -10.19 -8.20
H5'' A2M A 3 0.22 -8.44 -8.32
H4' A2M A 3 -1.93 -9.44 -8.07
H3' A2M A 3 -1.05 -7.98 -5.60
H2' A2M A 3 -3.20 -8.48 -4.64
H1' A2M A 3 -3.14 -11.18 -5.43
HM'1 A2M A 3 -5.29 -8.84 -4.75
HM'2 A2M A 3 -6.15 -9.33 -6.23
HM'3 A2M A 3 -5.16 -10.51 -5.34
H8 A2M A 3 0.35 -10.37 -4.48
OP2 A2M A 3 3.21 -9.26 -5.36
H61 A2M A 3 -0.03 -10.62 0.37
H62 A2M A 3 -1.42 -10.73 1.45
H2 A2M A 3 -5.08 -10.86 -1.09
P A2M A 4 -2.01 -5.70 -6.38
OP1 A2M A 4 -2.40 -4.71 -7.40
O5' A2M A 4 -3.10 -5.66 -5.21
C5' A2M A 4 -4.44 -6.04 -5.46
C4' A2M A 4 -5.20 -6.21 -4.17
O4' A2M A 4 -4.66 -7.33 -3.40
C3' A2M A 4 -5.13 -5.05 -3.18
O3' A2M A 4 -6.00 -3.97 -3.53
C2' A2M A 4 -5.49 -5.72 -1.87
O2' A2M A 4 -6.89 -5.96 -1.77
C1' A2M A 4 -4.78 -7.05 -2.01
CM' A2M A 4 -7.23 -6.26 -0.42
N9 A2M A 4 -3.45 -6.99 -1.41
C8 A2M A 4 -2.22 -6.89 -2.03
N7 A2M A 4 -1.22 -6.78 -1.20
C5 A2M A 4 -1.82 -6.85 0.05
C6 A2M A 4 -1.29 -6.79 1.36
N6 A2M A 4 0.00 -6.64 1.64
N1 A2M A 4 -2.16 -6.89 2.39
C2 A2M A 4 -3.47 -7.02 2.11
N3 A2M A 4 -4.08 -7.08 0.94
C4 A2M A 4 -3.19 -6.99 -0.06
H5' A2M A 4 -4.46 -6.99 -6.00
H5'' A2M A 4 -4.94 -5.28 -6.05
H4' A2M A 4 -6.25 -6.33 -4.42
H3' A2M A 4 -4.12 -4.63 -3.16
H2' A2M A 4 -5.11 -5.14 -1.02
H1' A2M A 4 -5.33 -7.88 -1.56
HM'1 A2M A 4 -6.82 -7.23 -0.15
HM'2 A2M A 4 -6.81 -5.50 0.23
HM'3 A2M A 4 -8.31 -6.28 -0.31
H8 A2M A 4 -2.11 -6.88 -3.11
OP2 A2M A 4 -0.66 -5.65 -5.76
H61 A2M A 4 0.66 -6.56 0.87
H62 A2M A 4 0.30 -6.56 2.60
H2 A2M A 4 -4.12 -7.09 2.98
P A2M A 5 -5.53 -2.47 -3.21
OP1 A2M A 5 -6.53 -1.55 -3.82
O5' A2M A 5 -5.63 -2.35 -1.63
C5' A2M A 5 -6.82 -2.75 -0.95
C4' A2M A 5 -6.58 -2.79 0.55
O4' A2M A 5 -5.61 -3.82 0.88
C3' A2M A 5 -6.00 -1.53 1.17
O3' A2M A 5 -6.96 -0.52 1.38
C2' A2M A 5 -5.40 -2.06 2.47
O2' A2M A 5 -6.40 -2.30 3.44
C1' A2M A 5 -4.84 -3.41 2.00
CM' A2M A 5 -5.82 -2.21 4.74
N9 A2M A 5 -3.44 -3.30 1.63
C8 A2M A 5 -2.89 -3.30 0.36
N7 A2M A 5 -1.59 -3.12 0.36
C5 A2M A 5 -1.26 -3.01 1.71
C6 A2M A 5 -0.04 -2.81 2.37
N6 A2M A 5 1.13 -2.66 1.76
N1 A2M A 5 -0.06 -2.75 3.72
C2 A2M A 5 -1.24 -2.88 4.35
N3 A2M A 5 -2.45 -3.07 3.83
C4 A2M A 5 -2.39 -3.13 2.49
H5' A2M A 5 -7.11 -3.75 -1.29
H5'' A2M A 5 -7.62 -2.05 -1.16
H4' A2M A 5 -7.55 -2.95 1.02
H3' A2M A 5 -5.24 -1.09 0.53
H2' A2M A 5 -4.61 -1.40 2.83
H1' A2M A 5 -4.93 -4.19 2.77
HM'1 A2M A 5 -5.05 -2.98 4.85
HM'2 A2M A 5 -6.59 -2.36 5.49
HM'3 A2M A 5 -5.37 -1.23 4.87
H8 A2M A 5 -3.48 -3.42 -0.53
OP2 A2M A 5 -4.09 -2.33 -3.59
H61 A2M A 5 1.14 -2.70 0.74
H62 A2M A 5 1.99 -2.51 2.28
H2 A2M A 5 -1.20 -2.82 5.44
P A2M A 7 -4.35 5.25 5.49
OP1 A2M A 7 -5.09 6.07 6.48
O5' A2M A 7 -2.79 5.37 5.81
C5' A2M A 7 -2.29 5.08 7.11
C4' A2M A 7 -0.79 5.21 7.14
O4' A2M A 7 -0.18 4.22 6.26
C3' A2M A 7 -0.22 6.54 6.65
O3' A2M A 7 -0.28 7.57 7.61
C2' A2M A 7 1.21 6.15 6.29
O2' A2M A 7 2.02 6.02 7.44
C1' A2M A 7 1.00 4.77 5.68
CM' A2M A 7 3.40 6.12 7.06
N9 A2M A 7 0.82 4.84 4.23
C8 A2M A 7 -0.35 4.81 3.52
N7 A2M A 7 -0.19 4.94 2.22
C5 A2M A 7 1.19 5.07 2.07
C6 A2M A 7 2.01 5.26 0.95
N6 A2M A 7 1.54 5.36 -0.30
N1 A2M A 7 3.35 5.34 1.14
C2 A2M A 7 3.82 5.24 2.40
N3 A2M A 7 3.15 5.07 3.53
C4 A2M A 7 1.82 5.00 3.30
H5' A2M A 7 -2.56 4.06 7.40
H5'' A2M A 7 -2.72 5.78 7.83
H4' A2M A 7 -0.47 5.11 8.18
H3' A2M A 7 -0.77 6.90 5.78
H2' A2M A 7 1.63 6.85 5.55
H1' A2M A 7 1.81 4.08 5.89
HM'1 A2M A 7 4.02 6.15 7.96
HM'2 A2M A 7 3.55 7.03 6.48
HM'3 A2M A 7 3.67 5.25 6.46
H8 A2M A 7 -1.32 4.68 3.98
OP2 A2M A 7 -4.54 5.50 4.04
H61 A2M A 7 0.55 5.31 -0.45
H62 A2M A 7 2.17 5.52 -1.08
H2 A2M A 7 4.89 5.33 2.49
P A2M A 8 -0.43 9.09 7.13
OP1 A2M A 8 -0.44 9.95 8.35
O5' A2M A 8 0.93 9.38 6.33
C5' A2M A 8 2.13 9.70 7.03
C4' A2M A 8 3.32 9.61 6.10
O4' A2M A 8 3.15 8.51 5.16
C3' A2M A 8 3.55 10.82 5.20
O3' A2M A 8 4.22 11.88 5.86
C2' A2M A 8 4.34 10.25 4.03
O2' A2M A 8 5.75 10.15 4.29
C1' A2M A 8 3.72 8.87 3.90
CM' A2M A 8 6.00 9.30 5.40
N9 A2M A 8 2.66 8.86 2.89
C8 A2M A 8 1.30 8.78 3.07
N7 A2M A 8 0.61 8.86 1.97
C5 A2M A 8 1.59 8.98 0.97
C6 A2M A 8 1.50 9.10 -0.43
N6 A2M A 8 0.36 9.16 -1.11
N1 A2M A 8 2.66 9.18 -1.11
C2 A2M A 8 3.82 9.15 -0.43
N3 A2M A 8 4.02 9.04 0.87
C4 A2M A 8 2.85 8.96 1.54
H5' A2M A 8 2.27 9.00 7.86
H5'' A2M A 8 2.07 10.70 7.44
H4' A2M A 8 4.21 9.52 6.72
H3' A2M A 8 2.59 11.24 4.88
H2' A2M A 8 4.14 10.84 3.14
H1' A2M A 8 4.44 8.09 3.65
HM'1 A2M A 8 7.00 8.87 5.31
HM'2 A2M A 8 5.94 9.87 6.33
HM'3 A2M A 8 5.27 8.48 5.42
H8 A2M A 8 0.86 8.68 4.05
OP2 A2M A 8 -1.55 9.17 6.15
H61 A2M A 8 -0.51 9.11 -0.60
H62 A2M A 8 0.37 9.29 -2.11
H2 A2M A 8 4.72 9.21 -1.04
P A2M A 9 3.91 13.40 5.45
OP1 A2M A 9 4.69 14.28 6.37
O5' A2M A 9 4.54 13.55 3.98
C5' A2M A 9 5.91 13.22 3.74
C4' A2M A 9 6.20 13.29 2.26
O4' A2M A 9 5.30 12.39 1.56
C3' A2M A 9 5.98 14.64 1.60
O3' A2M A 9 7.10 15.51 1.72
C2' A2M A 9 5.70 14.27 0.15
O2' A2M A 9 6.90 14.03 -0.56
C1' A2M A 9 4.95 12.94 0.30
CM' A2M A 9 6.91 14.78 -1.76
N9 A2M A 9 3.50 13.07 0.24
C8 A2M A 9 2.62 13.14 1.29
N7 A2M A 9 1.36 13.25 0.93
C5 A2M A 9 1.43 13.26 -0.46
C6 A2M A 9 0.43 13.35 -1.45
N6 A2M A 9 -0.88 13.46 -1.19
N1 A2M A 9 0.82 13.34 -2.75
C2 A2M A 9 2.12 13.24 -3.01
N3 A2M A 9 3.16 13.14 -2.18
C4 A2M A 9 2.73 13.16 -0.90
H5' A2M A 9 6.12 12.22 4.10
H5'' A2M A 9 6.56 13.93 4.26
H4' A2M A 9 7.25 13.04 2.11
H3' A2M A 9 5.14 15.17 2.06
HO3' A2M A 9 7.65 15.34 0.95
H2' A2M A 9 5.07 15.03 -0.34
H1' A2M A 9 5.25 12.22 -0.46
HM'1 A2M A 9 6.06 14.48 -2.38
HM'2 A2M A 9 6.83 15.85 -1.53
HM'3 A2M A 9 7.83 14.60 -2.30
H8 A2M A 9 2.93 13.11 2.32
OP2 A2M A 9 2.44 13.58 5.33
H61 A2M A 9 -1.18 13.46 -0.23
H62 A2M A 9 -1.56 13.54 -1.94
H2 A2M A 9 2.39 13.23 -4.08
O5' A2M B 2 -2.05 -14.04 2.74
C5' A2M B 2 -2.15 -14.51 4.09
C4' A2M B 2 -0.89 -14.20 4.87
O4' A2M B 2 0.13 -15.17 4.49
C3' A2M B 2 -0.27 -12.84 4.59
O3' A2M B 2 -0.83 -11.81 5.40
C2' A2M B 2 1.20 -13.09 4.88
O2' A2M B 2 1.46 -13.11 6.27
C1' A2M B 2 1.37 -14.50 4.32
CM' A2M B 2 2.87 -13.07 6.49
N9 A2M B 2 1.70 -14.49 2.90
C8 A2M B 2 0.84 -14.63 1.84
N7 A2M B 2 1.42 -14.55 0.67
C5 A2M B 2 2.76 -14.36 0.98
C6 A2M B 2 3.90 -14.20 0.18
N6 A2M B 2 3.87 -14.19 -1.16
N1 A2M B 2 5.09 -14.02 0.79
C2 A2M B 2 5.12 -14.01 2.13
N3 A2M B 2 4.11 -14.16 3.00
C4 A2M B 2 2.95 -14.33 2.35
H5' A2M B 2 -2.32 -15.59 4.08
H5'' A2M B 2 -3.00 -14.02 4.58
H4' A2M B 2 -1.15 -14.23 5.93
H3' A2M B 2 -0.45 -12.54 3.56
H2' A2M B 2 1.83 -12.37 4.34
H1' A2M B 2 2.12 -15.08 4.85
HM'1 A2M B 2 3.32 -14.02 6.21
HM'2 A2M B 2 3.07 -12.86 7.54
HM'3 A2M B 2 3.30 -12.27 5.88
H8 A2M B 2 -0.22 -14.79 1.97
H61 A2M B 2 2.99 -14.31 -1.64
H62 A2M B 2 4.72 -14.06 -1.68
H2 A2M B 2 6.10 -13.86 2.58
P A2M B 3 -0.95 -10.32 4.82
OP1 A2M B 3 -1.58 -9.49 5.87
O5' A2M B 3 0.57 -9.86 4.66
C5' A2M B 3 1.46 -9.91 5.76
C4' A2M B 3 2.90 -9.73 5.29
O4' A2M B 3 3.24 -10.79 4.35
C3' A2M B 3 3.19 -8.45 4.53
O3' A2M B 3 3.36 -7.32 5.38
C2' A2M B 3 4.46 -8.84 3.77
O2' A2M B 3 5.59 -8.83 4.62
C1' A2M B 3 4.14 -10.27 3.38
CM' A2M B 3 6.78 -8.84 3.83
N9 A2M B 3 3.51 -10.32 2.07
C8 A2M B 3 2.20 -10.60 1.75
N7 A2M B 3 1.94 -10.51 0.47
C5 A2M B 3 3.17 -10.17 -0.10
C6 A2M B 3 3.56 -9.92 -1.43
N6 A2M B 3 2.73 -9.97 -2.47
N1 A2M B 3 4.86 -9.62 -1.65
C2 A2M B 3 5.69 -9.55 -0.60
N3 A2M B 3 5.43 -9.76 0.69
C4 A2M B 3 4.14 -10.06 0.88
H5' A2M B 3 1.37 -10.87 6.27
H5'' A2M B 3 1.22 -9.11 6.47
H4' A2M B 3 3.53 -9.72 6.18
H3' A2M B 3 2.38 -8.20 3.86
H2' A2M B 3 4.59 -8.19 2.89
H1' A2M B 3 5.02 -10.91 3.37
HM'1 A2M B 3 6.75 -8.01 3.11
HM'2 A2M B 3 6.85 -9.78 3.28
HM'3 A2M B 3 7.65 -8.72 4.47
H8 A2M B 3 1.46 -10.85 2.49
OP2 A2M B 3 -1.56 -10.40 3.47
H61 A2M B 3 1.75 -10.20 -2.32
H62 A2M B 3 3.07 -9.76 -3.40
H2 A2M B 3 6.71 -9.29 -0.84
P A2M B 4 2.81 -5.89 4.89
OP1 A2M B 4 2.93 -4.96 6.05
O5' A2M B 4 3.83 -5.44 3.77
C5' A2M B 4 5.23 -5.61 3.96
C4' A2M B 4 5.98 -5.30 2.67
O4' A2M B 4 5.75 -6.35 1.69
C3' A2M B 4 5.56 -4.03 1.94
O3' A2M B 4 6.11 -2.85 2.50
C2' A2M B 4 6.07 -4.31 0.52
O2' A2M B 4 7.48 -4.12 0.43
C1' A2M B 4 5.76 -5.80 0.39
CM' A2M B 4 7.84 -4.11 -0.95
N9 A2M B 4 4.45 -6.00 -0.23
C8 A2M B 4 3.27 -6.35 0.36
N7 A2M B 4 2.25 -6.40 -0.48
C5 A2M B 4 2.82 -6.07 -1.70
C6 A2M B 4 2.28 -5.93 -2.99
N6 A2M B 4 0.99 -6.12 -3.28
N1 A2M B 4 3.11 -5.59 -3.99
C2 A2M B 4 4.40 -5.40 -3.71
N3 A2M B 4 5.03 -5.48 -2.54
C4 A2M B 4 4.18 -5.83 -1.57
H5' A2M B 4 5.45 -6.64 4.25
H5'' A2M B 4 5.59 -4.93 4.74
H4' A2M B 4 7.03 -5.17 2.93
H3' A2M B 4 4.49 -3.91 1.97
H2' A2M B 4 5.51 -3.71 -0.20
H1' A2M B 4 6.50 -6.33 -0.19
HM'1 A2M B 4 8.86 -3.71 -1.04
HM'2 A2M B 4 7.16 -3.47 -1.51
HM'3 A2M B 4 7.82 -5.12 -1.35
H8 A2M B 4 3.18 -6.56 1.41
OP2 A2M B 4 1.48 -6.09 4.26
H61 A2M B 4 0.34 -6.36 -2.54
H62 A2M B 4 0.65 -5.99 -4.22
H2 A2M B 4 5.03 -5.11 -4.55
P A2M B 5 5.25 -1.49 2.47
OP1 A2M B 5 5.99 -0.49 3.28
O5' A2M B 5 5.32 -1.05 0.93
C5' A2M B 5 6.54 -1.12 0.21
C4' A2M B 5 6.30 -0.89 -1.26
O4' A2M B 5 5.63 -2.05 -1.84
C3' A2M B 5 5.38 0.26 -1.62
O3' A2M B 5 6.03 1.53 -1.57
C2' A2M B 5 4.93 -0.11 -3.03
O2' A2M B 5 5.94 0.14 -3.99
C1' A2M B 5 4.76 -1.63 -2.88
CM' A2M B 5 5.38 0.03 -5.30
N9 A2M B 5 3.38 -1.97 -2.53
C8 A2M B 5 2.87 -2.32 -1.31
N7 A2M B 5 1.58 -2.52 -1.31
C5 A2M B 5 1.21 -2.29 -2.63
C6 A2M B 5 -0.03 -2.33 -3.28
N6 A2M B 5 -1.19 -2.61 -2.68
N1 A2M B 5 -0.06 -2.05 -4.61
C2 A2M B 5 1.10 -1.75 -5.22
N3 A2M B 5 2.33 -1.68 -4.70
C4 A2M B 5 2.31 -1.96 -3.39
H5' A2M B 5 7.01 -2.09 0.36
H5'' A2M B 5 7.22 -0.35 0.57
H4' A2M B 5 7.27 -0.69 -1.72
H3' A2M B 5 4.54 0.33 -0.93
H2' A2M B 5 3.98 0.38 -3.27
H1' A2M B 5 5.03 -2.18 -3.78
HM'1 A2M B 5 5.19 -1.03 -5.53
HM'2 A2M B 5 6.07 0.44 -6.03
HM'3 A2M B 5 4.43 0.57 -5.34
H8 A2M B 5 3.49 -2.42 -0.42
OP2 A2M B 5 3.84 -1.82 2.80
H61 A2M B 5 -1.18 -2.81 -1.69
H62 A2M B 5 -2.06 -2.61 -3.20
H2 A2M B 5 1.03 -1.52 -6.28
P A2M B 7 2.67 6.77 -4.25
OP1 A2M B 7 3.45 7.87 -4.86
O5' A2M B 7 1.12 7.00 -4.59
C5' A2M B 7 0.62 6.74 -5.90
C4' A2M B 7 -0.88 6.76 -5.89
O4' A2M B 7 -1.41 5.54 -5.28
C3' A2M B 7 -1.55 7.87 -5.08
O3' A2M B 7 -1.56 9.11 -5.76
C2' A2M B 7 -2.94 7.29 -4.85
O2' A2M B 7 -3.76 7.38 -6.00
C1' A2M B 7 -2.61 5.82 -4.60
CM' A2M B 7 -5.12 7.19 -5.64
N9 A2M B 7 -2.43 5.56 -3.17
C8 A2M B 7 -1.26 5.33 -2.48
N7 A2M B 7 -1.43 5.19 -1.19
C5 A2M B 7 -2.80 5.33 -1.02
C6 A2M B 7 -3.62 5.31 0.13
N6 A2M B 7 -3.16 5.12 1.37
N1 A2M B 7 -4.95 5.48 -0.04
C2 A2M B 7 -5.41 5.68 -1.29
N3 A2M B 7 -4.75 5.74 -2.44
C4 A2M B 7 -3.43 5.55 -2.23
H5' A2M B 7 0.97 5.77 -6.24
H5'' A2M B 7 0.98 7.52 -6.58
H4' A2M B 7 -1.22 6.89 -6.93
H3' A2M B 7 -1.02 8.04 -4.15
H2' A2M B 7 -3.41 7.75 -3.97
H1' A2M B 7 -3.37 5.14 -4.98
HM'1 A2M B 7 -5.75 7.40 -6.49
HM'2 A2M B 7 -5.38 7.86 -4.82
HM'3 A2M B 7 -5.26 6.16 -5.31
H8 A2M B 7 -0.30 5.26 -2.97
OP2 A2M B 7 2.79 6.50 -2.79
H61 A2M B 7 -2.17 5.00 1.50
H62 A2M B 7 -3.79 5.12 2.16
H2 A2M B 7 -6.49 5.82 -1.37
P A2M B 8 -1.31 10.46 -4.91
OP1 A2M B 8 -1.12 11.56 -5.89
O5' A2M B 8 -2.70 10.70 -4.16
C5' A2M B 8 -3.93 10.48 -4.83
C4' A2M B 8 -5.08 10.48 -3.84
O4' A2M B 8 -5.04 9.26 -3.03
C3' A2M B 8 -5.07 11.59 -2.80
O3' A2M B 8 -5.56 12.82 -3.33
C2' A2M B 8 -5.95 11.02 -1.71
O2' A2M B 8 -7.33 11.08 -2.05
C1' A2M B 8 -5.52 9.55 -1.72
CM' A2M B 8 -8.11 10.86 -0.88
N9 A2M B 8 -4.46 9.30 -0.75
C8 A2M B 8 -3.12 9.12 -0.98
N7 A2M B 8 -2.41 8.96 0.12
C5 A2M B 8 -3.36 9.04 1.13
C6 A2M B 8 -3.26 8.96 2.53
N6 A2M B 8 -2.11 8.80 3.19
N1 A2M B 8 -4.39 9.06 3.25
C2 A2M B 8 -5.55 9.24 2.60
N3 A2M B 8 -5.77 9.34 1.30
C4 A2M B 8 -4.63 9.23 0.61
H5' A2M B 8 -3.91 9.52 -5.35
H5'' A2M B 8 -4.11 11.27 -5.55
H4' A2M B 8 -6.00 10.58 -4.40
H3' A2M B 8 -4.07 11.80 -2.45
H2' A2M B 8 -5.73 11.48 -0.75
H1' A2M B 8 -6.35 8.86 -1.53
HM'1 A2M B 8 -8.06 9.80 -0.60
HM'2 A2M B 8 -9.16 11.11 -1.08
HM'3 A2M B 8 -7.75 11.47 -0.06
H8 A2M B 8 -2.68 9.10 -1.97
OP2 A2M B 8 -0.27 10.20 -3.88
H61 A2M B 8 -1.26 8.72 2.64
H62 A2M B 8 -2.08 8.78 4.20
H2 A2M B 8 -6.44 9.33 3.23
P A2M B 9 -4.91 14.21 -2.84
OP1 A2M B 9 -5.40 15.28 -3.74
O5' A2M B 9 -5.54 14.44 -1.39
C5' A2M B 9 -6.92 14.22 -1.15
C4' A2M B 9 -7.17 14.03 0.33
O4' A2M B 9 -6.32 12.97 0.84
C3' A2M B 9 -6.84 15.21 1.21
O3' A2M B 9 -7.88 16.19 1.25
C2' A2M B 9 -6.61 14.56 2.57
O2' A2M B 9 -7.84 14.24 3.20
C1' A2M B 9 -5.93 13.25 2.17
CM' A2M B 9 -7.93 14.93 4.44
N9 A2M B 9 -4.47 13.33 2.22
C8 A2M B 9 -3.59 13.41 1.16
N7 A2M B 9 -2.33 13.47 1.53
C5 A2M B 9 -2.38 13.42 2.92
C6 A2M B 9 -1.38 13.44 3.89
N6 A2M B 9 -0.08 13.51 3.63
N1 A2M B 9 -1.77 13.38 5.19
C2 A2M B 9 -3.08 13.30 5.46
N3 A2M B 9 -4.12 13.27 4.62
C4 A2M B 9 -3.69 13.34 3.35
H5' A2M B 9 -7.25 13.33 -1.69
H5'' A2M B 9 -7.50 15.07 -1.50
H4' A2M B 9 -8.24 13.83 0.47
H3' A2M B 9 -5.95 15.74 0.85
HO3' A2M B 9 -8.49 15.90 1.92
H2' A2M B 9 -5.97 15.17 3.20
H1' A2M B 9 -6.25 12.41 2.78
HM'1 A2M B 9 -8.89 14.71 4.92
HM'2 A2M B 9 -7.85 16.00 4.27
HM'3 A2M B 9 -7.11 14.61 5.09
H8 A2M B 9 -3.92 13.45 0.13
OP2 A2M B 9 -3.44 14.01 -2.68
H61 A2M B 9 0.22 13.56 2.66
H62 A2M B 9 0.61 13.54 4.38
H2 A2M B 9 -3.33 13.26 6.53
O5' A2M A 2 4.78 -14.57 -4.60
C5' A2M A 2 5.01 -14.09 -5.92
C4' A2M A 2 3.71 -13.92 -6.67
O4' A2M A 2 2.81 -15.00 -6.29
C3' A2M A 2 2.94 -12.64 -6.35
O3' A2M A 2 3.36 -11.54 -7.14
C2' A2M A 2 1.49 -13.05 -6.64
O2' A2M A 2 1.23 -13.07 -8.03
C1' A2M A 2 1.50 -14.48 -6.12
CM' A2M A 2 -0.17 -13.28 -8.24
N9 A2M A 2 1.16 -14.55 -4.70
C8 A2M A 2 2.02 -14.56 -3.63
N7 A2M A 2 1.41 -14.60 -2.47
C5 A2M A 2 0.06 -14.63 -2.80
C6 A2M A 2 -1.10 -14.68 -2.01
N6 A2M A 2 -1.09 -14.70 -0.67
N1 A2M A 2 -2.28 -14.72 -2.64
C2 A2M A 2 -2.30 -14.68 -3.98
N3 A2M A 2 -1.27 -14.63 -4.83
C4 A2M A 2 -0.11 -14.61 -4.17
H5' A2M A 2 5.65 -14.78 -6.46
H5'' A2M A 2 5.52 -13.12 -5.87
H4' A2M A 2 3.94 -13.89 -7.73
H3' A2M A 2 3.08 -12.34 -5.32
H2' A2M A 2 0.81 -12.41 -6.08
H1' A2M A 2 0.82 -15.12 -6.67
HM'1 A2M A 2 -0.43 -12.99 -9.26
HM'2 A2M A 2 -0.39 -14.34 -8.11
HM'3 A2M A 2 -0.74 -12.69 -7.52
H8 A2M A 2 3.09 -14.52 -3.74
H61 A2M A 2 -0.19 -14.68 -0.19
H62 A2M A 2 -1.95 -14.73 -0.16
H2 A2M A 2 -3.29 -14.70 -4.44
P A2M A 3 3.05 -10.04 -6.64
OP1 A2M A 3 3.44 -9.11 -7.73
O5' A2M A 3 1.47 -10.00 -6.48
C5' A2M A 3 0.63 -9.89 -7.63
C4' A2M A 3 -0.83 -10.03 -7.24
O4' A2M A 3 -0.99 -11.14 -6.32
C3' A2M A 3 -1.43 -8.85 -6.47
O3' A2M A 3 -1.80 -7.77 -7.32
C2' A2M A 3 -2.61 -9.50 -5.77
O2' A2M A 3 -3.69 -9.70 -6.65
C1' A2M A 3 -2.02 -10.85 -5.38
CM' A2M A 3 -4.91 -9.80 -5.91
N9 A2M A 3 -1.45 -10.82 -4.04
C8 A2M A 3 -0.13 -10.76 -3.67
N7 A2M A 3 0.06 -10.71 -2.38
C5 A2M A 3 -1.22 -10.75 -1.85
C6 A2M A 3 -1.71 -10.72 -0.54
N6 A2M A 3 -0.93 -10.63 0.54
N1 A2M A 3 -3.05 -10.78 -0.36
C2 A2M A 3 -3.84 -10.85 -1.44
N3 A2M A 3 -3.50 -10.89 -2.73
C4 A2M A 3 -2.17 -10.83 -2.87
H5' A2M A 3 0.87 -10.68 -8.34
H5'' A2M A 3 0.77 -8.92 -8.11
H4' A2M A 3 -1.41 -10.12 -8.15
H3' A2M A 3 -0.71 -8.44 -5.77
H2' A2M A 3 -2.89 -8.92 -4.88
H1' A2M A 3 -2.76 -11.66 -5.44
HM'1 A2M A 3 -5.74 -9.93 -6.59
HM'2 A2M A 3 -4.85 -10.66 -5.24
HM'3 A2M A 3 -5.05 -8.89 -5.33
H8 A2M A 3 0.68 -10.75 -4.39
OP2 A2M A 3 3.65 -9.88 -5.29
H61 A2M A 3 0.07 -10.57 0.44
H62 A2M A 3 -1.35 -10.57 1.46
H2 A2M A 3 -4.91 -10.90 -1.24
P A2M A 4 -1.76 -6.27 -6.76
OP1 A2M A 4 -2.26 -5.38 -7.85
O5' A2M A 4 -2.83 -6.26 -5.58
C5' A2M A 4 -4.22 -6.04 -5.85
C4' A2M A 4 -5.04 -6.25 -4.59
O4' A2M A 4 -4.49 -7.37 -3.83
C3' A2M A 4 -5.07 -5.11 -3.59
O3' A2M A 4 -5.98 -4.09 -3.93
C2' A2M A 4 -5.46 -5.83 -2.30
O2' A2M A 4 -6.85 -6.13 -2.28
C1' A2M A 4 -4.68 -7.13 -2.45
CM' A2M A 4 -7.28 -6.21 -0.92
N9 A2M A 4 -3.38 -7.04 -1.80
C8 A2M A 4 -2.14 -6.96 -2.38
N7 A2M A 4 -1.16 -6.83 -1.52
C5 A2M A 4 -1.79 -6.82 -0.28
C6 A2M A 4 -1.32 -6.70 1.04
N6 A2M A 4 -0.03 -6.53 1.35
N1 A2M A 4 -2.22 -6.74 2.04
C2 A2M A 4 -3.51 -6.88 1.73
N3 A2M A 4 -4.09 -7.00 0.53
C4 A2M A 4 -3.16 -6.96 -0.45
H5' A2M A 4 -4.56 -6.71 -6.63
H5'' A2M A 4 -4.36 -5.01 -6.18
H4' A2M A 4 -6.07 -6.41 -4.91
H3' A2M A 4 -4.08 -4.64 -3.51
H2' A2M A 4 -5.13 -5.25 -1.42
H1' A2M A 4 -5.21 -7.99 -2.03
HM'1 A2M A 4 -6.73 -7.01 -0.41
HM'2 A2M A 4 -7.09 -5.26 -0.42
HM'3 A2M A 4 -8.35 -6.42 -0.90
H8 A2M A 4 -1.98 -7.00 -3.45
OP2 A2M A 4 -0.42 -6.02 -6.18
H61 A2M A 4 0.66 -6.49 0.61
H62 A2M A 4 0.24 -6.40 2.31
H2 A2M A 4 -4.20 -6.90 2.58
P A2M A 5 -5.67 -2.57 -3.48
OP1 A2M A 5 -6.80 -1.73 -3.95
O5' A2M A 5 -5.71 -2.62 -1.88
C5' A2M A 5 -6.92 -2.38 -1.18
C4' A2M A 5 -6.69 -2.47 0.32
O4' A2M A 5 -5.73 -3.54 0.61
C3' A2M A 5 -6.09 -1.25 0.99
O3' A2M A 5 -7.04 -0.23 1.25
C2' A2M A 5 -5.50 -1.85 2.27
O2' A2M A 5 -6.50 -2.09 3.23
C1' A2M A 5 -4.96 -3.18 1.74
CM' A2M A 5 -5.88 -2.24 4.52
N9 A2M A 5 -3.56 -3.07 1.35
C8 A2M A 5 -3.04 -3.03 0.09
N7 A2M A 5 -1.73 -2.88 0.06
C5 A2M A 5 -1.37 -2.84 1.39
C6 A2M A 5 -0.13 -2.70 2.05
N6 A2M A 5 1.03 -2.55 1.40
N1 A2M A 5 -0.12 -2.71 3.39
C2 A2M A 5 -1.29 -2.84 4.05
N3 A2M A 5 -2.51 -2.98 3.55
C4 A2M A 5 -2.49 -2.97 2.20
H5' A2M A 5 -7.67 -3.12 -1.47
H5'' A2M A 5 -7.29 -1.38 -1.40
H4' A2M A 5 -7.66 -2.63 0.78
H3' A2M A 5 -5.32 -0.79 0.35
H2' A2M A 5 -4.69 -1.21 2.65
H1' A2M A 5 -5.05 -3.98 2.48
HM'1 A2M A 5 -5.25 -1.39 4.71
HM'2 A2M A 5 -5.29 -3.16 4.53
HM'3 A2M A 5 -6.67 -2.30 5.28
H8 A2M A 5 -3.64 -3.10 -0.80
OP2 A2M A 5 -4.28 -2.23 -3.90
H61 A2M A 5 1.03 -2.53 0.39
H62 A2M A 5 1.89 -2.43 1.92
H2 A2M A 5 -1.22 -2.84 5.13
P A2M A 7 -4.38 5.15 5.46
OP1 A2M A 7 -5.13 5.94 6.48
O5' A2M A 7 -2.82 5.29 5.77
C5' A2M A 7 -2.29 4.94 7.05
C4' A2M A 7 -0.79 5.00 7.03
O4' A2M A 7 -0.26 4.02 6.10
C3' A2M A 7 -0.17 6.31 6.57
O3' A2M A 7 -0.17 7.31 7.58
C2' A2M A 7 1.24 5.86 6.17
O2' A2M A 7 2.06 5.65 7.31
C1' A2M A 7 0.93 4.51 5.52
CM' A2M A 7 3.43 5.64 6.90
N9 A2M A 7 0.74 4.65 4.08
C8 A2M A 7 -0.45 4.71 3.38
N7 A2M A 7 -0.30 4.91 2.10
C5 A2M A 7 1.07 4.98 1.93
C6 A2M A 7 1.89 5.17 0.79
N6 A2M A 7 1.40 5.37 -0.44
N1 A2M A 7 3.23 5.17 0.97
C2 A2M A 7 3.71 5.00 2.20
N3 A2M A 7 3.06 4.81 3.34
C4 A2M A 7 1.72 4.81 3.14
H5' A2M A 7 -2.63 3.93 7.32
H5'' A2M A 7 -2.66 5.65 7.80
H4' A2M A 7 -0.46 4.84 8.07
H3' A2M A 7 -0.72 6.73 5.73
H2' A2M A 7 1.67 6.57 5.45
H1' A2M A 7 1.73 3.78 5.69
HM'1 A2M A 7 3.62 4.77 6.27
HM'2 A2M A 7 4.07 5.61 7.78
HM'3 A2M A 7 3.64 6.55 6.33
H8 A2M A 7 -1.41 4.62 3.87
OP2 A2M A 7 -4.59 5.43 4.02
H61 A2M A 7 0.40 5.37 -0.57
H62 A2M A 7 2.03 5.53 -1.22
H2 A2M A 7 4.80 5.01 2.29
P A2M A 8 -0.30 8.85 7.14
OP1 A2M A 8 -0.33 9.67 8.39
O5' A2M A 8 1.07 9.15 6.38
C5' A2M A 8 2.31 9.12 7.07
C4' A2M A 8 3.46 9.12 6.09
O4' A2M A 8 3.25 8.09 5.08
C3' A2M A 8 3.66 10.39 5.28
O3' A2M A 8 4.33 11.40 6.01
C2' A2M A 8 4.46 9.90 4.08
O2' A2M A 8 5.85 9.80 4.42
C1' A2M A 8 3.80 8.53 3.84
CM' A2M A 8 6.19 8.46 4.78
N9 A2M A 8 2.72 8.64 2.86
C8 A2M A 8 1.36 8.59 3.07
N7 A2M A 8 0.65 8.77 1.98
C5 A2M A 8 1.60 8.93 0.99
C6 A2M A 8 1.50 9.15 -0.41
N6 A2M A 8 0.34 9.29 -1.05
N1 A2M A 8 2.64 9.26 -1.10
C2 A2M A 8 3.81 9.14 -0.45
N3 A2M A 8 4.04 8.94 0.84
C4 A2M A 8 2.88 8.83 1.50
H5' A2M A 8 2.35 8.22 7.69
H5'' A2M A 8 2.40 10.00 7.72
H4' A2M A 8 4.37 8.98 6.67
H3' A2M A 8 2.70 10.82 4.99
H2' A2M A 8 4.29 10.57 3.23
H1' A2M A 8 4.50 7.78 3.49
HM'1 A2M A 8 7.10 8.47 5.37
HM'2 A2M A 8 5.38 8.03 5.37
HM'3 A2M A 8 6.35 7.87 3.89
H8 A2M A 8 0.92 8.43 4.04
OP2 A2M A 8 -1.42 8.96 6.17
H61 A2M A 8 -0.52 9.21 -0.53
H62 A2M A 8 0.33 9.48 -2.04
H2 A2M A 8 4.70 9.23 -1.09
P A2M A 9 3.97 12.95 5.75
OP1 A2M A 9 4.71 13.76 6.75
O5' A2M A 9 4.61 13.25 4.31
C5' A2M A 9 5.96 12.91 4.02
C4' A2M A 9 6.24 13.06 2.54
O4' A2M A 9 5.32 12.22 1.79
C3' A2M A 9 6.01 14.46 1.98
O3' A2M A 9 7.15 15.31 2.19
C2' A2M A 9 5.74 14.18 0.51
O2' A2M A 9 6.95 13.96 -0.20
C1' A2M A 9 4.97 12.86 0.57
CM' A2M A 9 6.88 14.57 -1.48
N9 A2M A 9 3.52 13.04 0.54
C8 A2M A 9 2.65 13.02 1.60
N7 A2M A 9 1.40 13.19 1.26
C5 A2M A 9 1.45 13.34 -0.12
C6 A2M A 9 0.44 13.55 -1.08
N6 A2M A 9 -0.85 13.65 -0.80
N1 A2M A 9 0.83 13.64 -2.37
C2 A2M A 9 2.13 13.53 -2.66
N3 A2M A 9 3.16 13.33 -1.85
C4 A2M A 9 2.75 13.24 -0.57
H5' A2M A 9 6.15 11.87 4.31
H5'' A2M A 9 6.64 13.55 4.58
H4' A2M A 9 7.29 12.82 2.37
H3' A2M A 9 5.18 14.95 2.47
HO3' A2M A 9 7.87 14.93 1.68
H2' A2M A 9 5.14 14.98 0.07
H1' A2M A 9 5.25 12.18 -0.22
HM'1 A2M A 9 6.77 15.65 -1.37
HM'2 A2M A 9 7.78 14.36 -2.05
HM'3 A2M A 9 6.01 14.18 -2.02
H8 A2M A 9 2.97 12.87 2.62
OP2 A2M A 9 2.50 13.08 5.63
H61 A2M A 9 -1.15 13.57 0.17
H62 A2M A 9 -1.54 13.80 -1.52
H2 A2M A 9 2.39 13.63 -3.72
O5' A2M B 2 -2.11 -13.76 3.08
C5' A2M B 2 -2.29 -14.06 4.47
C4' A2M B 2 -1.06 -13.69 5.26
O4' A2M B 2 -0.03 -14.70 5.02
C3' A2M B 2 -0.42 -12.37 4.86
O3' A2M B 2 -0.99 -11.25 5.53
C2' A2M B 2 1.05 -12.59 5.23
O2' A2M B 2 1.26 -12.47 6.62
C1' A2M B 2 1.22 -14.06 4.83
CM' A2M B 2 2.67 -12.44 6.89
N9 A2M B 2 1.59 -14.20 3.42
C8 A2M B 2 0.76 -14.44 2.36
N7 A2M B 2 1.37 -14.49 1.20
C5 A2M B 2 2.71 -14.27 1.53
C6 A2M B 2 3.86 -14.20 0.75
N6 A2M B 2 3.88 -14.33 -0.58
N1 A2M B 2 5.04 -13.96 1.37
C2 A2M B 2 5.03 -13.81 2.71
N3 A2M B 2 4.01 -13.86 3.56
C4 A2M B 2 2.85 -14.10 2.89
H5' A2M B 2 -2.49 -15.12 4.59
H5'' A2M B 2 -3.14 -13.49 4.86
H4' A2M B 2 -1.35 -13.60 6.30
H3' A2M B 2 -0.54 -12.18 3.80
H2' A2M B 2 1.69 -11.93 4.64
H1' A2M B 2 1.95 -14.58 5.44
HM'1 A2M B 2 3.16 -11.79 6.16
HM'2 A2M B 2 3.07 -13.45 6.80
HM'3 A2M B 2 2.84 -12.06 7.89
H8 A2M B 2 -0.30 -14.58 2.47
H61 A2M B 2 3.01 -14.49 -1.06
H62 A2M B 2 4.74 -14.27 -1.08
H2 A2M B 2 6.00 -13.62 3.17
P A2M B 3 -1.05 -9.83 4.79
OP1 A2M B 3 -1.72 -8.87 5.71
O5' A2M B 3 0.48 -9.41 4.66
C5' A2M B 3 1.34 -9.42 5.79
C4' A2M B 3 2.78 -9.26 5.36
O4' A2M B 3 3.18 -10.39 4.53
C3' A2M B 3 3.10 -8.05 4.50
O3' A2M B 3 3.21 -6.85 5.24
C2' A2M B 3 4.41 -8.48 3.83
O2' A2M B 3 5.50 -8.38 4.73
C1' A2M B 3 4.12 -9.95 3.57
CM' A2M B 3 6.72 -8.43 3.98
N9 A2M B 3 3.56 -10.15 2.23
C8 A2M B 3 2.26 -10.46 1.88
N7 A2M B 3 2.07 -10.51 0.58
C5 A2M B 3 3.32 -10.22 0.05
C6 A2M B 3 3.78 -10.11 -1.28
N6 A2M B 3 3.01 -10.29 -2.35
N1 A2M B 3 5.09 -9.81 -1.47
C2 A2M B 3 5.86 -9.62 -0.39
N3 A2M B 3 5.54 -9.68 0.90
C4 A2M B 3 4.24 -10.00 1.05
H5' A2M B 3 1.22 -10.36 6.33
H5'' A2M B 3 1.08 -8.59 6.46
H4' A2M B 3 3.37 -9.16 6.27
H3' A2M B 3 2.31 -7.88 3.77
H2' A2M B 3 4.55 -7.92 2.90
H1' A2M B 3 5.01 -10.58 3.66
HM'1 A2M B 3 6.81 -9.40 3.50
HM'2 A2M B 3 7.56 -8.27 4.65
HM'3 A2M B 3 6.71 -7.65 3.21
H8 A2M B 3 1.48 -10.64 2.60
OP2 A2M B 3 -1.59 -10.05 3.42
H61 A2M B 3 2.03 -10.51 -2.22
H62 A2M B 3 3.40 -10.19 -3.28
H2 A2M B 3 6.90 -9.35 -0.60
P A2M B 4 2.64 -5.47 4.62
OP1 A2M B 4 2.70 -4.44 5.68
O5' A2M B 4 3.71 -5.10 3.50
C5' A2M B 4 5.11 -5.25 3.75
C4' A2M B 4 5.90 -5.06 2.47
O4' A2M B 4 5.69 -6.19 1.58
C3' A2M B 4 5.53 -3.87 1.62
O3' A2M B 4 6.05 -2.64 2.12
C2' A2M B 4 6.07 -4.25 0.25
O2' A2M B 4 7.48 -4.10 0.20
C1' A2M B 4 5.76 -5.74 0.24
CM' A2M B 4 7.91 -4.13 -1.16
N9 A2M B 4 4.46 -5.98 -0.41
C8 A2M B 4 3.27 -6.36 0.16
N7 A2M B 4 2.28 -6.45 -0.70
C5 A2M B 4 2.86 -6.12 -1.91
C6 A2M B 4 2.35 -6.03 -3.22
N6 A2M B 4 1.08 -6.26 -3.54
N1 A2M B 4 3.20 -5.68 -4.21
C2 A2M B 4 4.48 -5.43 -3.90
N3 A2M B 4 5.08 -5.49 -2.72
C4 A2M B 4 4.21 -5.84 -1.75
H5' A2M B 4 5.31 -6.24 4.15
H5'' A2M B 4 5.43 -4.50 4.47
H4' A2M B 4 6.95 -4.93 2.76
H3' A2M B 4 4.45 -3.72 1.60
H2' A2M B 4 5.56 -3.71 -0.54
H1' A2M B 4 6.51 -6.34 -0.28
HM'1 A2M B 4 7.34 -3.40 -1.73
HM'2 A2M B 4 7.74 -5.13 -1.57
HM'3 A2M B 4 8.97 -3.89 -1.21
H8 A2M B 4 3.16 -6.55 1.22
OP2 A2M B 4 1.35 -5.76 3.95
H61 A2M B 4 0.44 -6.51 -2.79
H62 A2M B 4 0.75 -6.16 -4.49
H2 A2M B 4 5.12 -5.15 -4.73
P A2M B 5 5.16 -1.30 2.04
OP1 A2M B 5 5.85 -0.24 2.82
O5' A2M B 5 5.21 -0.91 0.50
C5' A2M B 5 6.42 -1.03 -0.24
C4' A2M B 5 6.15 -0.82 -1.72
O4' A2M B 5 5.46 -1.99 -2.27
C3' A2M B 5 5.24 0.34 -2.09
O3' A2M B 5 5.89 1.59 -2.05
C2' A2M B 5 4.76 -0.07 -3.47
O2' A2M B 5 5.77 0.17 -4.45
C1' A2M B 5 4.59 -1.57 -3.30
CM' A2M B 5 5.18 0.11 -5.76
N9 A2M B 5 3.21 -1.89 -2.93
C8 A2M B 5 2.73 -2.28 -1.70
N7 A2M B 5 1.43 -2.44 -1.68
C5 A2M B 5 1.03 -2.16 -2.98
C6 A2M B 5 -0.23 -2.14 -3.61
N6 A2M B 5 -1.38 -2.41 -2.98
N1 A2M B 5 -0.27 -1.81 -4.91
C2 A2M B 5 0.88 -1.51 -5.54
N3 A2M B 5 2.11 -1.50 -5.06
C4 A2M B 5 2.12 -1.82 -3.75
H5' A2M B 5 6.85 -2.01 -0.09
H5'' A2M B 5 7.13 -0.27 0.09
H4' A2M B 5 7.11 -0.62 -2.20
H3' A2M B 5 4.41 0.41 -1.38
H2' A2M B 5 3.82 0.43 -3.71
H1' A2M B 5 4.84 -2.14 -4.20
HM'1 A2M B 5 4.31 0.76 -5.79
HM'2 A2M B 5 4.87 -0.92 -5.96
HM'3 A2M B 5 5.91 0.43 -6.50
H8 A2M B 5 3.36 -2.43 -0.84
OP2 A2M B 5 3.75 -1.67 2.38
H61 A2M B 5 -1.33 -2.65 -2.00
H62 A2M B 5 -2.26 -2.37 -3.48
H2 A2M B 5 0.78 -1.25 -6.60
P A2M B 7 2.51 6.94 -4.35
OP1 A2M B 7 3.32 8.05 -4.92
O5' A2M B 7 0.97 7.23 -4.65
C5' A2M B 7 0.44 7.04 -5.95
C4' A2M B 7 -1.08 7.12 -5.91
O4' A2M B 7 -1.63 5.90 -5.35
C3' A2M B 7 -1.67 8.22 -5.04
O3' A2M B 7 -1.63 9.50 -5.66
C2' A2M B 7 -3.08 7.70 -4.79
O2' A2M B 7 -3.91 7.89 -5.93
C1' A2M B 7 -2.81 6.21 -4.63
CM' A2M B 7 -5.27 7.75 -5.54
N9 A2M B 7 -2.61 5.87 -3.22
C8 A2M B 7 -1.43 5.57 -2.56
N7 A2M B 7 -1.59 5.37 -1.28
C5 A2M B 7 -2.95 5.54 -1.07
C6 A2M B 7 -3.76 5.46 0.08
N6 A2M B 7 -3.28 5.20 1.31
N1 A2M B 7 -5.08 5.67 -0.06
C2 A2M B 7 -5.56 5.95 -1.28
N3 A2M B 7 -4.90 6.06 -2.43
C4 A2M B 7 -3.60 5.83 -2.26
H5' A2M B 7 0.73 6.07 -6.33
H5'' A2M B 7 0.81 7.81 -6.62
H4' A2M B 7 -1.41 7.32 -6.93
H3' A2M B 7 -1.11 8.33 -4.12
H2' A2M B 7 -3.49 8.14 -3.88
H1' A2M B 7 -3.61 5.59 -5.01
HM'1 A2M B 7 -5.91 7.99 -6.38
HM'2 A2M B 7 -5.49 8.42 -4.71
HM'3 A2M B 7 -5.45 6.71 -5.23
H8 A2M B 7 -0.48 5.52 -3.07
OP2 A2M B 7 2.64 6.59 -2.91
H61 A2M B 7 -2.29 5.05 1.41
H62 A2M B 7 -3.90 5.18 2.11
H2 A2M B 7 -6.63 6.12 -1.34
P A2M B 8 -1.34 10.80 -4.76
OP1 A2M B 8 -1.14 11.94 -5.68
O5' A2M B 8 -2.70 11.03 -3.97
C5' A2M B 8 -3.96 10.94 -4.65
C4' A2M B 8 -5.08 10.89 -3.64
O4' A2M B 8 -5.06 9.63 -2.92
C3' A2M B 8 -5.06 11.93 -2.54
O3' A2M B 8 -5.53 13.20 -2.97
C2' A2M B 8 -5.94 11.30 -1.48
O2' A2M B 8 -7.31 11.41 -1.80
C1' A2M B 8 -5.52 9.83 -1.59
CM' A2M B 8 -8.09 11.10 -0.64
N9 A2M B 8 -4.45 9.51 -0.65
C8 A2M B 8 -3.12 9.33 -0.91
N7 A2M B 8 -2.40 9.10 0.17
C5 A2M B 8 -3.33 9.12 1.20
C6 A2M B 8 -3.22 8.94 2.59
N6 A2M B 8 -2.06 8.72 3.22
N1 A2M B 8 -4.34 9.01 3.33
C2 A2M B 8 -5.51 9.25 2.71
N3 A2M B 8 -5.75 9.43 1.41
C4 A2M B 8 -4.60 9.36 0.70
H5' A2M B 8 -3.98 10.04 -5.26
H5'' A2M B 8 -4.09 11.82 -5.29
H4' A2M B 8 -6.01 11.05 -4.20
H3' A2M B 8 -4.04 12.11 -2.18
H2' A2M B 8 -5.70 11.71 -0.48
H1' A2M B 8 -6.35 9.14 -1.42
HM'1 A2M B 8 -9.13 11.37 -0.83
HM'2 A2M B 8 -7.72 11.69 0.21
HM'3 A2M B 8 -8.02 10.05 -0.42
H8 A2M B 8 -2.69 9.39 -1.89
OP2 A2M B 8 -0.28 10.46 -3.77
H61 A2M B 8 -1.22 8.69 2.68
H62 A2M B 8 -2.03 8.64 4.23
H2 A2M B 8 -6.38 9.30 3.35
P A2M B 9 -4.87 14.55 -2.38
OP1 A2M B 9 -5.38 15.69 -3.19
O5' A2M B 9 -5.48 14.67 -0.91
C5' A2M B 9 -6.88 14.48 -0.68
C4' A2M B 9 -7.12 14.20 0.78
O4' A2M B 9 -6.31 13.08 1.21
C3' A2M B 9 -6.74 15.32 1.74
O3' A2M B 9 -7.75 16.33 1.83
C2' A2M B 9 -6.54 14.57 3.05
O2' A2M B 9 -7.77 14.24 3.67
C1' A2M B 9 -5.91 13.26 2.55
CM' A2M B 9 -7.79 14.78 4.99
N9 A2M B 9 -4.44 13.28 2.60
C8 A2M B 9 -3.57 13.40 1.55
N7 A2M B 9 -2.31 13.38 1.91
C5 A2M B 9 -2.35 13.23 3.29
C6 A2M B 9 -1.34 13.14 4.27
N6 A2M B 9 -0.04 13.18 3.99
N1 A2M B 9 -1.72 13.00 5.55
C2 A2M B 9 -3.04 12.97 5.83
N3 A2M B 9 -4.08 13.04 5.00
C4 A2M B 9 -3.65 13.17 3.73
H5' A2M B 9 -7.23 13.63 -1.28
H5'' A2M B 9 -7.43 15.37 -0.97
H4' A2M B 9 -8.20 14.03 0.91
H3' A2M B 9 -5.83 15.83 1.41
HO3' A2M B 9 -8.26 16.30 1.02
H2' A2M B 9 -5.86 15.12 3.72
H1' A2M B 9 -6.25 12.40 3.12
HM'1 A2M B 9 -8.74 14.55 5.46
HM'2 A2M B 9 -7.66 15.87 4.94
HM'3 A2M B 9 -6.98 14.34 5.57
H8 A2M B 9 -3.90 13.53 0.52
OP2 A2M B 9 -3.40 14.33 -2.26
H61 A2M B 9 0.26 13.28 3.03
H62 A2M B 9 0.65 13.11 4.73
H2 A2M B 9 -3.29 12.85 6.88
O5' A2M A 2 4.58 -12.81 -4.93
C5' A2M A 2 4.79 -13.16 -6.30
C4' A2M A 2 3.49 -13.14 -7.06
O4' A2M A 2 2.76 -14.37 -6.75
C3' A2M A 2 2.55 -12.01 -6.70
O3' A2M A 2 2.82 -10.83 -7.44
C2' A2M A 2 1.18 -12.60 -7.02
O2' A2M A 2 0.92 -12.60 -8.41
C1' A2M A 2 1.38 -14.05 -6.55
CM' A2M A 2 -0.47 -12.85 -8.62
N9 A2M A 2 1.07 -14.23 -5.14
C8 A2M A 2 1.95 -14.31 -4.09
N7 A2M A 2 1.37 -14.45 -2.92
C5 A2M A 2 0.01 -14.46 -3.22
C6 A2M A 2 -1.13 -14.59 -2.42
N6 A2M A 2 -1.10 -14.71 -1.10
N1 A2M A 2 -2.33 -14.57 -3.04
C2 A2M A 2 -2.37 -14.43 -4.38
N3 A2M A 2 -1.36 -14.31 -5.24
C4 A2M A 2 -0.18 -14.34 -4.59
H5' A2M A 2 5.24 -14.16 -6.37
H5'' A2M A 2 5.48 -12.44 -6.76
H4' A2M A 2 3.73 -13.04 -8.12
H3' A2M A 2 2.65 -11.73 -5.65
H2' A2M A 2 0.40 -12.11 -6.44
H1' A2M A 2 0.80 -14.76 -7.13
HM'1 A2M A 2 -0.71 -12.67 -9.67
HM'2 A2M A 2 -0.70 -13.88 -8.36
HM'3 A2M A 2 -1.06 -12.17 -8.00
H8 A2M A 2 3.03 -14.27 -4.22
H61 A2M A 2 -0.20 -14.72 -0.62
H62 A2M A 2 -1.96 -14.78 -0.58
H2 A2M A 2 -3.37 -14.42 -4.82
P A2M A 3 2.63 -9.39 -6.75
OP1 A2M A 3 3.08 -8.36 -7.71
O5' A2M A 3 1.05 -9.26 -6.56
C5' A2M A 3 0.17 -9.46 -7.67
C4' A2M A 3 -1.25 -9.57 -7.20
O4' A2M A 3 -1.42 -10.74 -6.35
C3' A2M A 3 -1.76 -8.42 -6.33
O3' A2M A 3 -2.13 -7.28 -7.08
C2' A2M A 3 -2.94 -9.07 -5.61
O2' A2M A 3 -4.06 -9.17 -6.45
C1' A2M A 3 -2.38 -10.47 -5.35
CM' A2M A 3 -5.21 -9.52 -5.68
N9 A2M A 3 -1.75 -10.56 -4.04
C8 A2M A 3 -0.42 -10.52 -3.72
N7 A2M A 3 -0.17 -10.58 -2.44
C5 A2M A 3 -1.43 -10.68 -1.86
C6 A2M A 3 -1.86 -10.76 -0.53
N6 A2M A 3 -1.04 -10.76 0.52
N1 A2M A 3 -3.19 -10.86 -0.30
C2 A2M A 3 -4.02 -10.84 -1.35
N3 A2M A 3 -3.74 -10.75 -2.65
C4 A2M A 3 -2.41 -10.68 -2.83
H5' A2M A 3 0.45 -10.37 -8.19
H5'' A2M A 3 0.25 -8.62 -8.36
H4' A2M A 3 -1.89 -9.59 -8.09
H3' A2M A 3 -0.99 -8.09 -5.64
H2' A2M A 3 -3.15 -8.54 -4.67
H1' A2M A 3 -3.15 -11.24 -5.42
HM'1 A2M A 3 -5.24 -8.90 -4.78
HM'2 A2M A 3 -6.11 -9.35 -6.27
HM'3 A2M A 3 -5.15 -10.57 -5.39
H8 A2M A 3 0.36 -10.44 -4.48
OP2 A2M A 3 3.25 -9.45 -5.39
H61 A2M A 3 -0.05 -10.69 0.38
H62 A2M A 3 -1.43 -10.79 1.46
H2 A2M A 3 -5.08 -10.91 -1.11
P A2M A 4 -1.94 -5.81 -6.44
OP1 A2M A 4 -2.34 -4.83 -7.47
O5' A2M A 4 -3.02 -5.77 -5.27
C5' A2M A 4 -4.38 -6.10 -5.52
C4' A2M A 4 -5.15 -6.27 -4.24
O4' A2M A 4 -4.61 -7.38 -3.46
C3' A2M A 4 -5.09 -5.11 -3.26
O3' A2M A 4 -5.96 -4.03 -3.61
C2' A2M A 4 -5.47 -5.77 -1.95
O2' A2M A 4 -6.87 -6.02 -1.87
C1' A2M A 4 -4.75 -7.11 -2.08
CM' A2M A 4 -7.23 -6.27 -0.52
N9 A2M A 4 -3.43 -7.04 -1.46
C8 A2M A 4 -2.20 -6.95 -2.06
N7 A2M A 4 -1.20 -6.84 -1.22
C5 A2M A 4 -1.82 -6.88 0.03
C6 A2M A 4 -1.31 -6.81 1.33
N6 A2M A 4 -0.02 -6.66 1.63
N1 A2M A 4 -2.19 -6.89 2.36
C2 A2M A 4 -3.50 -7.03 2.07
N3 A2M A 4 -4.09 -7.09 0.88
C4 A2M A 4 -3.18 -7.02 -0.11
H5' A2M A 4 -4.43 -7.03 -6.10
H5'' A2M A 4 -4.85 -5.31 -6.11
H4' A2M A 4 -6.20 -6.40 -4.50
H3' A2M A 4 -4.10 -4.67 -3.22
H2' A2M A 4 -5.10 -5.19 -1.09
H1' A2M A 4 -5.30 -7.94 -1.64
HM'1 A2M A 4 -6.79 -7.21 -0.19
HM'2 A2M A 4 -6.87 -5.46 0.12
HM'3 A2M A 4 -8.32 -6.33 -0.44
H8 A2M A 4 -2.07 -6.96 -3.14
OP2 A2M A 4 -0.59 -5.74 -5.83
H61 A2M A 4 0.65 -6.60 0.87
H62 A2M A 4 0.28 -6.58 2.60
H2 A2M A 4 -4.16 -7.08 2.93
P A2M A 5 -5.51 -2.53 -3.28
OP1 A2M A 5 -6.54 -1.62 -3.86
O5' A2M A 5 -5.59 -2.44 -1.69
C5' A2M A 5 -6.81 -2.72 -1.01
C4' A2M A 5 -6.58 -2.77 0.49
O4' A2M A 5 -5.61 -3.80 0.82
C3' A2M A 5 -6.00 -1.51 1.12
O3' A2M A 5 -6.96 -0.49 1.33
C2' A2M A 5 -5.41 -2.04 2.42
O2' A2M A 5 -6.41 -2.28 3.38
C1' A2M A 5 -4.85 -3.38 1.95
CM' A2M A 5 -5.83 -2.18 4.69
N9 A2M A 5 -3.45 -3.28 1.58
C8 A2M A 5 -2.90 -3.29 0.31
N7 A2M A 5 -1.59 -3.11 0.31
C5 A2M A 5 -1.27 -3.00 1.66
C6 A2M A 5 -0.05 -2.79 2.33
N6 A2M A 5 1.12 -2.65 1.71
N1 A2M A 5 -0.07 -2.72 3.67
C2 A2M A 5 -1.25 -2.85 4.30
N3 A2M A 5 -2.46 -3.04 3.79
C4 A2M A 5 -2.40 -3.11 2.44
H5' A2M A 5 -7.19 -3.69 -1.33
H5'' A2M A 5 -7.55 -1.96 -1.23
H4' A2M A 5 -7.56 -2.93 0.96
H3' A2M A 5 -5.24 -1.07 0.47
H2' A2M A 5 -4.61 -1.39 2.78
H1' A2M A 5 -4.95 -4.17 2.71
HM'1 A2M A 5 -5.38 -1.20 4.80
HM'2 A2M A 5 -5.08 -2.96 4.81
HM'3 A2M A 5 -6.62 -2.31 5.43
H8 A2M A 5 -3.48 -3.41 -0.58
OP2 A2M A 5 -4.08 -2.36 -3.67
H61 A2M A 5 1.14 -2.69 0.70
H62 A2M A 5 1.98 -2.49 2.23
H2 A2M A 5 -1.21 -2.78 5.39
P A2M A 7 -4.36 5.28 5.47
OP1 A2M A 7 -5.10 6.09 6.46
O5' A2M A 7 -2.80 5.39 5.78
C5' A2M A 7 -2.31 5.11 7.09
C4' A2M A 7 -0.79 5.21 7.12
O4' A2M A 7 -0.22 4.21 6.23
C3' A2M A 7 -0.20 6.52 6.63
O3' A2M A 7 -0.24 7.55 7.60
C2' A2M A 7 1.22 6.10 6.26
O2' A2M A 7 2.03 5.95 7.41
C1' A2M A 7 0.97 4.73 5.65
CM' A2M A 7 3.40 6.04 7.04
N9 A2M A 7 0.80 4.82 4.21
C8 A2M A 7 -0.37 4.81 3.50
N7 A2M A 7 -0.21 4.97 2.20
C5 A2M A 7 1.17 5.08 2.05
C6 A2M A 7 1.99 5.25 0.92
N6 A2M A 7 1.52 5.38 -0.32
N1 A2M A 7 3.33 5.31 1.12
C2 A2M A 7 3.79 5.19 2.37
N3 A2M A 7 3.12 5.02 3.51
C4 A2M A 7 1.80 4.97 3.28
H5' A2M A 7 -2.60 4.10 7.39
H5'' A2M A 7 -2.72 5.82 7.80
H4' A2M A 7 -0.48 5.09 8.16
H3' A2M A 7 -0.74 6.90 5.76
H2' A2M A 7 1.65 6.80 5.53
H1' A2M A 7 1.77 4.02 5.86
HM'1 A2M A 7 3.57 6.97 6.52
HM'2 A2M A 7 3.65 5.20 6.40
HM'3 A2M A 7 4.02 6.01 7.95
H8 A2M A 7 -1.34 4.69 3.96
OP2 A2M A 7 -4.56 5.54 4.01
H61 A2M A 7 0.52 5.35 -0.47
H62 A2M A 7 2.16 5.54 -1.09
H2 A2M A 7 4.87 5.25 2.48
P A2M A 8 -0.37 9.08 7.12
OP1 A2M A 8 -0.38 9.93 8.34
O5' A2M A 8 0.99 9.35 6.32
C5' A2M A 8 2.20 9.65 7.01
C4' A2M A 8 3.38 9.56 6.07
O4' A2M A 8 3.20 8.47 5.12
C3' A2M A 8 3.61 10.77 5.18
O3' A2M A 8 4.28 11.84 5.85
C2' A2M A 8 4.44 10.19 4.04
O2' A2M A 8 5.79 9.99 4.43
C1' A2M A 8 3.77 8.81 3.89
CM' A2M A 8 6.59 9.84 3.27
N9 A2M A 8 2.73 8.85 2.86
C8 A2M A 8 1.37 8.77 3.04
N7 A2M A 8 0.68 8.87 1.92
C5 A2M A 8 1.66 9.02 0.95
C6 A2M A 8 1.60 9.18 -0.45
N6 A2M A 8 0.45 9.25 -1.14
N1 A2M A 8 2.76 9.29 -1.14
C2 A2M A 8 3.91 9.25 -0.45
N3 A2M A 8 4.10 9.11 0.87
C4 A2M A 8 2.92 8.99 1.51
H5' A2M A 8 2.34 8.94 7.82
H5'' A2M A 8 2.15 10.65 7.43
H4' A2M A 8 4.27 9.46 6.68
H3' A2M A 8 2.67 11.19 4.82
H2' A2M A 8 4.34 10.79 3.14
H1' A2M A 8 4.48 8.03 3.62
HM'1 A2M A 8 6.33 8.91 2.76
HM'2 A2M A 8 6.43 10.68 2.60
HM'3 A2M A 8 7.65 9.80 3.56
H8 A2M A 8 0.92 8.63 4.01
OP2 A2M A 8 -1.49 9.17 6.15
H61 A2M A 8 -0.42 9.16 -0.64
H62 A2M A 8 0.46 9.40 -2.14
H2 A2M A 8 4.81 9.33 -1.04
P A2M A 9 3.89 13.36 5.52
OP1 A2M A 9 4.63 14.23 6.48
O5' A2M A 9 4.51 13.61 4.06
C5' A2M A 9 5.88 13.34 3.80
C4' A2M A 9 6.15 13.43 2.31
O4' A2M A 9 5.27 12.51 1.62
C3' A2M A 9 5.87 14.77 1.67
O3' A2M A 9 6.96 15.70 1.83
C2' A2M A 9 5.63 14.41 0.21
O2' A2M A 9 6.85 14.17 -0.47
C1' A2M A 9 4.90 13.07 0.37
CM' A2M A 9 6.84 14.88 -1.71
N9 A2M A 9 3.44 13.19 0.32
C8 A2M A 9 2.57 13.19 1.38
N7 A2M A 9 1.31 13.32 1.03
C5 A2M A 9 1.36 13.40 -0.35
C6 A2M A 9 0.36 13.55 -1.33
N6 A2M A 9 -0.95 13.64 -1.05
N1 A2M A 9 0.74 13.62 -2.62
C2 A2M A 9 2.05 13.54 -2.91
N3 A2M A 9 3.09 13.39 -2.08
C4 A2M A 9 2.66 13.33 -0.80
H5' A2M A 9 6.14 12.34 4.15
H5'' A2M A 9 6.50 14.07 4.31
H4' A2M A 9 7.22 13.21 2.16
H3' A2M A 9 5.00 15.26 2.13
HO3' A2M A 9 7.60 15.28 2.41
H2' A2M A 9 5.01 15.15 -0.27
H1' A2M A 9 5.20 12.35 -0.41
HM'1 A2M A 9 5.98 14.54 -2.30
HM'2 A2M A 9 6.74 15.95 -1.52
HM'3 A2M A 9 7.76 14.68 -2.25
H8 A2M A 9 2.89 13.09 2.41
OP2 A2M A 9 2.41 13.47 5.41
H61 A2M A 9 -1.24 13.59 -0.08
H62 A2M A 9 -1.62 13.75 -1.79
H2 A2M A 9 2.30 13.59 -3.97
O5' A2M B 2 -2.08 -13.99 2.79
C5' A2M B 2 -2.21 -14.45 4.15
C4' A2M B 2 -0.95 -14.17 4.93
O4' A2M B 2 0.05 -15.16 4.56
C3' A2M B 2 -0.29 -12.83 4.65
O3' A2M B 2 -0.84 -11.78 5.44
C2' A2M B 2 1.18 -13.11 4.95
O2' A2M B 2 1.42 -13.13 6.35
C1' A2M B 2 1.31 -14.52 4.41
CM' A2M B 2 2.83 -13.08 6.59
N9 A2M B 2 1.66 -14.53 2.98
C8 A2M B 2 0.80 -14.68 1.93
N7 A2M B 2 1.39 -14.61 0.75
C5 A2M B 2 2.73 -14.42 1.07
C6 A2M B 2 3.87 -14.26 0.28
N6 A2M B 2 3.85 -14.27 -1.05
N1 A2M B 2 5.06 -14.09 0.90
C2 A2M B 2 5.07 -14.06 2.24
N3 A2M B 2 4.07 -14.20 3.09
C4 A2M B 2 2.91 -14.37 2.44
H5' A2M B 2 -2.41 -15.52 4.14
H5'' A2M B 2 -3.05 -13.94 4.62
H4' A2M B 2 -1.21 -14.19 5.98
H3' A2M B 2 -0.44 -12.53 3.61
H2' A2M B 2 1.82 -12.40 4.42
H1' A2M B 2 2.05 -15.12 4.94
HM'1 A2M B 2 3.23 -12.16 6.17
HM'2 A2M B 2 3.30 -13.94 6.11
HM'3 A2M B 2 3.01 -13.10 7.66
H8 A2M B 2 -0.27 -14.84 2.04
H61 A2M B 2 2.98 -14.40 -1.54
H62 A2M B 2 4.71 -14.15 -1.58
H2 A2M B 2 6.05 -13.90 2.69
P A2M B 3 -0.96 -10.30 4.82
OP1 A2M B 3 -1.60 -9.44 5.85
O5' A2M B 3 0.56 -9.83 4.67
C5' A2M B 3 1.46 -9.91 5.76
C4' A2M B 3 2.90 -9.73 5.29
O4' A2M B 3 3.24 -10.79 4.36
C3' A2M B 3 3.18 -8.46 4.52
O3' A2M B 3 3.35 -7.32 5.37
C2' A2M B 3 4.45 -8.83 3.76
O2' A2M B 3 5.59 -8.82 4.62
C1' A2M B 3 4.15 -10.27 3.38
CM' A2M B 3 6.78 -8.81 3.81
N9 A2M B 3 3.51 -10.34 2.07
C8 A2M B 3 2.21 -10.63 1.75
N7 A2M B 3 1.96 -10.56 0.47
C5 A2M B 3 3.17 -10.21 -0.10
C6 A2M B 3 3.57 -9.99 -1.43
N6 A2M B 3 2.74 -10.05 -2.48
N1 A2M B 3 4.86 -9.67 -1.65
C2 A2M B 3 5.69 -9.58 -0.60
N3 A2M B 3 5.43 -9.77 0.69
C4 A2M B 3 4.14 -10.09 0.88
H5' A2M B 3 1.36 -10.88 6.26
H5'' A2M B 3 1.24 -9.13 6.48
H4' A2M B 3 3.53 -9.72 6.18
H3' A2M B 3 2.37 -8.21 3.86
H2' A2M B 3 4.58 -8.19 2.88
H1' A2M B 3 5.02 -10.91 3.38
HM'1 A2M B 3 7.64 -8.70 4.45
HM'2 A2M B 3 6.73 -7.97 3.11
HM'3 A2M B 3 6.84 -9.75 3.26
H8 A2M B 3 1.46 -10.87 2.50
OP2 A2M B 3 -1.55 -10.40 3.46
H61 A2M B 3 1.77 -10.28 -2.31
H62 A2M B 3 3.08 -9.86 -3.41
H2 A2M B 3 6.72 -9.32 -0.85
P A2M B 4 2.78 -5.90 4.89
OP1 A2M B 4 2.92 -4.97 6.03
O5' A2M B 4 3.82 -5.45 3.76
C5' A2M B 4 5.22 -5.60 3.94
C4' A2M B 4 5.97 -5.31 2.67
O4' A2M B 4 5.73 -6.37 1.70
C3' A2M B 4 5.55 -4.05 1.93
O3' A2M B 4 6.10 -2.86 2.49
C2' A2M B 4 6.04 -4.33 0.52
O2' A2M B 4 7.45 -4.14 0.40
C1' A2M B 4 5.74 -5.83 0.38
CM' A2M B 4 7.81 -4.15 -0.98
N9 A2M B 4 4.44 -6.04 -0.24
C8 A2M B 4 3.25 -6.40 0.35
N7 A2M B 4 2.25 -6.46 -0.49
C5 A2M B 4 2.81 -6.12 -1.71
C6 A2M B 4 2.28 -5.99 -3.01
N6 A2M B 4 0.99 -6.20 -3.30
N1 A2M B 4 3.12 -5.64 -4.00
C2 A2M B 4 4.40 -5.42 -3.71
N3 A2M B 4 5.03 -5.50 -2.54
C4 A2M B 4 4.16 -5.86 -1.57
H5' A2M B 4 5.44 -6.63 4.27
H5'' A2M B 4 5.57 -4.92 4.72
H4' A2M B 4 7.02 -5.18 2.93
H3' A2M B 4 4.47 -3.92 1.96
H2' A2M B 4 5.48 -3.75 -0.22
H1' A2M B 4 6.49 -6.36 -0.19
HM'1 A2M B 4 7.14 -3.51 -1.54
HM'2 A2M B 4 7.75 -5.18 -1.37
HM'3 A2M B 4 8.84 -3.78 -1.08
H8 A2M B 4 3.16 -6.62 1.41
OP2 A2M B 4 1.46 -6.10 4.24
H61 A2M B 4 0.36 -6.45 -2.55
H62 A2M B 4 0.66 -6.06 -4.24
H2 A2M B 4 5.03 -5.12 -4.55
P A2M B 5 5.26 -1.50 2.43
OP1 A2M B 5 6.00 -0.49 3.23
O5' A2M B 5 5.31 -1.08 0.90
C5' A2M B 5 6.55 -1.14 0.17
C4' A2M B 5 6.30 -0.90 -1.30
O4' A2M B 5 5.63 -2.06 -1.89
C3' A2M B 5 5.39 0.25 -1.66
O3' A2M B 5 6.04 1.52 -1.59
C2' A2M B 5 4.93 -0.11 -3.07
O2' A2M B 5 5.96 0.15 -4.01
C1' A2M B 5 4.76 -1.62 -2.92
CM' A2M B 5 5.41 0.07 -5.33
N9 A2M B 5 3.39 -1.97 -2.58
C8 A2M B 5 2.88 -2.33 -1.36
N7 A2M B 5 1.59 -2.53 -1.36
C5 A2M B 5 1.21 -2.29 -2.68
C6 A2M B 5 -0.04 -2.33 -3.33
N6 A2M B 5 -1.18 -2.62 -2.73
N1 A2M B 5 -0.06 -2.04 -4.65
C2 A2M B 5 1.10 -1.72 -5.26
N3 A2M B 5 2.33 -1.65 -4.74
C4 A2M B 5 2.31 -1.95 -3.43
H5' A2M B 5 7.00 -2.11 0.31
H5'' A2M B 5 7.22 -0.37 0.54
H4' A2M B 5 7.27 -0.70 -1.75
H3' A2M B 5 4.55 0.33 -0.96
H2' A2M B 5 3.98 0.39 -3.31
H1' A2M B 5 5.04 -2.17 -3.83
HM'1 A2M B 5 5.21 -0.99 -5.57
HM'2 A2M B 5 6.12 0.47 -6.05
HM'3 A2M B 5 4.48 0.64 -5.37
H8 A2M B 5 3.50 -2.43 -0.47
OP2 A2M B 5 3.84 -1.81 2.78
H61 A2M B 5 -1.17 -2.83 -1.74
H62 A2M B 5 -2.06 -2.61 -3.25
H2 A2M B 5 1.03 -1.48 -6.32
P A2M B 7 2.67 6.80 -4.25
OP1 A2M B 7 3.47 7.90 -4.85
O5' A2M B 7 1.14 7.04 -4.59
C5' A2M B 7 0.63 6.80 -5.89
C4' A2M B 7 -0.88 6.86 -5.89
O4' A2M B 7 -1.42 5.65 -5.30
C3' A2M B 7 -1.52 7.98 -5.07
O3' A2M B 7 -1.49 9.23 -5.75
C2' A2M B 7 -2.92 7.44 -4.84
O2' A2M B 7 -3.73 7.56 -6.00
C1' A2M B 7 -2.62 5.96 -4.60
CM' A2M B 7 -5.10 7.38 -5.64
N9 A2M B 7 -2.45 5.68 -3.18
C8 A2M B 7 -1.28 5.44 -2.50
N7 A2M B 7 -1.45 5.28 -1.21
C5 A2M B 7 -2.82 5.41 -1.04
C6 A2M B 7 -3.64 5.36 0.11
N6 A2M B 7 -3.19 5.15 1.34
N1 A2M B 7 -4.98 5.52 -0.07
C2 A2M B 7 -5.43 5.75 -1.30
N3 A2M B 7 -4.77 5.82 -2.46
C4 A2M B 7 -3.45 5.64 -2.24
H5' A2M B 7 0.96 5.82 -6.24
H5'' A2M B 7 1.00 7.56 -6.58
H4' A2M B 7 -1.20 7.00 -6.92
H3' A2M B 7 -0.98 8.13 -4.15
H2' A2M B 7 -3.37 7.90 -3.96
H1' A2M B 7 -3.41 5.30 -4.99
HM'1 A2M B 7 -5.36 8.08 -4.85
HM'2 A2M B 7 -5.24 6.36 -5.28
HM'3 A2M B 7 -5.72 7.56 -6.51
H8 A2M B 7 -0.31 5.39 -2.98
OP2 A2M B 7 2.79 6.52 -2.79
H61 A2M B 7 -2.19 5.04 1.47
H62 A2M B 7 -3.82 5.14 2.13
H2 A2M B 7 -6.51 5.88 -1.39
P A2M B 8 -1.26 10.57 -4.90
OP1 A2M B 8 -1.10 11.69 -5.86
O5' A2M B 8 -2.63 10.77 -4.12
C5' A2M B 8 -3.88 10.65 -4.81
C4' A2M B 8 -5.03 10.61 -3.82
O4' A2M B 8 -4.97 9.38 -3.04
C3' A2M B 8 -5.06 11.70 -2.76
O3' A2M B 8 -5.57 12.93 -3.25
C2' A2M B 8 -5.92 11.08 -1.68
O2' A2M B 8 -7.30 11.13 -2.03
C1' A2M B 8 -5.46 9.62 -1.74
CM' A2M B 8 -8.08 10.86 -0.86
N9 A2M B 8 -4.40 9.36 -0.76
C8 A2M B 8 -3.06 9.22 -0.99
N7 A2M B 8 -2.36 9.05 0.11
C5 A2M B 8 -3.31 9.08 1.13
C6 A2M B 8 -3.21 8.97 2.52
N6 A2M B 8 -2.06 8.82 3.18
N1 A2M B 8 -4.35 9.04 3.24
C2 A2M B 8 -5.51 9.22 2.59
N3 A2M B 8 -5.73 9.34 1.28
C4 A2M B 8 -4.57 9.27 0.59
H5' A2M B 8 -3.89 9.74 -5.40
H5'' A2M B 8 -4.02 11.51 -5.47
H4' A2M B 8 -5.95 10.71 -4.40
H3' A2M B 8 -4.04 11.92 -2.40
H2' A2M B 8 -5.72 11.53 -0.71
H1' A2M B 8 -6.28 8.91 -1.55
HM'1 A2M B 8 -9.14 11.04 -1.09
HM'2 A2M B 8 -7.77 11.50 -0.05
HM'3 A2M B 8 -7.96 9.82 -0.58
H8 A2M B 8 -2.62 9.23 -1.97
OP2 A2M B 8 -0.20 10.31 -3.89
H61 A2M B 8 -1.21 8.78 2.63
H62 A2M B 8 -2.03 8.77 4.19
H2 A2M B 8 -6.39 9.28 3.21
P A2M B 9 -4.96 14.32 -2.71
OP1 A2M B 9 -5.52 15.41 -3.54
O5' A2M B 9 -5.58 14.45 -1.24
C5' A2M B 9 -6.97 14.26 -1.00
C4' A2M B 9 -7.23 14.04 0.47
O4' A2M B 9 -6.38 12.97 0.95
C3' A2M B 9 -6.89 15.21 1.37
O3' A2M B 9 -7.93 16.20 1.41
C2' A2M B 9 -6.67 14.53 2.72
O2' A2M B 9 -7.91 14.20 3.34
C1' A2M B 9 -5.99 13.23 2.29
CM' A2M B 9 -8.28 15.25 4.23
N9 A2M B 9 -4.54 13.30 2.34
C8 A2M B 9 -3.66 13.40 1.29
N7 A2M B 9 -2.40 13.43 1.66
C5 A2M B 9 -2.44 13.35 3.04
C6 A2M B 9 -1.43 13.33 4.02
N6 A2M B 9 -0.14 13.40 3.75
N1 A2M B 9 -1.82 13.23 5.31
C2 A2M B 9 -3.13 13.16 5.58
N3 A2M B 9 -4.17 13.16 4.75
C4 A2M B 9 -3.75 13.26 3.47
H5' A2M B 9 -7.31 13.39 -1.57
H5'' A2M B 9 -7.53 15.13 -1.33
H4' A2M B 9 -8.30 13.84 0.59
H3' A2M B 9 -5.99 15.74 1.03
HO3' A2M B 9 -8.48 16.06 0.65
H2' A2M B 9 -6.03 15.13 3.36
H1' A2M B 9 -6.31 12.38 2.89
HM'1 A2M B 9 -8.34 16.19 3.68
HM'2 A2M B 9 -7.53 15.34 5.02
HM'3 A2M B 9 -9.25 15.03 4.68
H8 A2M B 9 -3.98 13.46 0.26
OP2 A2M B 9 -3.49 14.17 -2.57
H61 A2M B 9 0.17 13.48 2.79
H62 A2M B 9 0.55 13.39 4.50
H2 A2M B 9 -3.39 13.09 6.64
O5' A2M A 2 4.51 -13.51 -4.53
C5' A2M A 2 4.73 -13.97 -5.87
C4' A2M A 2 3.47 -13.86 -6.69
O4' A2M A 2 2.58 -14.96 -6.32
C3' A2M A 2 2.64 -12.61 -6.45
O3' A2M A 2 3.07 -11.52 -7.25
C2' A2M A 2 1.23 -13.07 -6.77
O2' A2M A 2 1.01 -13.13 -8.16
C1' A2M A 2 1.25 -14.48 -6.20
CM' A2M A 2 -0.39 -13.27 -8.42
N9 A2M A 2 0.88 -14.52 -4.79
C8 A2M A 2 1.72 -14.54 -3.71
N7 A2M A 2 1.11 -14.55 -2.55
C5 A2M A 2 -0.24 -14.55 -2.90
C6 A2M A 2 -1.41 -14.54 -2.12
N6 A2M A 2 -1.41 -14.54 -0.79
N1 A2M A 2 -2.59 -14.54 -2.78
C2 A2M A 2 -2.59 -14.53 -4.12
N3 A2M A 2 -1.55 -14.53 -4.95
C4 A2M A 2 -0.39 -14.53 -4.27
H5' A2M A 2 5.06 -15.01 -5.84
H5'' A2M A 2 5.50 -13.37 -6.34
H4' A2M A 2 3.75 -13.86 -7.74
H3' A2M A 2 2.74 -12.26 -5.41
H2' A2M A 2 0.49 -12.43 -6.25
H1' A2M A 2 0.60 -15.17 -6.75
HM'1 A2M A 2 -0.59 -13.07 -9.47
HM'2 A2M A 2 -0.70 -14.28 -8.18
HM'3 A2M A 2 -0.94 -12.55 -7.80
H8 A2M A 2 2.80 -14.55 -3.80
H61 A2M A 2 -0.53 -14.55 -0.29
H62 A2M A 2 -2.29 -14.54 -0.28
H2 A2M A 2 -3.57 -14.51 -4.59
P A2M A 3 2.91 -10.02 -6.72
OP1 A2M A 3 3.38 -9.10 -7.78
O5' A2M A 3 1.33 -9.84 -6.58
C5' A2M A 3 0.47 -9.91 -7.72
C4' A2M A 3 -0.98 -9.96 -7.29
O4' A2M A 3 -1.19 -11.06 -6.37
C3' A2M A 3 -1.48 -8.74 -6.53
O3' A2M A 3 -1.80 -7.65 -7.36
C2' A2M A 3 -2.69 -9.31 -5.80
O2' A2M A 3 -3.80 -9.45 -6.67
C1' A2M A 3 -2.18 -10.71 -5.43
CM' A2M A 3 -4.99 -9.57 -5.90
N9 A2M A 3 -1.59 -10.72 -4.09
C8 A2M A 3 -0.27 -10.68 -3.75
N7 A2M A 3 -0.07 -10.65 -2.46
C5 A2M A 3 -1.34 -10.68 -1.91
C6 A2M A 3 -1.81 -10.66 -0.58
N6 A2M A 3 -1.02 -10.59 0.48
N1 A2M A 3 -3.15 -10.72 -0.39
C2 A2M A 3 -3.95 -10.78 -1.46
N3 A2M A 3 -3.63 -10.79 -2.76
C4 A2M A 3 -2.30 -10.74 -2.91
H5' A2M A 3 0.71 -10.82 -8.29
H5'' A2M A 3 0.63 -9.05 -8.36
H4' A2M A 3 -1.58 -10.03 -8.21
H3' A2M A 3 -0.73 -8.38 -5.83
H2' A2M A 3 -2.92 -8.72 -4.91
H1' A2M A 3 -2.97 -11.46 -5.47
HM'1 A2M A 3 -5.86 -9.61 -6.57
HM'2 A2M A 3 -4.95 -10.48 -5.31
HM'3 A2M A 3 -5.09 -8.71 -5.23
H8 A2M A 3 0.52 -10.67 -4.47
OP2 A2M A 3 3.51 -9.95 -5.37
H61 A2M A 3 -0.02 -10.54 0.36
H62 A2M A 3 -1.44 -10.55 1.41
H2 A2M A 3 -5.03 -10.82 -1.25
P A2M A 4 -1.71 -6.15 -6.78
OP1 A2M A 4 -2.18 -5.23 -7.85
O5' A2M A 4 -2.78 -6.14 -5.60
C5' A2M A 4 -4.16 -5.90 -5.86
C4' A2M A 4 -4.98 -6.14 -4.62
O4' A2M A 4 -4.45 -7.28 -3.87
C3' A2M A 4 -5.00 -5.02 -3.58
O3' A2M A 4 -5.90 -3.98 -3.90
C2' A2M A 4 -5.40 -5.76 -2.31
O2' A2M A 4 -6.79 -6.05 -2.28
C1' A2M A 4 -4.64 -7.07 -2.49
CM' A2M A 4 -7.22 -6.15 -0.93
N9 A2M A 4 -3.33 -7.00 -1.83
C8 A2M A 4 -2.09 -6.94 -2.41
N7 A2M A 4 -1.10 -6.83 -1.55
C5 A2M A 4 -1.75 -6.81 -0.32
C6 A2M A 4 -1.28 -6.70 1.01
N6 A2M A 4 0.01 -6.56 1.32
N1 A2M A 4 -2.19 -6.73 2.00
C2 A2M A 4 -3.49 -6.85 1.68
N3 A2M A 4 -4.05 -6.96 0.49
C4 A2M A 4 -3.12 -6.93 -0.47
H5' A2M A 4 -4.50 -6.57 -6.65
H5'' A2M A 4 -4.30 -4.87 -6.17
H4' A2M A 4 -6.02 -6.29 -4.93
H3' A2M A 4 -4.02 -4.57 -3.49
H2' A2M A 4 -5.06 -5.21 -1.43
H1' A2M A 4 -5.17 -7.93 -2.09
HM'1 A2M A 4 -6.68 -6.95 -0.43
HM'2 A2M A 4 -7.02 -5.20 -0.42
HM'3 A2M A 4 -8.29 -6.35 -0.91
H8 A2M A 4 -1.93 -6.98 -3.48
OP2 A2M A 4 -0.36 -5.96 -6.19
H61 A2M A 4 0.70 -6.52 0.58
H62 A2M A 4 0.28 -6.45 2.30
H2 A2M A 4 -4.17 -6.86 2.54
P A2M A 5 -5.58 -2.48 -3.41
OP1 A2M A 5 -6.69 -1.61 -3.86
O5' A2M A 5 -5.63 -2.56 -1.82
C5' A2M A 5 -6.84 -2.29 -1.11
C4' A2M A 5 -6.61 -2.39 0.39
O4' A2M A 5 -5.68 -3.47 0.68
C3' A2M A 5 -5.97 -1.17 1.06
O3' A2M A 5 -6.89 -0.13 1.33
C2' A2M A 5 -5.39 -1.78 2.33
O2' A2M A 5 -6.40 -2.02 3.30
C1' A2M A 5 -4.90 -3.13 1.82
CM' A2M A 5 -5.79 -2.06 4.60
N9 A2M A 5 -3.49 -3.05 1.42
C8 A2M A 5 -2.96 -3.02 0.14
N7 A2M A 5 -1.66 -2.91 0.13
C5 A2M A 5 -1.31 -2.86 1.47
C6 A2M A 5 -0.06 -2.74 2.12
N6 A2M A 5 1.10 -2.62 1.48
N1 A2M A 5 -0.05 -2.74 3.47
C2 A2M A 5 -1.23 -2.85 4.11
N3 A2M A 5 -2.45 -2.96 3.62
C4 A2M A 5 -2.43 -2.96 2.27
H5' A2M A 5 -7.61 -3.00 -1.40
H5'' A2M A 5 -7.18 -1.28 -1.34
H4' A2M A 5 -7.58 -2.52 0.86
H3' A2M A 5 -5.20 -0.74 0.43
H2' A2M A 5 -4.57 -1.16 2.71
H1' A2M A 5 -5.01 -3.93 2.55
HM'1 A2M A 5 -6.57 -2.20 5.36
HM'2 A2M A 5 -5.27 -1.12 4.79
HM'3 A2M A 5 -5.08 -2.89 4.64
H8 A2M A 5 -3.56 -3.09 -0.74
OP2 A2M A 5 -4.18 -2.16 -3.81
H61 A2M A 5 1.10 -2.62 0.47
H62 A2M A 5 1.96 -2.50 2.00
H2 A2M A 5 -1.16 -2.83 5.20
P A2M A 7 -4.09 5.33 5.57
OP1 A2M A 7 -4.88 6.14 6.53
O5' A2M A 7 -2.54 5.54 5.90
C5' A2M A 7 -1.99 5.09 7.14
C4' A2M A 7 -0.49 5.20 7.12
O4' A2M A 7 0.07 4.20 6.21
C3' A2M A 7 0.09 6.51 6.59
O3' A2M A 7 0.08 7.55 7.55
C2' A2M A 7 1.49 6.11 6.16
O2' A2M A 7 2.44 6.06 7.24
C1' A2M A 7 1.24 4.71 5.60
CM' A2M A 7 2.08 5.06 8.20
N9 A2M A 7 1.02 4.79 4.15
C8 A2M A 7 -0.16 4.73 3.46
N7 A2M A 7 -0.04 4.89 2.17
C5 A2M A 7 1.33 5.06 1.99
C6 A2M A 7 2.13 5.29 0.85
N6 A2M A 7 1.63 5.41 -0.39
N1 A2M A 7 3.46 5.41 1.02
C2 A2M A 7 3.95 5.31 2.27
N3 A2M A 7 3.31 5.11 3.42
C4 A2M A 7 1.99 4.98 3.20
H5' A2M A 7 -2.28 4.06 7.32
H5'' A2M A 7 -2.38 5.72 7.95
H4' A2M A 7 -0.14 5.09 8.15
H3' A2M A 7 -0.50 6.87 5.75
H2' A2M A 7 1.82 6.79 5.36
H1' A2M A 7 2.05 4.02 5.78
HM'1 A2M A 7 1.56 4.25 7.70
HM'2 A2M A 7 1.43 5.50 8.95
HM'3 A2M A 7 2.97 4.68 8.68
H8 A2M A 7 -1.12 4.56 3.94
OP2 A2M A 7 -4.28 5.52 4.11
H61 A2M A 7 0.64 5.34 -0.51
H62 A2M A 7 2.25 5.60 -1.17
H2 A2M A 7 5.04 5.42 2.34
P A2M A 8 -0.10 9.08 7.06
OP1 A2M A 8 -0.20 9.93 8.27
O5' A2M A 8 1.27 9.40 6.32
C5' A2M A 8 2.52 9.09 6.93
C4' A2M A 8 3.65 9.31 5.96
O4' A2M A 8 3.58 8.33 4.88
C3' A2M A 8 3.66 10.64 5.22
O3' A2M A 8 4.19 11.69 6.02
C2' A2M A 8 4.52 10.33 4.00
O2' A2M A 8 5.90 10.30 4.33
C1' A2M A 8 4.07 8.90 3.68
CM' A2M A 8 6.67 10.29 3.12
N9 A2M A 8 2.99 8.90 2.69
C8 A2M A 8 1.64 8.75 2.90
N7 A2M A 8 0.92 8.85 1.80
C5 A2M A 8 1.87 9.08 0.81
C6 A2M A 8 1.76 9.28 -0.59
N6 A2M A 8 0.59 9.29 -1.24
N1 A2M A 8 2.89 9.46 -1.29
C2 A2M A 8 4.06 9.46 -0.63
N3 A2M A 8 4.29 9.29 0.66
C4 A2M A 8 3.14 9.10 1.33
H5' A2M A 8 2.52 8.05 7.25
H5'' A2M A 8 2.68 9.73 7.80
H4' A2M A 8 4.59 9.25 6.53
H3' A2M A 8 2.65 10.94 4.94
H2' A2M A 8 4.29 11.02 3.19
H1' A2M A 8 4.88 8.28 3.31
HM'1 A2M A 8 7.69 10.58 3.35
HM'2 A2M A 8 6.65 9.28 2.70
HM'3 A2M A 8 6.23 11.00 2.41
H8 A2M A 8 1.21 8.56 3.86
OP2 A2M A 8 -1.19 9.11 6.04
H61 A2M A 8 -0.27 9.16 -0.73
H62 A2M A 8 0.57 9.47 -2.24
H2 A2M A 8 4.95 9.61 -1.26
P A2M A 9 3.60 13.19 5.83
OP1 A2M A 9 4.15 14.02 6.94
O5' A2M A 9 4.25 13.69 4.46
C5' A2M A 9 5.65 13.50 4.21
C4' A2M A 9 5.92 13.60 2.72
O4' A2M A 9 5.08 12.63 2.01
C3' A2M A 9 5.56 14.93 2.07
O3' A2M A 9 6.59 15.91 2.25
C2' A2M A 9 5.37 14.54 0.61
O2' A2M A 9 6.62 14.36 -0.04
C1' A2M A 9 4.70 13.17 0.76
CM' A2M A 9 6.52 14.86 -1.37
N9 A2M A 9 3.24 13.23 0.70
C8 A2M A 9 2.36 13.12 1.74
N7 A2M A 9 1.10 13.22 1.39
C5 A2M A 9 1.16 13.41 0.01
C6 A2M A 9 0.16 13.59 -0.97
N6 A2M A 9 -1.14 13.61 -0.71
N1 A2M A 9 0.57 13.75 -2.26
C2 A2M A 9 1.89 13.73 -2.52
N3 A2M A 9 2.91 13.57 -1.68
C4 A2M A 9 2.48 13.42 -0.43
H5' A2M A 9 5.96 12.51 4.56
H5'' A2M A 9 6.23 14.27 4.72
H4' A2M A 9 6.98 13.44 2.56
H3' A2M A 9 4.66 15.35 2.50
HO3' A2M A 9 6.82 15.91 3.19
H2' A2M A 9 4.72 15.25 0.10
H1' A2M A 9 5.04 12.46 -0.01
HM'1 A2M A 9 6.35 15.93 -1.35
HM'2 A2M A 9 7.45 14.66 -1.91
HM'3 A2M A 9 5.70 14.37 -1.89
H8 A2M A 9 2.67 12.97 2.77
OP2 A2M A 9 2.13 13.10 5.63
H61 A2M A 9 -1.45 13.49 0.24
H62 A2M A 9 -1.82 13.75 -1.45
H2 A2M A 9 2.15 13.87 -3.56
O5' A2M B 2 -2.38 -14.48 3.20
C5' A2M B 2 -2.65 -13.91 4.48
C4' A2M B 2 -1.36 -13.64 5.23
O4' A2M B 2 -0.42 -14.71 4.94
C3' A2M B 2 -0.63 -12.37 4.83
O3' A2M B 2 -1.11 -11.21 5.50
C2' A2M B 2 0.81 -12.70 5.17
O2' A2M B 2 1.05 -12.61 6.57
C1' A2M B 2 0.88 -14.16 4.76
CM' A2M B 2 2.45 -12.65 6.82
N9 A2M B 2 1.24 -14.30 3.35
C8 A2M B 2 0.42 -14.50 2.28
N7 A2M B 2 1.04 -14.55 1.12
C5 A2M B 2 2.37 -14.38 1.46
C6 A2M B 2 3.55 -14.33 0.68
N6 A2M B 2 3.55 -14.44 -0.64
N1 A2M B 2 4.71 -14.15 1.33
C2 A2M B 2 4.69 -14.01 2.67
N3 A2M B 2 3.67 -14.05 3.50
C4 A2M B 2 2.52 -14.23 2.83
H5' A2M B 2 -3.27 -14.60 5.06
H5'' A2M B 2 -3.19 -12.97 4.36
H4' A2M B 2 -1.60 -13.55 6.29
H3' A2M B 2 -0.76 -12.16 3.77
H2' A2M B 2 1.50 -12.08 4.59
H1' A2M B 2 1.57 -14.75 5.36
HM'1 A2M B 2 2.65 -12.37 7.85
HM'2 A2M B 2 2.97 -11.97 6.14
HM'3 A2M B 2 2.81 -13.67 6.65
H8 A2M B 2 -0.65 -14.61 2.37
H61 A2M B 2 2.68 -14.57 -1.13
H62 A2M B 2 4.43 -14.39 -1.15
H2 A2M B 2 5.67 -13.86 3.13
P A2M B 3 -1.09 -9.78 4.75
OP1 A2M B 3 -1.69 -8.79 5.67
O5' A2M B 3 0.47 -9.46 4.61
C5' A2M B 3 1.33 -9.53 5.73
C4' A2M B 3 2.78 -9.40 5.30
O4' A2M B 3 3.15 -10.51 4.45
C3' A2M B 3 3.11 -8.18 4.45
O3' A2M B 3 3.25 -6.99 5.22
C2' A2M B 3 4.39 -8.60 3.76
O2' A2M B 3 5.51 -8.55 4.65
C1' A2M B 3 4.08 -10.07 3.48
CM' A2M B 3 6.71 -8.65 3.90
N9 A2M B 3 3.50 -10.22 2.14
C8 A2M B 3 2.20 -10.52 1.81
N7 A2M B 3 1.99 -10.55 0.51
C5 A2M B 3 3.22 -10.25 -0.04
C6 A2M B 3 3.67 -10.13 -1.37
N6 A2M B 3 2.88 -10.28 -2.43
N1 A2M B 3 4.97 -9.83 -1.58
C2 A2M B 3 5.77 -9.67 -0.50
N3 A2M B 3 5.47 -9.77 0.79
C4 A2M B 3 4.16 -10.06 0.95
H5' A2M B 3 1.20 -10.48 6.24
H5'' A2M B 3 1.10 -8.72 6.42
H4' A2M B 3 3.38 -9.32 6.20
H3' A2M B 3 2.32 -7.98 3.74
H2' A2M B 3 4.56 -8.03 2.85
H1' A2M B 3 4.96 -10.71 3.54
HM'1 A2M B 3 6.73 -7.87 3.14
HM'2 A2M B 3 6.77 -9.63 3.43
HM'3 A2M B 3 7.57 -8.52 4.57
H8 A2M B 3 1.43 -10.71 2.54
OP2 A2M B 3 -1.65 -9.98 3.38
H61 A2M B 3 1.89 -10.49 -2.29
H62 A2M B 3 3.26 -10.16 -3.36
H2 A2M B 3 6.80 -9.42 -0.73
P A2M B 4 2.69 -5.59 4.63
OP1 A2M B 4 2.76 -4.59 5.72
O5' A2M B 4 3.77 -5.20 3.52
C5' A2M B 4 5.15 -5.39 3.76
C4' A2M B 4 5.95 -5.17 2.49
O4' A2M B 4 5.74 -6.29 1.57
C3' A2M B 4 5.58 -3.96 1.67
O3' A2M B 4 6.12 -2.75 2.18
C2' A2M B 4 6.12 -4.32 0.29
O2' A2M B 4 7.53 -4.17 0.22
C1' A2M B 4 5.79 -5.81 0.24
CM' A2M B 4 7.94 -4.18 -1.15
N9 A2M B 4 4.50 -6.04 -0.41
C8 A2M B 4 3.31 -6.42 0.14
N7 A2M B 4 2.33 -6.50 -0.71
C5 A2M B 4 2.92 -6.17 -1.93
C6 A2M B 4 2.41 -6.06 -3.23
N6 A2M B 4 1.13 -6.29 -3.55
N1 A2M B 4 3.26 -5.72 -4.22
C2 A2M B 4 4.55 -5.48 -3.90
N3 A2M B 4 5.14 -5.54 -2.70
C4 A2M B 4 4.26 -5.89 -1.76
H5' A2M B 4 5.34 -6.40 4.13
H5'' A2M B 4 5.50 -4.67 4.51
H4' A2M B 4 6.99 -5.05 2.78
H3' A2M B 4 4.50 -3.81 1.64
H2' A2M B 4 5.59 -3.77 -0.50
H1' A2M B 4 6.55 -6.40 -0.28
HM'1 A2M B 4 9.00 -3.95 -1.22
HM'2 A2M B 4 7.37 -3.44 -1.70
HM'3 A2M B 4 7.76 -5.17 -1.56
H8 A2M B 4 3.19 -6.62 1.21
OP2 A2M B 4 1.40 -5.86 3.94
H61 A2M B 4 0.49 -6.54 -2.82
H62 A2M B 4 0.81 -6.18 -4.51
H2 A2M B 4 5.19 -5.18 -4.72
P A2M B 5 5.24 -1.40 2.13
OP1 A2M B 5 5.93 -0.39 2.96
O5' A2M B 5 5.32 -0.95 0.60
C5' A2M B 5 6.52 -1.10 -0.14
C4' A2M B 5 6.28 -0.90 -1.61
O4' A2M B 5 5.57 -2.05 -2.17
C3' A2M B 5 5.37 0.27 -1.99
O3' A2M B 5 6.06 1.53 -1.93
C2' A2M B 5 4.91 -0.11 -3.38
O2' A2M B 5 5.92 0.11 -4.35
C1' A2M B 5 4.71 -1.62 -3.20
CM' A2M B 5 5.34 0.06 -5.65
N9 A2M B 5 3.33 -1.92 -2.84
C8 A2M B 5 2.83 -2.28 -1.61
N7 A2M B 5 1.53 -2.43 -1.59
C5 A2M B 5 1.14 -2.16 -2.89
C6 A2M B 5 -0.12 -2.14 -3.53
N6 A2M B 5 -1.27 -2.39 -2.91
N1 A2M B 5 -0.14 -1.83 -4.84
C2 A2M B 5 1.01 -1.56 -5.46
N3 A2M B 5 2.24 -1.54 -4.98
C4 A2M B 5 2.24 -1.86 -3.67
H5' A2M B 5 6.93 -2.09 0.03
H5'' A2M B 5 7.26 -0.36 0.20
H4' A2M B 5 7.24 -0.71 -2.08
H3' A2M B 5 4.54 0.37 -1.28
H2' A2M B 5 3.97 0.39 -3.62
H1' A2M B 5 4.96 -2.19 -4.10
HM'1 A2M B 5 4.49 0.74 -5.70
HM'2 A2M B 5 5.00 -0.96 -5.87
HM'3 A2M B 5 6.08 0.36 -6.38
H8 A2M B 5 3.46 -2.43 -0.73
OP2 A2M B 5 3.82 -1.75 2.42
H61 A2M B 5 -1.25 -2.62 -1.92
H62 A2M B 5 -2.15 -2.35 -3.40
H2 A2M B 5 0.93 -1.30 -6.52
P A2M B 7 2.66 6.91 -4.33
OP1 A2M B 7 3.44 8.01 -4.93
O5' A2M B 7 1.12 7.15 -4.63
C5' A2M B 7 0.58 6.93 -5.93
C4' A2M B 7 -0.94 6.96 -5.90
O4' A2M B 7 -1.44 5.75 -5.29
C3' A2M B 7 -1.56 8.08 -5.07
O3' A2M B 7 -1.56 9.32 -5.75
C2' A2M B 7 -2.95 7.52 -4.79
O2' A2M B 7 -3.79 7.64 -5.94
C1' A2M B 7 -2.64 6.05 -4.57
CM' A2M B 7 -5.15 7.44 -5.53
N9 A2M B 7 -2.42 5.76 -3.16
C8 A2M B 7 -1.23 5.58 -2.49
N7 A2M B 7 -1.36 5.38 -1.21
C5 A2M B 7 -2.73 5.44 -1.00
C6 A2M B 7 -3.53 5.34 0.16
N6 A2M B 7 -3.04 5.14 1.38
N1 A2M B 7 -4.86 5.43 0.01
C2 A2M B 7 -5.37 5.63 -1.21
N3 A2M B 7 -4.72 5.76 -2.37
C4 A2M B 7 -3.39 5.66 -2.19
H5' A2M B 7 0.90 5.96 -6.30
H5'' A2M B 7 0.94 7.70 -6.62
H4' A2M B 7 -1.27 7.11 -6.93
H3' A2M B 7 -1.00 8.24 -4.15
H2' A2M B 7 -3.38 7.98 -3.90
H1' A2M B 7 -3.41 5.38 -4.94
HM'1 A2M B 7 -5.28 6.40 -5.24
HM'2 A2M B 7 -5.80 7.66 -6.37
HM'3 A2M B 7 -5.38 8.09 -4.70
H8 A2M B 7 -0.27 5.59 -2.99
OP2 A2M B 7 2.79 6.61 -2.88
H61 A2M B 7 -2.03 5.08 1.50
H62 A2M B 7 -3.65 5.10 2.18
H2 A2M B 7 -6.45 5.70 -1.27
P A2M B 8 -1.29 10.67 -4.91
OP1 A2M B 8 -1.13 11.77 -5.88
O5' A2M B 8 -2.65 10.90 -4.11
C5' A2M B 8 -3.92 10.77 -4.77
C4' A2M B 8 -5.02 10.59 -3.77
O4' A2M B 8 -4.86 9.33 -3.07
C3' A2M B 8 -5.10 11.62 -2.65
O3' A2M B 8 -5.70 12.84 -3.04
C2' A2M B 8 -5.89 10.87 -1.58
O2' A2M B 8 -7.28 10.84 -1.89
C1' A2M B 8 -5.34 9.45 -1.73
CM' A2M B 8 -8.02 10.50 -0.72
N9 A2M B 8 -4.22 9.23 -0.81
C8 A2M B 8 -2.88 9.15 -1.07
N7 A2M B 8 -2.14 9.00 0.00
C5 A2M B 8 -3.06 8.96 1.04
C6 A2M B 8 -2.91 8.82 2.44
N6 A2M B 8 -1.74 8.72 3.05
N1 A2M B 8 -4.04 8.81 3.18
C2 A2M B 8 -5.22 8.94 2.57
N3 A2M B 8 -5.48 9.08 1.27
C4 A2M B 8 -4.35 9.09 0.55
H5' A2M B 8 -3.89 9.91 -5.44
H5'' A2M B 8 -4.11 11.68 -5.35
H4' A2M B 8 -5.97 10.67 -4.30
H3' A2M B 8 -4.10 11.88 -2.29
H2' A2M B 8 -5.69 11.28 -0.59
H1' A2M B 8 -6.08 8.69 -1.57
HM'1 A2M B 8 -9.08 10.62 -0.92
HM'2 A2M B 8 -7.73 11.17 0.10
HM'3 A2M B 8 -7.81 9.47 -0.44
H8 A2M B 8 -2.47 9.22 -2.07
OP2 A2M B 8 -0.21 10.40 -3.92
H61 A2M B 8 -0.90 8.73 2.49
H62 A2M B 8 -1.70 8.67 4.06
H2 A2M B 8 -6.09 8.92 3.22
P A2M B 9 -5.15 14.23 -2.44
OP1 A2M B 9 -5.73 15.32 -3.28
O5' A2M B 9 -5.82 14.31 -0.99
C5' A2M B 9 -7.20 14.00 -0.80
C4' A2M B 9 -7.47 13.73 0.67
O4' A2M B 9 -6.61 12.65 1.12
C3' A2M B 9 -7.14 14.88 1.61
O3' A2M B 9 -8.19 15.85 1.68
C2' A2M B 9 -6.92 14.15 2.94
O2' A2M B 9 -8.16 13.80 3.55
C1' A2M B 9 -6.24 12.87 2.47
CM' A2M B 9 -8.45 14.74 4.59
N9 A2M B 9 -4.78 12.94 2.54
C8 A2M B 9 -3.89 13.11 1.51
N7 A2M B 9 -2.63 13.12 1.89
C5 A2M B 9 -2.71 12.95 3.27
C6 A2M B 9 -1.71 12.87 4.27
N6 A2M B 9 -0.41 12.96 4.02
N1 A2M B 9 -2.11 12.68 5.54
C2 A2M B 9 -3.42 12.59 5.79
N3 A2M B 9 -4.45 12.64 4.94
C4 A2M B 9 -4.01 12.83 3.68
H5' A2M B 9 -7.45 13.10 -1.37
H5'' A2M B 9 -7.82 14.83 -1.13
H4' A2M B 9 -8.53 13.53 0.78
H3' A2M B 9 -6.25 15.42 1.29
HO3' A2M B 9 -8.71 15.76 0.89
H2' A2M B 9 -6.28 14.74 3.60
H1' A2M B 9 -6.56 12.00 3.04
HM'1 A2M B 9 -8.48 15.74 4.16
HM'2 A2M B 9 -7.68 14.69 5.35
HM'3 A2M B 9 -9.41 14.49 5.03
H8 A2M B 9 -4.20 13.24 0.48
OP2 A2M B 9 -3.68 14.13 -2.27
H61 A2M B 9 -0.09 13.10 3.07
H62 A2M B 9 0.27 12.91 4.77
H2 A2M B 9 -3.69 12.44 6.83
O5' A2M A 2 4.58 -13.85 -5.22
C5' A2M A 2 4.73 -13.23 -6.50
C4' A2M A 2 3.39 -13.08 -7.17
O4' A2M A 2 2.57 -14.24 -6.87
C3' A2M A 2 2.56 -11.89 -6.71
O3' A2M A 2 2.88 -10.69 -7.39
C2' A2M A 2 1.13 -12.36 -6.98
O2' A2M A 2 0.81 -12.27 -8.36
C1' A2M A 2 1.24 -13.83 -6.59
CM' A2M A 2 -0.59 -12.48 -8.54
N9 A2M A 2 0.96 -14.07 -5.19
C8 A2M A 2 1.85 -14.15 -4.15
N7 A2M A 2 1.29 -14.33 -2.97
C5 A2M A 2 -0.07 -14.37 -3.26
C6 A2M A 2 -1.20 -14.53 -2.44
N6 A2M A 2 -1.15 -14.68 -1.12
N1 A2M A 2 -2.41 -14.52 -3.05
C2 A2M A 2 -2.47 -14.36 -4.38
N3 A2M A 2 -1.48 -14.20 -5.24
C4 A2M A 2 -0.29 -14.21 -4.61
H5' A2M A 2 5.38 -13.84 -7.12
H5'' A2M A 2 5.18 -12.24 -6.37
H4' A2M A 2 3.57 -12.93 -8.23
H3' A2M A 2 2.72 -11.68 -5.65
H2' A2M A 2 0.42 -11.83 -6.35
H1' A2M A 2 0.58 -14.47 -7.19
HM'1 A2M A 2 -0.89 -12.11 -9.52
HM'2 A2M A 2 -0.80 -13.54 -8.47
HM'3 A2M A 2 -1.13 -11.94 -7.77
H8 A2M A 2 2.92 -14.07 -4.29
H61 A2M A 2 -0.25 -14.68 -0.66
H62 A2M A 2 -2.00 -14.79 -0.59
H2 A2M A 2 -3.47 -14.36 -4.80
P A2M A 3 2.64 -9.27 -6.68
OP1 A2M A 3 3.03 -8.21 -7.65
O5' A2M A 3 1.06 -9.20 -6.46
C5' A2M A 3 0.17 -9.17 -7.58
C4' A2M A 3 -1.26 -9.37 -7.13
O4' A2M A 3 -1.36 -10.57 -6.31
C3' A2M A 3 -1.82 -8.28 -6.22
O3' A2M A 3 -2.24 -7.13 -6.94
C2' A2M A 3 -2.97 -9.00 -5.53
O2' A2M A 3 -4.09 -9.15 -6.39
C1' A2M A 3 -2.34 -10.38 -5.31
CM' A2M A 3 -5.22 -9.53 -5.62
N9 A2M A 3 -1.71 -10.47 -4.00
C8 A2M A 3 -0.37 -10.45 -3.69
N7 A2M A 3 -0.13 -10.50 -2.40
C5 A2M A 3 -1.39 -10.56 -1.83
C6 A2M A 3 -1.82 -10.63 -0.49
N6 A2M A 3 -0.99 -10.63 0.56
N1 A2M A 3 -3.15 -10.69 -0.25
C2 A2M A 3 -3.98 -10.68 -1.31
N3 A2M A 3 -3.70 -10.61 -2.60
C4 A2M A 3 -2.37 -10.56 -2.80
H5' A2M A 3 0.44 -9.96 -8.28
H5'' A2M A 3 0.25 -8.20 -8.08
H4' A2M A 3 -1.88 -9.39 -8.01
H3' A2M A 3 -1.08 -7.93 -5.51
H2' A2M A 3 -3.22 -8.51 -4.59
H1' A2M A 3 -3.06 -11.19 -5.40
HM'1 A2M A 3 -5.34 -8.85 -4.77
HM'2 A2M A 3 -6.12 -9.49 -6.25
HM'3 A2M A 3 -5.09 -10.55 -5.26
H8 A2M A 3 0.40 -10.39 -4.43
OP2 A2M A 3 3.29 -9.31 -5.34
H61 A2M A 3 0.01 -10.57 0.42
H62 A2M A 3 -1.38 -10.64 1.50
H2 A2M A 3 -5.04 -10.73 -1.06
P A2M A 4 -2.09 -5.67 -6.28
OP1 A2M A 4 -2.52 -4.67 -7.29
O5' A2M A 4 -3.16 -5.67 -5.09
C5' A2M A 4 -4.50 -6.07 -5.33
C4' A2M A 4 -5.27 -6.17 -4.02
O4' A2M A 4 -4.74 -7.28 -3.23
C3' A2M A 4 -5.15 -4.98 -3.08
O3' A2M A 4 -6.01 -3.90 -3.45
C2' A2M A 4 -5.50 -5.58 -1.72
O2' A2M A 4 -6.90 -5.69 -1.48
C1' A2M A 4 -4.84 -6.94 -1.84
CM' A2M A 4 -7.51 -6.59 -2.42
N9 A2M A 4 -3.50 -6.91 -1.25
C8 A2M A 4 -2.29 -6.85 -1.89
N7 A2M A 4 -1.27 -6.76 -1.06
C5 A2M A 4 -1.85 -6.79 0.20
C6 A2M A 4 -1.32 -6.71 1.49
N6 A2M A 4 -0.02 -6.59 1.76
N1 A2M A 4 -2.18 -6.79 2.53
C2 A2M A 4 -3.49 -6.89 2.27
N3 A2M A 4 -4.11 -6.96 1.10
C4 A2M A 4 -3.22 -6.90 0.10
H5' A2M A 4 -4.52 -7.04 -5.83
H5'' A2M A 4 -5.00 -5.34 -5.96
H4' A2M A 4 -6.31 -6.28 -4.27
H3' A2M A 4 -4.15 -4.56 -3.10
H2' A2M A 4 -5.01 -4.99 -0.94
H1' A2M A 4 -5.41 -7.74 -1.35
HM'1 A2M A 4 -7.81 -6.03 -3.31
HM'2 A2M A 4 -6.81 -7.37 -2.70
HM'3 A2M A 4 -8.40 -7.04 -1.96
H8 A2M A 4 -2.18 -6.86 -2.96
OP2 A2M A 4 -0.73 -5.58 -5.68
H61 A2M A 4 0.64 -6.53 0.99
H62 A2M A 4 0.30 -6.50 2.71
H2 A2M A 4 -4.14 -6.94 3.16
P A2M A 5 -5.56 -2.40 -3.12
OP1 A2M A 5 -6.59 -1.49 -3.69
O5' A2M A 5 -5.64 -2.31 -1.53
C5' A2M A 5 -6.81 -2.74 -0.83
C4' A2M A 5 -6.58 -2.71 0.66
O4' A2M A 5 -5.60 -3.73 1.04
C3' A2M A 5 -5.98 -1.44 1.24
O3' A2M A 5 -6.95 -0.40 1.41
C2' A2M A 5 -5.40 -1.91 2.55
O2' A2M A 5 -6.39 -2.11 3.54
C1' A2M A 5 -4.84 -3.28 2.14
CM' A2M A 5 -5.79 -2.05 4.84
N9 A2M A 5 -3.43 -3.18 1.74
C8 A2M A 5 -2.90 -3.17 0.48
N7 A2M A 5 -1.60 -3.02 0.46
C5 A2M A 5 -1.25 -2.93 1.80
C6 A2M A 5 -0.02 -2.76 2.45
N6 A2M A 5 1.15 -2.62 1.81
N1 A2M A 5 -0.02 -2.73 3.80
C2 A2M A 5 -1.19 -2.85 4.45
N3 A2M A 5 -2.41 -3.01 3.94
C4 A2M A 5 -2.37 -3.04 2.60
H5' A2M A 5 -7.07 -3.75 -1.14
H5'' A2M A 5 -7.64 -2.06 -1.07
H4' A2M A 5 -7.54 -2.85 1.14
H3' A2M A 5 -5.22 -1.02 0.57
H2' A2M A 5 -4.60 -1.24 2.89
H1' A2M A 5 -4.92 -4.02 2.92
HM'1 A2M A 5 -5.09 -2.88 4.94
HM'2 A2M A 5 -6.57 -2.12 5.59
HM'3 A2M A 5 -5.26 -1.10 4.94
H8 A2M A 5 -3.51 -3.27 -0.41
OP2 A2M A 5 -4.13 -2.24 -3.51
H61 A2M A 5 1.15 -2.64 0.81
H62 A2M A 5 2.00 -2.48 2.34
H2 A2M A 5 -1.13 -2.81 5.53
P A2M A 7 -4.31 5.30 5.42
OP1 A2M A 7 -5.12 6.11 6.37
O5' A2M A 7 -2.77 5.50 5.77
C5' A2M A 7 -2.26 5.13 7.07
C4' A2M A 7 -0.75 5.21 7.08
O4' A2M A 7 -0.20 4.17 6.22
C3' A2M A 7 -0.13 6.49 6.55
O3' A2M A 7 -0.15 7.56 7.49
C2' A2M A 7 1.28 6.04 6.20
O2' A2M A 7 2.09 5.89 7.36
C1' A2M A 7 1.00 4.65 5.62
CM' A2M A 7 3.45 5.78 6.96
N9 A2M A 7 0.82 4.73 4.17
C8 A2M A 7 -0.35 4.70 3.46
N7 A2M A 7 -0.18 4.85 2.17
C5 A2M A 7 1.19 4.98 2.02
C6 A2M A 7 2.01 5.17 0.89
N6 A2M A 7 1.56 5.30 -0.35
N1 A2M A 7 3.35 5.24 1.10
C2 A2M A 7 3.82 5.13 2.34
N3 A2M A 7 3.15 4.95 3.48
C4 A2M A 7 1.82 4.89 3.24
H5' A2M A 7 -2.58 4.12 7.30
H5'' A2M A 7 -2.65 5.82 7.82
H4' A2M A 7 -0.43 5.11 8.12
H3' A2M A 7 -0.67 6.85 5.68
H2' A2M A 7 1.73 6.71 5.45
H1' A2M A 7 1.79 3.93 5.84
HM'1 A2M A 7 3.70 6.58 6.26
HM'2 A2M A 7 3.62 4.80 6.49
HM'3 A2M A 7 4.09 5.87 7.85
H8 A2M A 7 -1.32 4.57 3.91
OP2 A2M A 7 -4.48 5.49 3.96
H61 A2M A 7 0.56 5.27 -0.50
H62 A2M A 7 2.19 5.48 -1.12
H2 A2M A 7 4.90 5.20 2.45
P A2M A 8 -0.28 9.07 6.96
OP1 A2M A 8 -0.37 9.96 8.14
O5' A2M A 8 1.11 9.35 6.23
C5' A2M A 8 2.34 9.12 6.91
C4' A2M A 8 3.51 9.25 5.95
O4' A2M A 8 3.41 8.23 4.91
C3' A2M A 8 3.60 10.55 5.17
O3' A2M A 8 4.16 11.61 5.94
C2' A2M A 8 4.47 10.16 3.99
O2' A2M A 8 5.84 10.07 4.35
C1' A2M A 8 3.94 8.74 3.70
CM' A2M A 8 6.64 10.03 3.17
N9 A2M A 8 2.90 8.77 2.68
C8 A2M A 8 1.54 8.64 2.86
N7 A2M A 8 0.85 8.76 1.75
C5 A2M A 8 1.81 8.96 0.77
C6 A2M A 8 1.73 9.17 -0.61
N6 A2M A 8 0.58 9.21 -1.30
N1 A2M A 8 2.89 9.33 -1.30
C2 A2M A 8 4.05 9.30 -0.62
N3 A2M A 8 4.25 9.12 0.69
C4 A2M A 8 3.08 8.96 1.34
H5' A2M A 8 2.35 8.12 7.34
H5'' A2M A 8 2.46 9.85 7.70
H4' A2M A 8 4.42 9.17 6.54
H3' A2M A 8 2.62 10.89 4.87
H2' A2M A 8 4.30 10.83 3.14
H1' A2M A 8 4.73 8.06 3.37
HM'1 A2M A 8 6.29 10.79 2.46
HM'2 A2M A 8 7.67 10.23 3.43
HM'3 A2M A 8 6.56 9.04 2.71
H8 A2M A 8 1.09 8.47 3.83
OP2 A2M A 8 -1.35 9.11 5.92
H61 A2M A 8 -0.29 9.10 -0.81
H62 A2M A 8 0.60 9.39 -2.30
H2 A2M A 8 4.94 9.43 -1.22
P A2M A 9 3.67 13.11 5.70
OP1 A2M A 9 4.25 13.96 6.77
O5' A2M A 9 4.34 13.53 4.31
C5' A2M A 9 5.72 13.31 4.07
C4' A2M A 9 6.03 13.40 2.59
O4' A2M A 9 5.17 12.49 1.87
C3' A2M A 9 5.76 14.76 1.96
O3' A2M A 9 6.84 15.67 2.13
C2' A2M A 9 5.55 14.39 0.49
O2' A2M A 9 6.78 14.20 -0.17
C1' A2M A 9 4.83 13.05 0.62
CM' A2M A 9 6.69 14.68 -1.51
N9 A2M A 9 3.37 13.15 0.53
C8 A2M A 9 2.47 13.10 1.56
N7 A2M A 9 1.22 13.22 1.17
C5 A2M A 9 1.30 13.36 -0.21
C6 A2M A 9 0.34 13.53 -1.22
N6 A2M A 9 -0.98 13.59 -0.98
N1 A2M A 9 0.76 13.65 -2.49
C2 A2M A 9 2.08 13.59 -2.74
N3 A2M A 9 3.09 13.44 -1.88
C4 A2M A 9 2.63 13.33 -0.62
H5' A2M A 9 6.01 12.33 4.44
H5'' A2M A 9 6.31 14.07 4.60
H4' A2M A 9 7.09 13.20 2.46
H3' A2M A 9 4.88 15.24 2.40
HO3' A2M A 9 7.42 15.56 1.37
H2' A2M A 9 4.92 15.14 0.00
H1' A2M A 9 5.16 12.34 -0.15
HM'1 A2M A 9 5.86 14.19 -2.01
HM'2 A2M A 9 6.50 15.76 -1.49
HM'3 A2M A 9 7.62 14.47 -2.04
H8 A2M A 9 2.76 12.97 2.59
OP2 A2M A 9 2.18 13.10 5.50
H61 A2M A 9 -1.30 13.49 -0.02
H62 A2M A 9 -1.64 13.70 -1.73
H2 A2M A 9 2.37 13.70 -3.78
O5' A2M B 2 -2.08 -13.93 2.78
C5' A2M B 2 -2.20 -14.40 4.13
C4' A2M B 2 -0.93 -14.12 4.91
O4' A2M B 2 0.07 -15.11 4.53
C3' A2M B 2 -0.28 -12.77 4.64
O3' A2M B 2 -0.81 -11.74 5.45
C2' A2M B 2 1.19 -13.05 4.91
O2' A2M B 2 1.46 -13.08 6.31
C1' A2M B 2 1.32 -14.47 4.35
CM' A2M B 2 2.87 -13.04 6.51
N9 A2M B 2 1.65 -14.47 2.93
C8 A2M B 2 0.78 -14.62 1.88
N7 A2M B 2 1.36 -14.54 0.70
C5 A2M B 2 2.69 -14.34 1.00
C6 A2M B 2 3.84 -14.17 0.19
N6 A2M B 2 3.80 -14.18 -1.15
N1 A2M B 2 5.02 -14.00 0.80
C2 A2M B 2 5.06 -13.98 2.14
N3 A2M B 2 4.06 -14.11 3.00
C4 A2M B 2 2.89 -14.30 2.37
H5' A2M B 2 -2.39 -15.47 4.12
H5'' A2M B 2 -3.03 -13.89 4.62
H4' A2M B 2 -1.18 -14.15 5.97
H3' A2M B 2 -0.45 -12.46 3.60
H2' A2M B 2 1.83 -12.34 4.37
H1' A2M B 2 2.07 -15.06 4.87
HM'1 A2M B 2 3.30 -12.24 5.90
HM'2 A2M B 2 3.31 -13.99 6.24
HM'3 A2M B 2 3.07 -12.82 7.57
H8 A2M B 2 -0.27 -14.78 2.00
H61 A2M B 2 2.91 -14.31 -1.62
H62 A2M B 2 4.64 -14.06 -1.68
H2 A2M B 2 6.04 -13.82 2.58
P A2M B 3 -0.91 -10.24 4.86
OP1 A2M B 3 -1.54 -9.40 5.92
O5' A2M B 3 0.61 -9.79 4.71
C5' A2M B 3 1.51 -9.87 5.81
C4' A2M B 3 2.94 -9.69 5.34
O4' A2M B 3 3.29 -10.73 4.39
C3' A2M B 3 3.23 -8.41 4.58
O3' A2M B 3 3.40 -7.27 5.43
C2' A2M B 3 4.50 -8.77 3.81
O2' A2M B 3 5.63 -8.77 4.66
C1' A2M B 3 4.18 -10.21 3.42
CM' A2M B 3 6.82 -8.77 3.85
N9 A2M B 3 3.55 -10.27 2.10
C8 A2M B 3 2.24 -10.54 1.79
N7 A2M B 3 1.98 -10.48 0.51
C5 A2M B 3 3.21 -10.15 -0.07
C6 A2M B 3 3.61 -9.94 -1.40
N6 A2M B 3 2.78 -10.00 -2.44
N1 A2M B 3 4.91 -9.63 -1.62
C2 A2M B 3 5.73 -9.55 -0.58
N3 A2M B 3 5.48 -9.74 0.72
C4 A2M B 3 4.18 -10.03 0.90
H5' A2M B 3 1.42 -10.85 6.28
H5'' A2M B 3 1.28 -9.09 6.53
H4' A2M B 3 3.57 -9.68 6.23
H3' A2M B 3 2.41 -8.15 3.91
H2' A2M B 3 4.61 -8.13 2.93
H1' A2M B 3 5.07 -10.85 3.41
HM'1 A2M B 3 6.87 -9.71 3.30
HM'2 A2M B 3 7.69 -8.68 4.50
HM'3 A2M B 3 6.78 -7.93 3.16
H8 A2M B 3 1.50 -10.78 2.53
OP2 A2M B 3 -1.53 -10.31 3.51
H61 A2M B 3 1.80 -10.21 -2.29
H62 A2M B 3 3.13 -9.81 -3.37
H2 A2M B 3 6.77 -9.30 -0.81
P A2M B 4 2.84 -5.84 4.95
OP1 A2M B 4 2.99 -4.91 6.10
O5' A2M B 4 3.85 -5.39 3.81
C5' A2M B 4 5.26 -5.54 3.99
C4' A2M B 4 5.99 -5.27 2.69
O4' A2M B 4 5.73 -6.33 1.74
C3' A2M B 4 5.58 -4.00 1.94
O3' A2M B 4 6.14 -2.82 2.49
C2' A2M B 4 6.06 -4.31 0.53
O2' A2M B 4 7.46 -4.14 0.41
C1' A2M B 4 5.73 -5.80 0.43
CM' A2M B 4 7.81 -4.14 -0.98
N9 A2M B 4 4.41 -5.99 -0.18
C8 A2M B 4 3.23 -6.32 0.43
N7 A2M B 4 2.21 -6.36 -0.39
C5 A2M B 4 2.76 -6.04 -1.63
C6 A2M B 4 2.20 -5.91 -2.91
N6 A2M B 4 0.91 -6.08 -3.17
N1 A2M B 4 3.04 -5.59 -3.93
C2 A2M B 4 4.34 -5.42 -3.66
N3 A2M B 4 4.97 -5.50 -2.49
C4 A2M B 4 4.12 -5.82 -1.51
H5' A2M B 4 5.49 -6.55 4.32
H5'' A2M B 4 5.61 -4.84 4.75
H4' A2M B 4 7.05 -5.14 2.94
H3' A2M B 4 4.49 -3.87 1.98
H2' A2M B 4 5.49 -3.72 -0.20
H1' A2M B 4 6.46 -6.35 -0.16
HM'1 A2M B 4 7.73 -5.16 -1.37
HM'2 A2M B 4 8.84 -3.80 -1.09
HM'3 A2M B 4 7.14 -3.47 -1.52
H8 A2M B 4 3.15 -6.52 1.49
OP2 A2M B 4 1.50 -6.04 4.33
H61 A2M B 4 0.27 -6.31 -2.43
H62 A2M B 4 0.57 -5.94 -4.12
H2 A2M B 4 4.95 -5.15 -4.51
P A2M B 5 5.29 -1.45 2.43
OP1 A2M B 5 6.04 -0.44 3.21
O5' A2M B 5 5.34 -1.04 0.91
C5' A2M B 5 6.55 -1.12 0.15
C4' A2M B 5 6.28 -0.90 -1.32
O4' A2M B 5 5.60 -2.07 -1.87
C3' A2M B 5 5.37 0.25 -1.67
O3' A2M B 5 6.04 1.51 -1.64
C2' A2M B 5 4.89 -0.13 -3.07
O2' A2M B 5 5.88 0.10 -4.05
C1' A2M B 5 4.71 -1.64 -2.90
CM' A2M B 5 5.31 -0.02 -5.35
N9 A2M B 5 3.34 -1.97 -2.53
C8 A2M B 5 2.85 -2.32 -1.28
N7 A2M B 5 1.55 -2.49 -1.26
C5 A2M B 5 1.16 -2.25 -2.57
C6 A2M B 5 -0.09 -2.26 -3.21
N6 A2M B 5 -1.24 -2.52 -2.58
N1 A2M B 5 -0.14 -1.96 -4.53
C2 A2M B 5 1.01 -1.67 -5.15
N3 A2M B 5 2.24 -1.63 -4.67
C4 A2M B 5 2.26 -1.93 -3.36
H5' A2M B 5 7.00 -2.10 0.30
H5'' A2M B 5 7.25 -0.36 0.50
H4' A2M B 5 7.25 -0.71 -1.80
H3' A2M B 5 4.55 0.34 -0.96
H2' A2M B 5 3.95 0.37 -3.30
H1' A2M B 5 4.96 -2.20 -3.80
HM'1 A2M B 5 4.38 0.55 -5.38
HM'2 A2M B 5 5.09 -1.07 -5.56
HM'3 A2M B 5 6.00 0.37 -6.09
H8 A2M B 5 3.48 -2.44 -0.42
OP2 A2M B 5 3.88 -1.76 2.79
H61 A2M B 5 -1.21 -2.73 -1.60
H62 A2M B 5 -2.13 -2.51 -3.08
H2 A2M B 5 0.92 -1.44 -6.22
P A2M B 7 2.69 6.81 -4.26
OP1 A2M B 7 3.50 7.92 -4.83
O5' A2M B 7 1.16 7.06 -4.61
C5' A2M B 7 0.68 6.82 -5.94
C4' A2M B 7 -0.84 6.85 -5.96
O4' A2M B 7 -1.36 5.64 -5.34
C3' A2M B 7 -1.48 7.97 -5.15
O3' A2M B 7 -1.47 9.21 -5.85
C2' A2M B 7 -2.89 7.42 -4.92
O2' A2M B 7 -3.68 7.52 -6.08
C1' A2M B 7 -2.57 5.94 -4.66
CM' A2M B 7 -5.06 7.35 -5.72
N9 A2M B 7 -2.40 5.67 -3.24
C8 A2M B 7 -1.23 5.46 -2.55
N7 A2M B 7 -1.40 5.29 -1.26
C5 A2M B 7 -2.78 5.38 -1.10
C6 A2M B 7 -3.61 5.30 0.05
N6 A2M B 7 -3.15 5.10 1.28
N1 A2M B 7 -4.94 5.44 -0.14
C2 A2M B 7 -5.40 5.66 -1.38
N3 A2M B 7 -4.72 5.76 -2.52
C4 A2M B 7 -3.41 5.61 -2.31
H5' A2M B 7 1.03 5.84 -6.28
H5'' A2M B 7 1.05 7.59 -6.62
H4' A2M B 7 -1.14 6.98 -6.99
H3' A2M B 7 -0.95 8.15 -4.22
H2' A2M B 7 -3.34 7.88 -4.04
H1' A2M B 7 -3.34 5.27 -5.05
HM'1 A2M B 7 -5.21 6.33 -5.36
HM'2 A2M B 7 -5.68 7.54 -6.59
HM'3 A2M B 7 -5.32 8.06 -4.93
H8 A2M B 7 -0.27 5.43 -3.03
OP2 A2M B 7 2.79 6.51 -2.80
H61 A2M B 7 -2.15 5.01 1.43
H62 A2M B 7 -3.79 5.07 2.06
H2 A2M B 7 -6.48 5.77 -1.47
P A2M B 8 -1.19 10.57 -5.03
OP1 A2M B 8 -0.97 11.64 -6.03
O5' A2M B 8 -2.56 10.85 -4.29
C5' A2M B 8 -3.80 10.67 -4.97
C4' A2M B 8 -4.94 10.57 -3.97
O4' A2M B 8 -4.84 9.31 -3.24
C3' A2M B 8 -4.98 11.62 -2.88
O3' A2M B 8 -5.54 12.85 -3.32
C2' A2M B 8 -5.82 10.94 -1.81
O2' A2M B 8 -7.21 10.96 -2.14
C1' A2M B 8 -5.32 9.50 -1.92
CM' A2M B 8 -7.97 10.64 -0.99
N9 A2M B 8 -4.23 9.24 -0.98
C8 A2M B 8 -2.89 9.14 -1.22
N7 A2M B 8 -2.17 8.97 -0.13
C5 A2M B 8 -3.11 8.96 0.89
C6 A2M B 8 -2.99 8.83 2.28
N6 A2M B 8 -1.82 8.71 2.92
N1 A2M B 8 -4.12 8.85 3.02
C2 A2M B 8 -5.29 9.01 2.38
N3 A2M B 8 -5.53 9.15 1.08
C4 A2M B 8 -4.38 9.12 0.39
H5' A2M B 8 -3.77 9.77 -5.57
H5'' A2M B 8 -3.99 11.53 -5.62
H4' A2M B 8 -5.87 10.66 -4.54
H3' A2M B 8 -3.98 11.86 -2.52
H2' A2M B 8 -5.62 11.36 -0.82
H1' A2M B 8 -6.10 8.76 -1.75
HM'1 A2M B 8 -9.02 10.83 -1.18
HM'2 A2M B 8 -7.63 11.25 -0.14
HM'3 A2M B 8 -7.83 9.58 -0.74
H8 A2M B 8 -2.46 9.18 -2.21
OP2 A2M B 8 -0.15 10.30 -4.01
H61 A2M B 8 -0.98 8.69 2.38
H62 A2M B 8 -1.80 8.65 3.93
H2 A2M B 8 -6.17 9.03 3.02
P A2M B 9 -4.97 14.24 -2.73
OP1 A2M B 9 -5.50 15.34 -3.58
O5' A2M B 9 -5.65 14.35 -1.29
C5' A2M B 9 -7.04 14.06 -1.10
C4' A2M B 9 -7.32 13.81 0.35
O4' A2M B 9 -6.48 12.74 0.84
C3' A2M B 9 -7.03 14.97 1.29
O3' A2M B 9 -8.10 15.92 1.35
C2' A2M B 9 -6.81 14.27 2.63
O2' A2M B 9 -8.05 13.94 3.24
C1' A2M B 9 -6.13 12.98 2.19
CM' A2M B 9 -8.30 14.85 4.31
N9 A2M B 9 -4.67 13.03 2.29
C8 A2M B 9 -3.77 13.20 1.27
N7 A2M B 9 -2.52 13.21 1.67
C5 A2M B 9 -2.60 13.03 3.04
C6 A2M B 9 -1.63 12.94 4.05
N6 A2M B 9 -0.32 13.03 3.83
N1 A2M B 9 -2.06 12.77 5.33
C2 A2M B 9 -3.37 12.69 5.55
N3 A2M B 9 -4.39 12.75 4.68
C4 A2M B 9 -3.93 12.92 3.43
H5' A2M B 9 -7.31 13.18 -1.69
H5'' A2M B 9 -7.64 14.91 -1.45
H4' A2M B 9 -8.39 13.60 0.45
H3' A2M B 9 -6.15 15.53 0.96
HO3' A2M B 9 -8.66 15.64 2.08
H2' A2M B 9 -6.17 14.88 3.27
H1' A2M B 9 -6.47 12.12 2.76
HM'1 A2M B 9 -8.28 15.87 3.92
HM'2 A2M B 9 -7.54 14.73 5.07
HM'3 A2M B 9 -9.28 14.65 4.73
H8 A2M B 9 -4.06 13.33 0.23
OP2 A2M B 9 -3.50 14.10 -2.54
H61 A2M B 9 0.02 13.16 2.88
H62 A2M B 9 0.34 12.97 4.59
H2 A2M B 9 -3.66 12.55 6.59
#